data_7N4U
#
_entry.id   7N4U
#
_cell.length_a   1.00
_cell.length_b   1.00
_cell.length_c   1.00
_cell.angle_alpha   90.00
_cell.angle_beta   90.00
_cell.angle_gamma   90.00
#
_symmetry.space_group_name_H-M   'P 1'
#
loop_
_entity.id
_entity.type
_entity.pdbx_description
1 polymer 'Isoform 2 of NPC1-like intracellular cholesterol transporter 1'
2 branched 2-acetamido-2-deoxy-beta-D-glucopyranose-(1-4)-2-acetamido-2-deoxy-beta-D-glucopyranose
3 non-polymer 2-acetamido-2-deoxy-beta-D-glucopyranose
4 non-polymer CHOLESTEROL
5 non-polymer (2R)-2,5,7,8-TETRAMETHYL-2-[(4R,8R)-4,8,12-TRIMETHYLTRIDECYL]CHROMAN-6-OL
6 non-polymer '(2S)-3-(hexadecanoyloxy)-2-[(9Z)-octadec-9-enoyloxy]propyl 2-(trimethylammonio)ethyl phosphate'
#
_entity_poly.entity_id   1
_entity_poly.type   'polypeptide(L)'
_entity_poly.pdbx_seq_one_letter_code
;MAEAGLRGWLLWALLLRLAQSEPYTTIHQPGYCAFYDECGKNPELSGSLMTLSNVSCLSNTPARKITGDHLILLQKICPR
LYTGPNTQACCSAKQLVSLEASLSITKALLTRCPACSDNFVNLHCHNTCSPNQSLFINVTRVAQLGAGQLPAVVAYEAFY
QHSFAEQSYDSCSRVRVPAAATLAVGTMCGVYGSALCNAQRWLNFQGDTGNGLAPLDITFHLLEPGQAVGSGIQPLNEGV
ARCNESQGDDVATCSCQDCAASCPAIARPQALDSTFYLGQMPGSLVLIIILCSVFAVVTILLVGFRVAPARDKSKMVDPK
KGTSLSDKLSFSTHTLLGQFFQGWGTWVASWPLTILVLSVIPVVALAAGLVFTELTTDPVELWSAPNSQARSEKAFHDQH
FGPFFRTNQVILTAPNRSSYRYDSLLLGPKNFSGILDLDLLLELLELQERLRHLQVWSPEAQRNISLQDICYAPLNPDNT
SLYDCCINSLLQYFQNNRTLLLLTANQTLMGQTSQVDWKDHFLYCANAPLTFKDGTALALSCMADYGAPVFPFLAIGGYK
GKDYSEAEALIMTFSLNNYPAGDPRLAQAKLWEEAFLEEMRAFQRRMAGMFQVTFMAERSLEDEINRTTAEDLPIFATSY
IVIFLYISLALGSYSSWSRVMVDSKATLGLGGVAVVLGAVMAAMGFFSYLGIRSSLVILQVVPFLVLSVGADNIFIFVLE
YQRLPRRPGEPREVHIGRALGRVAPSMLLCSLSEAICFFLGALTPMPAVRTFALTSGLAVILDFLLQMSAFVALLSLDSK
RQEASRLDVCCCVKPQELPPPGQGEGLLLGFFQKAYAPFLLHWITRGVVLLLFLALFGVSLYSMCHISVGLDQELALPKD
SYLLDYFLFLNRYFEVGAPVYFVTTLGYNFSSEAGMNAICSSAGCNNFSFTQKIQYATEFPEQSYLAIPASSWVDDFIDW
LTPSSCCRLYISGPNKDKFCPSTVNSLNCLKNCMSITMGSVRPSVEQFHKYLPWFLNDRPNIKCPKGGLAAYSTSVNLTS
DGQVLTSRFMAYHKPLKNSQDYTEALRAARELAANITADLRKVPGTDPAFEVFPYTITNVFYEQYLTILPEGLFMLSLCL
VPTFAVSCLLLGLDLRSGLLNLLSIVMILVDTVGFMALWGISYNAVSLINLVSAVGMSVEFVSHITRSFAISTKPTWLER
AKEATISMGSAVFAGVAMTNLPGILVLGLAKAQLIQIFFFRLNLLITLLGLLHGLVFLPVILSYVGPDVNPALALEQKRA
EEAVAAVMVASCPNHPSRVSTADNIYVNHSFEGSIKGAGAISNFLPNNGRQF
;
_entity_poly.pdbx_strand_id   A,B
#
# COMPACT_ATOMS: atom_id res chain seq x y z
N THR A 333 -44.09 -4.79 7.52
CA THR A 333 -42.70 -4.30 7.22
C THR A 333 -42.66 -3.60 5.84
N HIS A 334 -43.34 -4.14 4.83
CA HIS A 334 -43.48 -3.54 3.47
C HIS A 334 -44.03 -2.11 3.57
N THR A 335 -45.09 -1.91 4.37
CA THR A 335 -45.77 -0.61 4.61
C THR A 335 -44.80 0.37 5.27
N LEU A 336 -44.01 -0.09 6.24
CA LEU A 336 -42.98 0.70 6.96
C LEU A 336 -41.86 1.13 6.00
N LEU A 337 -41.39 0.22 5.13
CA LEU A 337 -40.38 0.53 4.07
C LEU A 337 -40.96 1.60 3.13
N GLY A 338 -42.23 1.47 2.75
CA GLY A 338 -42.96 2.46 1.94
C GLY A 338 -42.96 3.83 2.60
N GLN A 339 -43.40 3.90 3.87
CA GLN A 339 -43.42 5.14 4.69
C GLN A 339 -42.01 5.74 4.78
N PHE A 340 -41.01 4.92 5.13
CA PHE A 340 -39.59 5.34 5.29
C PHE A 340 -39.12 6.08 4.03
N PHE A 341 -39.20 5.41 2.88
CA PHE A 341 -38.71 5.93 1.57
C PHE A 341 -39.62 7.06 1.06
N GLN A 342 -40.91 7.04 1.42
CA GLN A 342 -41.84 8.17 1.12
C GLN A 342 -41.31 9.43 1.80
N GLY A 343 -41.05 9.36 3.11
CA GLY A 343 -40.48 10.44 3.93
C GLY A 343 -39.18 10.98 3.37
N TRP A 344 -38.25 10.07 3.03
CA TRP A 344 -36.95 10.39 2.39
C TRP A 344 -37.21 11.11 1.05
N GLY A 345 -38.07 10.54 0.20
CA GLY A 345 -38.42 11.07 -1.13
C GLY A 345 -38.98 12.48 -1.06
N THR A 346 -40.01 12.68 -0.22
CA THR A 346 -40.70 13.99 -0.05
C THR A 346 -39.73 15.02 0.54
N TRP A 347 -38.73 14.59 1.31
CA TRP A 347 -37.63 15.49 1.78
C TRP A 347 -36.73 15.87 0.61
N VAL A 348 -36.15 14.89 -0.09
CA VAL A 348 -35.13 15.12 -1.16
C VAL A 348 -35.76 16.01 -2.25
N ALA A 349 -36.95 15.66 -2.73
CA ALA A 349 -37.69 16.39 -3.79
C ALA A 349 -37.93 17.85 -3.38
N SER A 350 -37.97 18.16 -2.07
CA SER A 350 -38.11 19.54 -1.53
C SER A 350 -36.78 20.31 -1.59
N TRP A 351 -35.63 19.63 -1.65
CA TRP A 351 -34.28 20.25 -1.69
C TRP A 351 -33.47 19.64 -2.83
N PRO A 352 -33.85 19.87 -4.11
CA PRO A 352 -33.25 19.14 -5.23
C PRO A 352 -31.78 19.51 -5.50
N LEU A 353 -31.49 20.80 -5.70
CA LEU A 353 -30.16 21.31 -6.17
C LEU A 353 -29.07 20.97 -5.15
N THR A 354 -29.31 21.23 -3.87
CA THR A 354 -28.33 21.03 -2.76
C THR A 354 -27.94 19.55 -2.67
N ILE A 355 -28.93 18.65 -2.72
CA ILE A 355 -28.73 17.17 -2.65
C ILE A 355 -28.08 16.69 -3.96
N LEU A 356 -28.45 17.27 -5.11
CA LEU A 356 -27.76 17.00 -6.41
C LEU A 356 -26.25 17.27 -6.25
N VAL A 357 -25.89 18.44 -5.70
CA VAL A 357 -24.47 18.85 -5.46
C VAL A 357 -23.85 17.90 -4.43
N LEU A 358 -24.55 17.65 -3.30
CA LEU A 358 -24.08 16.78 -2.19
C LEU A 358 -23.87 15.33 -2.67
N SER A 359 -24.57 14.91 -3.73
CA SER A 359 -24.47 13.54 -4.34
C SER A 359 -23.43 13.53 -5.48
N VAL A 360 -23.23 14.65 -6.17
CA VAL A 360 -22.23 14.78 -7.29
C VAL A 360 -20.80 14.85 -6.70
N ILE A 361 -20.60 15.53 -5.57
CA ILE A 361 -19.26 15.78 -4.96
C ILE A 361 -18.54 14.46 -4.69
N PRO A 362 -19.12 13.49 -3.92
CA PRO A 362 -18.43 12.23 -3.63
C PRO A 362 -18.18 11.36 -4.87
N VAL A 363 -19.11 11.38 -5.83
CA VAL A 363 -19.02 10.64 -7.14
C VAL A 363 -17.74 11.08 -7.87
N VAL A 364 -17.53 12.40 -8.01
CA VAL A 364 -16.32 12.99 -8.66
C VAL A 364 -15.08 12.67 -7.80
N ALA A 365 -15.20 12.81 -6.47
CA ALA A 365 -14.14 12.53 -5.48
C ALA A 365 -13.66 11.08 -5.60
N LEU A 366 -14.58 10.13 -5.88
CA LEU A 366 -14.23 8.69 -6.07
C LEU A 366 -13.80 8.43 -7.52
N ALA A 367 -14.42 9.09 -8.52
CA ALA A 367 -14.11 8.92 -9.96
C ALA A 367 -12.71 9.45 -10.30
N ALA A 368 -12.18 10.39 -9.49
CA ALA A 368 -10.83 10.98 -9.64
C ALA A 368 -9.72 9.91 -9.52
N GLY A 369 -10.02 8.75 -8.92
CA GLY A 369 -9.05 7.66 -8.70
C GLY A 369 -8.74 6.83 -9.94
N LEU A 370 -9.30 7.15 -11.12
CA LEU A 370 -9.04 6.41 -12.38
C LEU A 370 -7.62 6.64 -12.90
N VAL A 371 -6.90 7.66 -12.41
CA VAL A 371 -5.49 7.95 -12.81
C VAL A 371 -4.54 6.94 -12.16
N PHE A 372 -4.99 6.21 -11.13
CA PHE A 372 -4.21 5.15 -10.41
C PHE A 372 -4.42 3.77 -11.05
N THR A 373 -5.18 3.69 -12.15
CA THR A 373 -5.53 2.40 -12.85
C THR A 373 -4.26 1.72 -13.35
N GLU A 374 -4.10 0.43 -13.04
CA GLU A 374 -3.01 -0.47 -13.51
C GLU A 374 -3.65 -1.75 -14.05
N LEU A 375 -3.40 -2.10 -15.32
CA LEU A 375 -3.97 -3.31 -15.98
C LEU A 375 -2.98 -4.47 -15.87
N THR A 376 -3.44 -5.61 -15.34
CA THR A 376 -2.73 -6.90 -15.33
C THR A 376 -2.94 -7.57 -16.70
N THR A 377 -1.86 -8.05 -17.32
CA THR A 377 -1.85 -8.58 -18.72
C THR A 377 -1.51 -10.09 -18.72
N ASP A 378 -0.59 -10.53 -17.86
CA ASP A 378 -0.09 -11.94 -17.82
C ASP A 378 -1.24 -12.89 -17.45
N PRO A 379 -1.47 -13.97 -18.23
CA PRO A 379 -2.51 -14.95 -17.93
C PRO A 379 -2.30 -15.67 -16.58
N VAL A 380 -1.05 -15.82 -16.12
CA VAL A 380 -0.70 -16.44 -14.80
C VAL A 380 -1.33 -15.61 -13.67
N GLU A 381 -1.34 -14.28 -13.77
CA GLU A 381 -1.88 -13.38 -12.71
C GLU A 381 -3.40 -13.25 -12.86
N LEU A 382 -3.96 -13.53 -14.05
CA LEU A 382 -5.42 -13.35 -14.35
C LEU A 382 -6.20 -14.65 -14.12
N TRP A 383 -5.70 -15.79 -14.61
CA TRP A 383 -6.45 -17.07 -14.73
C TRP A 383 -5.86 -18.15 -13.81
N SER A 384 -5.35 -17.76 -12.63
CA SER A 384 -4.75 -18.68 -11.62
C SER A 384 -5.15 -18.26 -10.21
N ALA A 385 -5.64 -19.21 -9.41
CA ALA A 385 -5.85 -19.07 -7.95
C ALA A 385 -4.48 -19.04 -7.26
N PRO A 386 -4.10 -17.93 -6.59
CA PRO A 386 -2.74 -17.76 -6.05
C PRO A 386 -2.34 -18.77 -4.96
N ASN A 387 -3.29 -19.18 -4.11
CA ASN A 387 -3.07 -20.09 -2.95
C ASN A 387 -3.51 -21.52 -3.30
N SER A 388 -3.62 -21.87 -4.58
CA SER A 388 -4.07 -23.21 -5.05
C SER A 388 -2.94 -24.23 -4.94
N GLN A 389 -3.26 -25.51 -5.20
CA GLN A 389 -2.30 -26.64 -5.13
C GLN A 389 -1.27 -26.52 -6.28
N ALA A 390 -1.75 -26.36 -7.52
CA ALA A 390 -0.92 -26.27 -8.74
C ALA A 390 0.08 -25.11 -8.62
N ARG A 391 -0.34 -23.98 -8.05
CA ARG A 391 0.51 -22.77 -7.83
C ARG A 391 1.58 -23.08 -6.78
N SER A 392 1.24 -23.83 -5.73
CA SER A 392 2.18 -24.28 -4.66
C SER A 392 3.26 -25.19 -5.29
N GLU A 393 2.82 -26.14 -6.13
CA GLU A 393 3.68 -27.07 -6.92
C GLU A 393 4.58 -26.26 -7.86
N LYS A 394 4.01 -25.29 -8.58
CA LYS A 394 4.77 -24.40 -9.49
C LYS A 394 5.83 -23.62 -8.71
N ALA A 395 5.44 -22.97 -7.60
CA ALA A 395 6.32 -22.17 -6.73
C ALA A 395 7.50 -23.02 -6.24
N PHE A 396 7.21 -24.24 -5.79
CA PHE A 396 8.20 -25.26 -5.33
C PHE A 396 9.20 -25.56 -6.46
N HIS A 397 8.70 -25.93 -7.65
CA HIS A 397 9.50 -26.25 -8.85
C HIS A 397 10.39 -25.05 -9.23
N ASP A 398 9.78 -23.86 -9.26
CA ASP A 398 10.46 -22.56 -9.59
C ASP A 398 11.58 -22.30 -8.57
N GLN A 399 11.36 -22.63 -7.29
CA GLN A 399 12.36 -22.43 -6.21
C GLN A 399 13.53 -23.42 -6.35
N HIS A 400 13.24 -24.69 -6.62
CA HIS A 400 14.21 -25.83 -6.51
C HIS A 400 14.92 -26.11 -7.85
N PHE A 401 14.33 -25.78 -9.01
CA PHE A 401 14.90 -26.09 -10.34
C PHE A 401 14.98 -24.87 -11.27
N GLY A 402 14.66 -23.67 -10.77
CA GLY A 402 14.50 -22.45 -11.59
C GLY A 402 13.19 -22.49 -12.38
N PRO A 403 12.76 -21.35 -12.98
CA PRO A 403 11.49 -21.29 -13.70
C PRO A 403 11.52 -22.06 -15.03
N PHE A 404 10.33 -22.41 -15.54
CA PHE A 404 10.15 -23.15 -16.81
C PHE A 404 10.51 -22.22 -17.99
N PHE A 405 11.41 -22.69 -18.87
CA PHE A 405 11.96 -21.92 -20.02
C PHE A 405 10.82 -21.56 -20.99
N ARG A 406 10.90 -20.36 -21.58
CA ARG A 406 9.94 -19.83 -22.57
C ARG A 406 10.24 -20.48 -23.92
N THR A 407 9.23 -20.66 -24.78
CA THR A 407 9.35 -21.35 -26.09
C THR A 407 8.72 -20.48 -27.19
N ASN A 408 9.46 -20.23 -28.27
CA ASN A 408 9.06 -19.39 -29.44
C ASN A 408 9.09 -20.27 -30.69
N GLN A 409 7.97 -20.95 -30.96
CA GLN A 409 7.86 -21.97 -32.03
C GLN A 409 7.63 -21.30 -33.38
N VAL A 410 8.04 -21.98 -34.46
CA VAL A 410 7.74 -21.63 -35.87
C VAL A 410 7.41 -22.93 -36.61
N ILE A 411 6.19 -23.05 -37.13
CA ILE A 411 5.69 -24.28 -37.82
C ILE A 411 5.48 -23.95 -39.30
N LEU A 412 6.23 -24.63 -40.18
CA LEU A 412 6.19 -24.46 -41.65
C LEU A 412 5.35 -25.59 -42.26
N THR A 413 4.97 -25.46 -43.53
CA THR A 413 4.27 -26.49 -44.35
C THR A 413 4.50 -26.20 -45.83
N ALA A 414 4.56 -27.25 -46.66
CA ALA A 414 4.63 -27.17 -48.14
C ALA A 414 3.24 -27.43 -48.71
N PRO A 415 2.44 -26.39 -49.04
CA PRO A 415 1.06 -26.58 -49.47
C PRO A 415 0.89 -27.34 -50.79
N ASN A 416 1.71 -27.02 -51.80
CA ASN A 416 1.66 -27.62 -53.16
C ASN A 416 3.00 -28.28 -53.47
N ARG A 417 3.35 -29.31 -52.68
CA ARG A 417 4.48 -30.24 -52.92
C ARG A 417 3.99 -31.67 -52.60
N SER A 418 3.66 -32.45 -53.64
CA SER A 418 3.00 -33.78 -53.53
C SER A 418 3.90 -34.77 -52.77
N SER A 419 4.96 -35.26 -53.43
CA SER A 419 5.88 -36.30 -52.92
C SER A 419 6.94 -36.62 -53.98
N TYR A 420 7.94 -37.43 -53.61
CA TYR A 420 8.94 -38.05 -54.52
C TYR A 420 9.53 -39.28 -53.84
N ARG A 421 9.31 -40.47 -54.43
CA ARG A 421 9.80 -41.77 -53.89
C ARG A 421 11.33 -41.83 -54.07
N TYR A 422 12.04 -42.23 -53.01
CA TYR A 422 13.53 -42.30 -52.96
C TYR A 422 13.96 -43.47 -52.07
N ASP A 423 14.84 -44.33 -52.58
CA ASP A 423 15.40 -45.50 -51.85
C ASP A 423 16.82 -45.14 -51.37
N SER A 424 17.04 -45.25 -50.06
CA SER A 424 18.34 -44.98 -49.38
C SER A 424 19.31 -46.14 -49.62
N LEU A 425 18.78 -47.34 -49.92
CA LEU A 425 19.51 -48.62 -50.23
C LEU A 425 19.94 -49.32 -48.93
N LEU A 426 19.81 -48.67 -47.76
CA LEU A 426 20.10 -49.27 -46.42
C LEU A 426 18.85 -49.33 -45.54
N LEU A 427 17.82 -48.50 -45.79
CA LEU A 427 16.48 -48.61 -45.13
C LEU A 427 15.38 -48.93 -46.15
N GLY A 428 15.72 -49.18 -47.42
CA GLY A 428 14.76 -49.56 -48.48
C GLY A 428 14.12 -48.33 -49.13
N PRO A 429 13.04 -48.51 -49.93
CA PRO A 429 12.34 -47.38 -50.56
C PRO A 429 11.53 -46.56 -49.55
N LYS A 430 11.65 -45.22 -49.62
CA LYS A 430 10.95 -44.26 -48.72
C LYS A 430 10.29 -43.16 -49.54
N ASN A 431 9.06 -42.80 -49.17
CA ASN A 431 8.28 -41.72 -49.81
C ASN A 431 8.48 -40.42 -49.03
N PHE A 432 9.48 -39.65 -49.45
CA PHE A 432 9.82 -38.34 -48.85
C PHE A 432 8.72 -37.33 -49.18
N SER A 433 8.16 -36.70 -48.15
CA SER A 433 7.12 -35.64 -48.26
C SER A 433 7.74 -34.41 -48.94
N GLY A 434 6.87 -33.56 -49.51
CA GLY A 434 7.26 -32.38 -50.31
C GLY A 434 8.05 -31.35 -49.51
N ILE A 435 7.73 -31.17 -48.22
CA ILE A 435 8.37 -30.18 -47.31
C ILE A 435 9.87 -30.49 -47.12
N LEU A 436 10.28 -31.76 -47.25
CA LEU A 436 11.70 -32.19 -47.13
C LEU A 436 12.39 -32.19 -48.51
N ASP A 437 12.23 -31.11 -49.29
CA ASP A 437 13.10 -30.79 -50.45
C ASP A 437 14.35 -30.08 -49.94
N LEU A 438 15.36 -29.90 -50.81
CA LEU A 438 16.68 -29.33 -50.44
C LEU A 438 16.54 -27.82 -50.23
N ASP A 439 16.00 -27.13 -51.23
CA ASP A 439 15.86 -25.64 -51.30
C ASP A 439 15.06 -25.12 -50.09
N LEU A 440 13.97 -25.80 -49.72
CA LEU A 440 13.08 -25.42 -48.58
C LEU A 440 13.91 -25.44 -47.29
N LEU A 441 14.73 -26.47 -47.09
CA LEU A 441 15.62 -26.63 -45.91
C LEU A 441 16.72 -25.55 -45.93
N LEU A 442 17.30 -25.26 -47.09
CA LEU A 442 18.32 -24.17 -47.25
C LEU A 442 17.70 -22.83 -46.85
N GLU A 443 16.44 -22.58 -47.23
CA GLU A 443 15.67 -21.36 -46.86
C GLU A 443 15.41 -21.33 -45.35
N LEU A 444 15.04 -22.47 -44.75
CA LEU A 444 14.84 -22.60 -43.28
C LEU A 444 16.16 -22.29 -42.54
N LEU A 445 17.28 -22.86 -43.02
CA LEU A 445 18.64 -22.60 -42.46
C LEU A 445 18.93 -21.10 -42.53
N GLU A 446 18.74 -20.49 -43.71
CA GLU A 446 18.92 -19.02 -43.93
C GLU A 446 18.13 -18.24 -42.87
N LEU A 447 16.85 -18.57 -42.67
CA LEU A 447 15.96 -17.92 -41.67
C LEU A 447 16.55 -18.11 -40.27
N GLN A 448 16.85 -19.37 -39.89
CA GLN A 448 17.41 -19.72 -38.56
C GLN A 448 18.65 -18.85 -38.30
N GLU A 449 19.61 -18.86 -39.23
CA GLU A 449 20.89 -18.10 -39.13
C GLU A 449 20.59 -16.61 -38.94
N ARG A 450 19.73 -16.03 -39.79
CA ARG A 450 19.32 -14.60 -39.71
C ARG A 450 18.67 -14.31 -38.36
N LEU A 451 17.97 -15.29 -37.75
CA LEU A 451 17.30 -15.13 -36.43
C LEU A 451 18.29 -15.28 -35.26
N ARG A 452 19.44 -15.95 -35.46
CA ARG A 452 20.49 -16.09 -34.41
C ARG A 452 21.14 -14.74 -34.12
N HIS A 453 21.57 -14.03 -35.18
CA HIS A 453 22.34 -12.76 -35.09
C HIS A 453 21.40 -11.55 -34.98
N LEU A 454 20.08 -11.75 -35.09
CA LEU A 454 19.05 -10.69 -34.91
C LEU A 454 19.19 -10.11 -33.49
N GLN A 455 19.21 -8.79 -33.37
CA GLN A 455 19.38 -8.03 -32.09
C GLN A 455 18.29 -6.97 -31.98
N VAL A 456 17.99 -6.55 -30.75
CA VAL A 456 17.09 -5.41 -30.43
C VAL A 456 17.95 -4.23 -29.97
N TRP A 457 17.42 -3.01 -30.06
CA TRP A 457 18.08 -1.77 -29.56
C TRP A 457 18.16 -1.82 -28.03
N SER A 458 17.09 -2.26 -27.36
CA SER A 458 16.94 -2.30 -25.87
C SER A 458 17.17 -0.90 -25.31
N PRO A 459 16.19 0.03 -25.46
CA PRO A 459 16.37 1.42 -25.00
C PRO A 459 16.56 1.60 -23.48
N GLU A 460 16.30 0.56 -22.68
CA GLU A 460 16.64 0.51 -21.22
C GLU A 460 18.16 0.44 -21.07
N ALA A 461 18.78 -0.65 -21.55
CA ALA A 461 20.22 -0.95 -21.39
C ALA A 461 21.07 -0.12 -22.37
N GLN A 462 20.47 0.44 -23.43
CA GLN A 462 21.12 1.31 -24.45
C GLN A 462 22.18 0.53 -25.24
N ARG A 463 22.09 -0.81 -25.29
CA ARG A 463 23.04 -1.70 -26.00
C ARG A 463 22.26 -2.75 -26.80
N ASN A 464 22.83 -3.24 -27.91
CA ASN A 464 22.18 -4.24 -28.81
C ASN A 464 22.21 -5.61 -28.12
N ILE A 465 21.04 -6.09 -27.68
CA ILE A 465 20.86 -7.40 -26.99
C ILE A 465 20.84 -8.50 -28.06
N SER A 466 21.86 -9.36 -28.06
CA SER A 466 21.98 -10.57 -28.93
C SER A 466 21.34 -11.76 -28.23
N LEU A 467 21.03 -12.82 -28.99
CA LEU A 467 20.36 -14.07 -28.51
C LEU A 467 21.14 -14.67 -27.33
N GLN A 468 22.48 -14.69 -27.42
CA GLN A 468 23.39 -15.33 -26.42
C GLN A 468 23.25 -14.71 -25.02
N ASP A 469 22.74 -13.48 -24.91
CA ASP A 469 22.58 -12.73 -23.63
C ASP A 469 21.55 -13.42 -22.72
N ILE A 470 20.45 -13.94 -23.31
CA ILE A 470 19.21 -14.36 -22.59
C ILE A 470 18.78 -15.79 -22.95
N CYS A 471 19.41 -16.45 -23.94
CA CYS A 471 18.97 -17.76 -24.48
C CYS A 471 19.17 -18.87 -23.43
N TYR A 472 18.32 -19.89 -23.47
CA TYR A 472 18.36 -21.09 -22.59
C TYR A 472 19.52 -21.98 -23.03
N ALA A 473 20.49 -22.20 -22.13
CA ALA A 473 21.73 -22.99 -22.36
C ALA A 473 21.69 -24.25 -21.50
N PRO A 474 21.30 -25.43 -22.04
CA PRO A 474 21.36 -26.68 -21.29
C PRO A 474 22.80 -27.13 -21.01
N LEU A 475 23.68 -27.01 -22.00
CA LEU A 475 25.16 -27.19 -21.86
C LEU A 475 25.81 -25.82 -21.68
N ASN A 476 26.79 -25.72 -20.78
CA ASN A 476 27.68 -24.54 -20.61
C ASN A 476 26.80 -23.30 -20.37
N PRO A 477 26.11 -23.20 -19.21
CA PRO A 477 25.22 -22.06 -18.95
C PRO A 477 25.92 -20.70 -18.83
N ASP A 478 27.25 -20.69 -18.63
CA ASP A 478 28.12 -19.47 -18.63
C ASP A 478 28.98 -19.47 -19.90
N ASN A 479 29.52 -18.29 -20.26
CA ASN A 479 30.31 -18.03 -21.50
C ASN A 479 29.46 -18.46 -22.72
N THR A 480 28.19 -18.04 -22.75
CA THR A 480 27.21 -18.42 -23.81
C THR A 480 27.47 -17.58 -25.07
N SER A 481 27.61 -18.25 -26.22
CA SER A 481 27.69 -17.66 -27.58
C SER A 481 26.47 -18.07 -28.40
N LEU A 482 26.34 -17.51 -29.62
CA LEU A 482 25.23 -17.81 -30.57
C LEU A 482 25.26 -19.28 -31.00
N TYR A 483 26.40 -19.96 -30.86
CA TYR A 483 26.56 -21.43 -31.07
C TYR A 483 26.47 -22.19 -29.73
N ASP A 484 25.82 -21.63 -28.71
CA ASP A 484 25.64 -22.27 -27.37
C ASP A 484 24.20 -22.10 -26.87
N CYS A 485 23.23 -21.82 -27.75
CA CYS A 485 21.81 -21.55 -27.41
C CYS A 485 20.92 -22.71 -27.87
N CYS A 486 19.80 -22.91 -27.19
CA CYS A 486 18.81 -23.99 -27.45
C CYS A 486 17.93 -23.59 -28.65
N ILE A 487 18.35 -23.99 -29.85
CA ILE A 487 17.61 -23.77 -31.14
C ILE A 487 17.30 -25.16 -31.74
N ASN A 488 16.19 -25.76 -31.33
CA ASN A 488 15.74 -27.09 -31.81
C ASN A 488 15.13 -26.93 -33.20
N SER A 489 15.61 -27.70 -34.18
CA SER A 489 15.14 -27.74 -35.59
C SER A 489 15.75 -28.95 -36.31
N LEU A 490 15.22 -29.30 -37.49
CA LEU A 490 15.71 -30.43 -38.34
C LEU A 490 17.18 -30.19 -38.71
N LEU A 491 17.58 -28.92 -38.87
CA LEU A 491 18.97 -28.51 -39.24
C LEU A 491 19.93 -28.58 -38.05
N GLN A 492 19.52 -29.16 -36.91
CA GLN A 492 20.42 -29.49 -35.77
C GLN A 492 21.11 -30.85 -36.02
N TYR A 493 20.59 -31.68 -36.92
CA TYR A 493 21.20 -32.99 -37.30
C TYR A 493 22.41 -32.76 -38.23
N PHE A 494 22.64 -31.53 -38.69
CA PHE A 494 23.83 -31.12 -39.50
C PHE A 494 24.57 -29.94 -38.86
N GLN A 495 24.24 -29.60 -37.60
CA GLN A 495 24.88 -28.52 -36.79
C GLN A 495 24.81 -27.17 -37.52
N ASN A 496 23.77 -26.94 -38.34
CA ASN A 496 23.50 -25.68 -39.08
C ASN A 496 24.66 -25.39 -40.05
N ASN A 497 24.94 -26.33 -40.94
CA ASN A 497 26.08 -26.29 -41.91
C ASN A 497 25.54 -26.49 -43.33
N ARG A 498 25.92 -25.60 -44.24
CA ARG A 498 25.48 -25.60 -45.65
C ARG A 498 26.22 -26.71 -46.42
N THR A 499 27.51 -26.92 -46.12
CA THR A 499 28.38 -27.92 -46.81
C THR A 499 27.92 -29.34 -46.46
N LEU A 500 27.59 -29.59 -45.19
CA LEU A 500 27.06 -30.90 -44.71
C LEU A 500 25.66 -31.15 -45.26
N LEU A 501 24.89 -30.08 -45.50
CA LEU A 501 23.56 -30.14 -46.17
C LEU A 501 23.73 -30.54 -47.64
N LEU A 502 24.69 -29.92 -48.34
CA LEU A 502 24.99 -30.19 -49.79
C LEU A 502 26.01 -31.33 -49.94
N LEU A 503 26.39 -32.02 -48.85
CA LEU A 503 27.39 -33.12 -48.87
C LEU A 503 26.73 -34.39 -49.43
N THR A 504 27.36 -34.99 -50.44
CA THR A 504 27.05 -36.34 -50.99
C THR A 504 28.32 -37.19 -50.90
N ALA A 505 28.16 -38.52 -50.80
CA ALA A 505 29.25 -39.53 -50.84
C ALA A 505 28.78 -40.77 -51.61
N ASN A 506 29.71 -41.62 -52.03
CA ASN A 506 29.44 -42.88 -52.76
C ASN A 506 29.62 -44.06 -51.80
N GLN A 507 28.59 -44.88 -51.65
CA GLN A 507 28.58 -46.07 -50.76
C GLN A 507 28.23 -47.32 -51.59
N THR A 508 29.08 -48.33 -51.53
CA THR A 508 28.90 -49.69 -52.12
C THR A 508 28.41 -50.63 -51.02
N LEU A 509 27.13 -51.03 -51.08
CA LEU A 509 26.46 -51.92 -50.08
C LEU A 509 26.16 -53.27 -50.75
N MET A 510 26.92 -54.31 -50.39
CA MET A 510 26.79 -55.71 -50.89
C MET A 510 27.00 -55.74 -52.41
N GLY A 511 27.95 -54.95 -52.93
CA GLY A 511 28.33 -54.91 -54.35
C GLY A 511 27.76 -53.72 -55.10
N GLN A 512 26.52 -53.33 -54.80
CA GLN A 512 25.79 -52.24 -55.51
C GLN A 512 26.12 -50.89 -54.85
N THR A 513 26.60 -49.93 -55.66
CA THR A 513 26.99 -48.56 -55.23
C THR A 513 25.81 -47.59 -55.45
N SER A 514 25.66 -46.62 -54.55
CA SER A 514 24.66 -45.52 -54.67
C SER A 514 25.20 -44.24 -54.01
N GLN A 515 24.53 -43.12 -54.29
CA GLN A 515 24.82 -41.78 -53.70
C GLN A 515 24.11 -41.69 -52.35
N VAL A 516 24.84 -41.30 -51.29
CA VAL A 516 24.27 -41.06 -49.92
C VAL A 516 24.23 -39.55 -49.69
N ASP A 517 23.04 -38.96 -49.80
CA ASP A 517 22.76 -37.52 -49.58
C ASP A 517 22.51 -37.28 -48.08
N TRP A 518 22.10 -36.06 -47.72
CA TRP A 518 21.61 -35.66 -46.36
C TRP A 518 20.45 -36.56 -45.92
N LYS A 519 19.63 -37.03 -46.86
CA LYS A 519 18.35 -37.78 -46.65
C LYS A 519 18.61 -39.03 -45.80
N ASP A 520 19.64 -39.81 -46.13
CA ASP A 520 20.02 -41.07 -45.43
C ASP A 520 20.48 -40.75 -44.00
N HIS A 521 21.26 -39.66 -43.83
CA HIS A 521 21.71 -39.16 -42.50
C HIS A 521 20.50 -38.76 -41.66
N PHE A 522 19.54 -38.02 -42.24
CA PHE A 522 18.27 -37.64 -41.58
C PHE A 522 17.50 -38.90 -41.15
N LEU A 523 17.33 -39.86 -42.07
CA LEU A 523 16.61 -41.14 -41.81
C LEU A 523 17.29 -41.90 -40.66
N TYR A 524 18.63 -41.96 -40.65
CA TYR A 524 19.42 -42.61 -39.58
C TYR A 524 19.27 -41.83 -38.27
N CYS A 525 19.19 -40.48 -38.36
CA CYS A 525 19.12 -39.57 -37.19
C CYS A 525 17.76 -39.69 -36.48
N ALA A 526 16.66 -39.77 -37.23
CA ALA A 526 15.28 -39.80 -36.71
C ALA A 526 15.06 -41.04 -35.83
N ASN A 527 15.64 -42.19 -36.19
CA ASN A 527 15.43 -43.50 -35.51
C ASN A 527 16.22 -43.54 -34.19
N ALA A 528 17.47 -43.06 -34.19
CA ALA A 528 18.36 -43.01 -33.00
C ALA A 528 19.04 -41.64 -32.91
N PRO A 529 18.45 -40.66 -32.18
CA PRO A 529 19.00 -39.30 -32.13
C PRO A 529 20.30 -39.14 -31.32
N LEU A 530 20.59 -40.07 -30.39
CA LEU A 530 21.81 -40.04 -29.54
C LEU A 530 22.87 -40.97 -30.14
N THR A 531 23.43 -40.56 -31.29
CA THR A 531 24.58 -41.22 -31.99
C THR A 531 25.58 -40.12 -32.39
N PHE A 532 26.87 -40.29 -32.04
CA PHE A 532 27.96 -39.32 -32.33
C PHE A 532 28.57 -39.58 -33.71
N LYS A 533 28.38 -40.78 -34.26
CA LYS A 533 28.79 -41.18 -35.64
C LYS A 533 27.55 -41.73 -36.35
N ASP A 534 27.32 -41.27 -37.59
CA ASP A 534 26.20 -41.73 -38.46
C ASP A 534 26.43 -43.20 -38.84
N GLY A 535 27.50 -43.49 -39.59
CA GLY A 535 27.89 -44.85 -39.99
C GLY A 535 27.09 -45.37 -41.17
N THR A 536 26.88 -44.52 -42.20
CA THR A 536 26.30 -44.89 -43.52
C THR A 536 27.16 -44.25 -44.62
N ALA A 537 28.48 -44.49 -44.57
CA ALA A 537 29.52 -43.93 -45.48
C ALA A 537 29.59 -42.39 -45.36
N LEU A 538 29.23 -41.86 -44.20
CA LEU A 538 29.26 -40.40 -43.89
C LEU A 538 29.59 -40.25 -42.40
N ALA A 539 30.77 -39.73 -42.08
CA ALA A 539 31.23 -39.48 -40.69
C ALA A 539 30.58 -38.20 -40.17
N LEU A 540 29.25 -38.15 -40.18
CA LEU A 540 28.43 -36.98 -39.75
C LEU A 540 27.96 -37.23 -38.30
N SER A 541 28.12 -36.22 -37.45
CA SER A 541 27.67 -36.22 -36.04
C SER A 541 26.17 -35.92 -35.99
N CYS A 542 25.36 -36.90 -35.59
CA CYS A 542 23.88 -36.78 -35.48
C CYS A 542 23.50 -35.87 -34.30
N MET A 543 24.40 -35.75 -33.31
CA MET A 543 24.26 -34.84 -32.14
C MET A 543 24.03 -33.40 -32.62
N ALA A 544 23.27 -32.63 -31.83
CA ALA A 544 22.92 -31.21 -32.11
C ALA A 544 24.17 -30.33 -31.96
N ASP A 545 24.06 -29.08 -32.43
CA ASP A 545 25.16 -28.08 -32.48
C ASP A 545 25.56 -27.67 -31.05
N TYR A 546 24.57 -27.33 -30.23
CA TYR A 546 24.73 -26.86 -28.82
C TYR A 546 25.27 -28.01 -27.95
N GLY A 547 24.98 -29.27 -28.35
CA GLY A 547 25.66 -30.49 -27.87
C GLY A 547 24.77 -31.42 -27.06
N ALA A 548 23.46 -31.14 -26.98
CA ALA A 548 22.43 -32.00 -26.35
C ALA A 548 21.53 -32.58 -27.45
N PRO A 549 21.18 -33.89 -27.42
CA PRO A 549 20.54 -34.54 -28.56
C PRO A 549 19.12 -34.00 -28.84
N VAL A 550 18.81 -33.73 -30.11
CA VAL A 550 17.49 -33.26 -30.59
C VAL A 550 16.65 -34.51 -30.94
N PHE A 551 15.46 -34.63 -30.34
CA PHE A 551 14.51 -35.75 -30.57
C PHE A 551 13.69 -35.47 -31.82
N PRO A 552 13.32 -36.49 -32.62
CA PRO A 552 12.60 -36.29 -33.88
C PRO A 552 11.29 -35.49 -33.71
N PHE A 553 10.56 -35.70 -32.60
CA PHE A 553 9.26 -35.05 -32.31
C PHE A 553 9.44 -33.54 -32.02
N LEU A 554 10.66 -33.03 -31.84
CA LEU A 554 10.93 -31.58 -31.59
C LEU A 554 11.29 -30.84 -32.89
N ALA A 555 11.65 -31.56 -33.96
CA ALA A 555 12.17 -30.99 -35.24
C ALA A 555 11.20 -31.20 -36.41
N ILE A 556 10.37 -32.24 -36.39
CA ILE A 556 9.41 -32.60 -37.49
C ILE A 556 8.05 -32.97 -36.88
N GLY A 557 6.98 -32.81 -37.66
CA GLY A 557 5.58 -33.08 -37.25
C GLY A 557 4.74 -33.58 -38.42
N GLY A 558 3.55 -34.12 -38.11
CA GLY A 558 2.57 -34.60 -39.11
C GLY A 558 2.64 -36.10 -39.33
N TYR A 559 3.79 -36.74 -39.05
CA TYR A 559 4.02 -38.20 -39.18
C TYR A 559 3.13 -38.97 -38.19
N LYS A 560 3.00 -40.29 -38.38
CA LYS A 560 2.22 -41.19 -37.50
C LYS A 560 2.97 -42.53 -37.36
N GLY A 561 3.70 -42.70 -36.24
CA GLY A 561 4.50 -43.89 -35.91
C GLY A 561 5.99 -43.59 -36.01
N LYS A 562 6.69 -44.24 -36.95
CA LYS A 562 8.14 -44.05 -37.22
C LYS A 562 8.38 -43.91 -38.73
N ASP A 563 7.47 -43.23 -39.43
CA ASP A 563 7.58 -42.89 -40.88
C ASP A 563 7.91 -41.39 -40.98
N TYR A 564 9.09 -41.01 -40.51
CA TYR A 564 9.56 -39.62 -40.32
C TYR A 564 9.74 -38.93 -41.68
N SER A 565 10.19 -39.69 -42.69
CA SER A 565 10.36 -39.24 -44.11
C SER A 565 9.06 -38.59 -44.63
N GLU A 566 7.90 -39.01 -44.11
CA GLU A 566 6.56 -38.45 -44.45
C GLU A 566 6.15 -37.36 -43.43
N ALA A 567 7.11 -36.60 -42.88
CA ALA A 567 6.85 -35.43 -42.01
C ALA A 567 6.20 -34.33 -42.85
N GLU A 568 5.11 -33.72 -42.36
CA GLU A 568 4.28 -32.75 -43.13
C GLU A 568 4.54 -31.31 -42.68
N ALA A 569 5.30 -31.09 -41.60
CA ALA A 569 5.56 -29.76 -41.02
C ALA A 569 6.89 -29.76 -40.26
N LEU A 570 7.86 -28.93 -40.67
CA LEU A 570 9.12 -28.67 -39.93
C LEU A 570 8.81 -27.75 -38.76
N ILE A 571 9.60 -27.82 -37.70
CA ILE A 571 9.41 -27.05 -36.43
C ILE A 571 10.77 -26.40 -36.06
N MET A 572 10.72 -25.23 -35.44
CA MET A 572 11.91 -24.45 -35.02
C MET A 572 11.60 -23.71 -33.70
N THR A 573 12.32 -24.05 -32.63
CA THR A 573 12.06 -23.55 -31.24
C THR A 573 13.29 -22.78 -30.74
N PHE A 574 13.15 -21.46 -30.60
CA PHE A 574 14.14 -20.56 -29.94
C PHE A 574 13.77 -20.44 -28.46
N SER A 575 14.08 -21.49 -27.70
CA SER A 575 13.88 -21.57 -26.22
C SER A 575 14.71 -20.48 -25.54
N LEU A 576 14.09 -19.72 -24.62
CA LEU A 576 14.71 -18.59 -23.87
C LEU A 576 14.63 -18.88 -22.37
N ASN A 577 15.66 -18.45 -21.62
CA ASN A 577 15.68 -18.49 -20.12
C ASN A 577 14.55 -17.59 -19.59
N ASN A 578 13.72 -18.12 -18.69
CA ASN A 578 12.66 -17.37 -17.99
C ASN A 578 13.24 -16.76 -16.71
N TYR A 579 12.71 -15.61 -16.29
CA TYR A 579 13.12 -14.88 -15.05
C TYR A 579 11.85 -14.51 -14.27
N PRO A 580 11.93 -14.25 -12.95
CA PRO A 580 10.82 -13.65 -12.21
C PRO A 580 10.38 -12.29 -12.78
N ALA A 581 9.23 -11.78 -12.33
CA ALA A 581 8.56 -10.58 -12.86
C ALA A 581 9.38 -9.30 -12.61
N GLY A 582 10.30 -9.32 -11.63
CA GLY A 582 11.12 -8.16 -11.21
C GLY A 582 12.34 -7.94 -12.09
N ASP A 583 12.87 -8.99 -12.71
CA ASP A 583 14.18 -8.96 -13.43
C ASP A 583 14.04 -8.20 -14.75
N PRO A 584 14.92 -7.21 -15.06
CA PRO A 584 14.86 -6.49 -16.33
C PRO A 584 15.21 -7.37 -17.53
N ARG A 585 15.97 -8.45 -17.31
CA ARG A 585 16.31 -9.51 -18.31
C ARG A 585 15.02 -10.06 -18.96
N LEU A 586 13.92 -10.12 -18.19
CA LEU A 586 12.56 -10.50 -18.70
C LEU A 586 12.10 -9.47 -19.75
N ALA A 587 12.26 -8.17 -19.47
CA ALA A 587 11.93 -7.06 -20.40
C ALA A 587 12.81 -7.15 -21.65
N GLN A 588 14.09 -7.50 -21.49
CA GLN A 588 15.06 -7.71 -22.60
C GLN A 588 14.61 -8.91 -23.45
N ALA A 589 14.19 -9.99 -22.79
CA ALA A 589 13.62 -11.20 -23.43
C ALA A 589 12.40 -10.80 -24.27
N LYS A 590 11.44 -10.09 -23.65
CA LYS A 590 10.18 -9.61 -24.32
C LYS A 590 10.51 -8.75 -25.55
N LEU A 591 11.53 -7.89 -25.46
CA LEU A 591 11.99 -7.06 -26.61
C LEU A 591 12.51 -7.97 -27.74
N TRP A 592 13.33 -8.97 -27.40
CA TRP A 592 13.85 -9.97 -28.38
C TRP A 592 12.68 -10.74 -29.00
N GLU A 593 11.67 -11.09 -28.19
CA GLU A 593 10.40 -11.74 -28.63
C GLU A 593 9.74 -10.89 -29.71
N GLU A 594 9.60 -9.58 -29.45
CA GLU A 594 8.96 -8.60 -30.37
C GLU A 594 9.73 -8.55 -31.70
N ALA A 595 11.06 -8.48 -31.66
CA ALA A 595 11.94 -8.44 -32.85
C ALA A 595 11.88 -9.78 -33.61
N PHE A 596 11.80 -10.90 -32.88
CA PHE A 596 11.58 -12.26 -33.46
C PHE A 596 10.25 -12.26 -34.24
N LEU A 597 9.16 -11.83 -33.60
CA LEU A 597 7.80 -11.75 -34.20
C LEU A 597 7.83 -10.89 -35.47
N GLU A 598 8.51 -9.73 -35.43
CA GLU A 598 8.67 -8.79 -36.57
C GLU A 598 9.36 -9.50 -37.74
N GLU A 599 10.52 -10.15 -37.47
CA GLU A 599 11.29 -10.93 -38.47
C GLU A 599 10.40 -12.04 -39.05
N MET A 600 9.68 -12.77 -38.19
CA MET A 600 8.79 -13.89 -38.61
C MET A 600 7.65 -13.37 -39.50
N ARG A 601 7.07 -12.21 -39.18
CA ARG A 601 6.05 -11.54 -40.04
C ARG A 601 6.65 -11.21 -41.41
N ALA A 602 7.86 -10.67 -41.44
CA ALA A 602 8.61 -10.34 -42.68
C ALA A 602 8.84 -11.61 -43.51
N PHE A 603 9.28 -12.69 -42.87
CA PHE A 603 9.49 -14.01 -43.52
C PHE A 603 8.17 -14.57 -44.05
N GLN A 604 7.08 -14.48 -43.26
CA GLN A 604 5.73 -14.97 -43.67
C GLN A 604 5.26 -14.23 -44.92
N ARG A 605 5.41 -12.89 -44.95
CA ARG A 605 5.03 -12.03 -46.11
C ARG A 605 5.91 -12.36 -47.32
N ARG A 606 7.20 -12.65 -47.10
CA ARG A 606 8.19 -12.94 -48.18
C ARG A 606 7.77 -14.22 -48.93
N MET A 607 7.60 -15.34 -48.20
CA MET A 607 7.31 -16.68 -48.77
C MET A 607 5.79 -16.86 -48.89
N ALA A 608 5.26 -16.89 -50.12
CA ALA A 608 3.82 -16.97 -50.43
C ALA A 608 3.49 -18.33 -51.08
N GLY A 609 4.09 -18.62 -52.24
CA GLY A 609 3.88 -19.85 -53.02
C GLY A 609 4.82 -20.98 -52.64
N MET A 610 5.73 -20.74 -51.68
CA MET A 610 6.77 -21.71 -51.23
C MET A 610 6.36 -22.34 -49.90
N PHE A 611 6.14 -21.51 -48.86
CA PHE A 611 5.82 -21.94 -47.48
C PHE A 611 4.45 -21.38 -47.05
N GLN A 612 3.92 -21.97 -45.97
CA GLN A 612 2.74 -21.49 -45.20
C GLN A 612 3.14 -21.44 -43.73
N VAL A 613 3.74 -20.33 -43.31
CA VAL A 613 4.42 -20.18 -42.00
C VAL A 613 3.41 -19.66 -40.96
N THR A 614 3.39 -20.28 -39.79
CA THR A 614 2.74 -19.76 -38.56
C THR A 614 3.76 -19.82 -37.41
N PHE A 615 3.68 -18.87 -36.49
CA PHE A 615 4.63 -18.66 -35.37
C PHE A 615 3.87 -18.25 -34.11
N MET A 616 4.58 -18.17 -32.99
CA MET A 616 4.07 -17.66 -31.69
C MET A 616 5.24 -17.03 -30.92
N ALA A 617 4.99 -16.65 -29.67
CA ALA A 617 6.01 -16.15 -28.71
C ALA A 617 5.40 -16.20 -27.31
N GLU A 618 6.24 -16.34 -26.28
CA GLU A 618 5.78 -16.41 -24.85
C GLU A 618 4.96 -15.16 -24.51
N ARG A 619 5.26 -14.02 -25.13
CA ARG A 619 4.55 -12.72 -24.93
C ARG A 619 3.38 -12.56 -25.92
N SER A 620 3.20 -13.48 -26.88
CA SER A 620 2.19 -13.36 -27.97
C SER A 620 0.76 -13.35 -27.38
N LEU A 621 0.45 -14.33 -26.53
CA LEU A 621 -0.88 -14.51 -25.91
C LEU A 621 -1.23 -13.28 -25.07
N GLU A 622 -0.32 -12.85 -24.19
CA GLU A 622 -0.44 -11.66 -23.31
C GLU A 622 -0.76 -10.42 -24.16
N ASP A 623 -0.11 -10.29 -25.32
CA ASP A 623 -0.28 -9.14 -26.26
C ASP A 623 -1.59 -9.28 -27.05
N GLU A 624 -2.03 -10.51 -27.35
CA GLU A 624 -3.22 -10.78 -28.22
C GLU A 624 -4.53 -10.63 -27.42
N ILE A 625 -4.56 -11.08 -26.16
CA ILE A 625 -5.79 -10.98 -25.29
C ILE A 625 -6.06 -9.50 -24.96
N ASN A 626 -5.01 -8.67 -24.82
CA ASN A 626 -5.10 -7.24 -24.42
C ASN A 626 -4.81 -6.33 -25.63
N ARG A 627 -5.22 -6.72 -26.84
CA ARG A 627 -5.10 -5.90 -28.07
C ARG A 627 -6.42 -5.16 -28.33
N THR A 628 -7.56 -5.86 -28.19
CA THR A 628 -8.91 -5.38 -28.59
C THR A 628 -9.57 -4.54 -27.49
N THR A 629 -9.02 -4.53 -26.26
CA THR A 629 -9.57 -3.80 -25.08
C THR A 629 -9.70 -2.30 -25.38
N ALA A 630 -8.77 -1.73 -26.16
CA ALA A 630 -8.71 -0.30 -26.53
C ALA A 630 -9.32 -0.06 -27.91
N GLU A 631 -9.16 -1.01 -28.85
CA GLU A 631 -9.58 -0.87 -30.27
C GLU A 631 -11.11 -0.96 -30.39
N ASP A 632 -11.80 -1.58 -29.42
CA ASP A 632 -13.25 -1.88 -29.47
C ASP A 632 -14.02 -1.25 -28.30
N LEU A 633 -13.39 -0.38 -27.48
CA LEU A 633 -14.08 0.30 -26.35
C LEU A 633 -14.95 1.44 -26.87
N PRO A 634 -14.48 2.31 -27.81
CA PRO A 634 -15.32 3.35 -28.39
C PRO A 634 -16.61 2.84 -29.05
N ILE A 635 -16.55 1.68 -29.73
CA ILE A 635 -17.72 1.05 -30.43
C ILE A 635 -18.79 0.69 -29.38
N PHE A 636 -18.38 0.25 -28.19
CA PHE A 636 -19.29 -0.15 -27.08
C PHE A 636 -19.96 1.08 -26.46
N ALA A 637 -19.28 2.23 -26.42
CA ALA A 637 -19.74 3.47 -25.74
C ALA A 637 -21.03 4.01 -26.38
N THR A 638 -21.33 3.63 -27.63
CA THR A 638 -22.54 4.06 -28.39
C THR A 638 -23.82 3.50 -27.73
N SER A 639 -23.73 2.39 -26.98
CA SER A 639 -24.85 1.79 -26.22
C SER A 639 -25.47 2.82 -25.27
N TYR A 640 -24.63 3.62 -24.61
CA TYR A 640 -25.02 4.73 -23.69
C TYR A 640 -25.93 5.73 -24.44
N ILE A 641 -25.51 6.15 -25.64
CA ILE A 641 -26.29 7.07 -26.53
C ILE A 641 -27.62 6.40 -26.91
N VAL A 642 -27.61 5.11 -27.27
CA VAL A 642 -28.83 4.34 -27.67
C VAL A 642 -29.81 4.33 -26.49
N ILE A 643 -29.31 4.05 -25.27
CA ILE A 643 -30.14 3.98 -24.03
C ILE A 643 -30.65 5.38 -23.68
N PHE A 644 -29.79 6.40 -23.77
CA PHE A 644 -30.17 7.84 -23.56
C PHE A 644 -31.38 8.17 -24.45
N LEU A 645 -31.24 7.93 -25.76
CA LEU A 645 -32.30 8.22 -26.78
C LEU A 645 -33.55 7.41 -26.45
N TYR A 646 -33.42 6.09 -26.20
CA TYR A 646 -34.56 5.20 -25.86
C TYR A 646 -35.30 5.76 -24.64
N ILE A 647 -34.59 6.05 -23.54
CA ILE A 647 -35.18 6.58 -22.27
C ILE A 647 -35.88 7.92 -22.56
N SER A 648 -35.24 8.81 -23.34
CA SER A 648 -35.78 10.14 -23.71
C SER A 648 -37.10 10.01 -24.48
N LEU A 649 -37.22 9.00 -25.35
CA LEU A 649 -38.41 8.79 -26.22
C LEU A 649 -39.47 7.91 -25.54
N ALA A 650 -39.09 7.05 -24.59
CA ALA A 650 -39.98 6.04 -23.96
C ALA A 650 -40.60 6.53 -22.65
N LEU A 651 -40.29 7.76 -22.20
CA LEU A 651 -40.88 8.37 -20.98
C LEU A 651 -41.71 9.62 -21.33
N GLY A 652 -41.39 10.31 -22.42
CA GLY A 652 -42.14 11.51 -22.89
C GLY A 652 -43.43 11.12 -23.59
N SER A 653 -44.58 11.50 -23.02
CA SER A 653 -45.93 11.25 -23.59
C SER A 653 -46.21 12.27 -24.70
N TYR A 654 -46.00 11.87 -25.96
CA TYR A 654 -46.27 12.69 -27.18
C TYR A 654 -47.68 12.33 -27.70
N SER A 655 -48.67 13.15 -27.32
CA SER A 655 -50.11 12.95 -27.68
C SER A 655 -50.74 14.27 -28.15
N SER A 656 -49.94 15.21 -28.66
CA SER A 656 -50.38 16.53 -29.21
C SER A 656 -49.74 16.79 -30.57
N TRP A 657 -48.43 16.50 -30.73
CA TRP A 657 -47.61 16.73 -31.94
C TRP A 657 -47.28 18.22 -32.10
N SER A 658 -47.56 19.03 -31.07
CA SER A 658 -47.23 20.48 -30.97
C SER A 658 -46.40 20.76 -29.70
N ARG A 659 -46.55 19.93 -28.66
CA ARG A 659 -45.81 20.04 -27.36
C ARG A 659 -44.93 18.80 -27.14
N VAL A 660 -44.52 18.10 -28.21
CA VAL A 660 -43.55 16.97 -28.13
C VAL A 660 -42.26 17.51 -27.50
N MET A 661 -41.92 18.78 -27.81
CA MET A 661 -40.76 19.52 -27.25
C MET A 661 -41.07 20.10 -25.86
N VAL A 662 -42.19 19.73 -25.23
CA VAL A 662 -42.55 20.10 -23.81
C VAL A 662 -42.69 18.82 -22.94
N ASP A 663 -42.97 17.65 -23.53
CA ASP A 663 -43.24 16.39 -22.79
C ASP A 663 -42.07 15.40 -22.87
N SER A 664 -41.31 15.33 -23.98
CA SER A 664 -40.13 14.42 -24.13
C SER A 664 -39.10 14.66 -23.00
N LYS A 665 -38.90 13.66 -22.14
CA LYS A 665 -38.08 13.75 -20.91
C LYS A 665 -36.62 13.48 -21.24
N ALA A 666 -35.93 14.45 -21.85
CA ALA A 666 -34.49 14.38 -22.21
C ALA A 666 -33.62 14.63 -20.97
N THR A 667 -34.07 15.49 -20.05
CA THR A 667 -33.40 15.80 -18.76
C THR A 667 -33.24 14.51 -17.94
N LEU A 668 -34.30 13.72 -17.83
CA LEU A 668 -34.32 12.41 -17.12
C LEU A 668 -33.41 11.40 -17.84
N GLY A 669 -33.38 11.45 -19.17
CA GLY A 669 -32.47 10.64 -20.02
C GLY A 669 -31.02 10.90 -19.68
N LEU A 670 -30.60 12.17 -19.75
CA LEU A 670 -29.23 12.63 -19.37
C LEU A 670 -28.95 12.26 -17.91
N GLY A 671 -29.92 12.53 -17.02
CA GLY A 671 -29.88 12.15 -15.59
C GLY A 671 -29.53 10.68 -15.40
N GLY A 672 -30.36 9.78 -15.95
CA GLY A 672 -30.21 8.32 -15.86
C GLY A 672 -28.85 7.84 -16.37
N VAL A 673 -28.43 8.35 -17.54
CA VAL A 673 -27.10 8.01 -18.17
C VAL A 673 -25.98 8.49 -17.25
N ALA A 674 -26.04 9.74 -16.78
CA ALA A 674 -25.05 10.37 -15.87
C ALA A 674 -24.97 9.58 -14.56
N VAL A 675 -26.11 9.10 -14.05
CA VAL A 675 -26.20 8.28 -12.79
C VAL A 675 -25.40 6.98 -12.97
N VAL A 676 -25.72 6.19 -14.00
CA VAL A 676 -25.04 4.89 -14.29
C VAL A 676 -23.54 5.16 -14.50
N LEU A 677 -23.21 6.17 -15.31
CA LEU A 677 -21.81 6.54 -15.63
C LEU A 677 -21.06 6.91 -14.33
N GLY A 678 -21.66 7.75 -13.49
CA GLY A 678 -21.14 8.11 -12.16
C GLY A 678 -20.87 6.88 -11.31
N ALA A 679 -21.85 5.96 -11.24
CA ALA A 679 -21.80 4.71 -10.44
C ALA A 679 -20.62 3.84 -10.86
N VAL A 680 -20.47 3.56 -12.16
CA VAL A 680 -19.42 2.65 -12.72
C VAL A 680 -18.05 3.31 -12.54
N MET A 681 -17.93 4.62 -12.78
CA MET A 681 -16.66 5.37 -12.65
C MET A 681 -16.24 5.45 -11.17
N ALA A 682 -17.19 5.72 -10.26
CA ALA A 682 -16.96 5.77 -8.79
C ALA A 682 -16.46 4.40 -8.30
N ALA A 683 -17.09 3.31 -8.76
CA ALA A 683 -16.73 1.91 -8.42
C ALA A 683 -15.29 1.62 -8.84
N MET A 684 -14.97 1.87 -10.12
CA MET A 684 -13.61 1.67 -10.70
C MET A 684 -12.58 2.54 -9.98
N GLY A 685 -12.93 3.81 -9.73
CA GLY A 685 -12.07 4.79 -9.03
C GLY A 685 -11.74 4.35 -7.62
N PHE A 686 -12.76 3.94 -6.84
CA PHE A 686 -12.61 3.44 -5.44
C PHE A 686 -11.71 2.21 -5.42
N PHE A 687 -11.89 1.29 -6.37
CA PHE A 687 -11.11 0.02 -6.47
C PHE A 687 -9.70 0.29 -7.01
N SER A 688 -9.51 1.36 -7.78
CA SER A 688 -8.17 1.83 -8.22
C SER A 688 -7.41 2.46 -7.03
N TYR A 689 -8.11 3.16 -6.14
CA TYR A 689 -7.52 3.83 -4.93
C TYR A 689 -6.88 2.80 -3.99
N LEU A 690 -7.49 1.63 -3.81
CA LEU A 690 -6.99 0.55 -2.92
C LEU A 690 -5.80 -0.19 -3.57
N GLY A 691 -5.43 0.17 -4.80
CA GLY A 691 -4.31 -0.46 -5.54
C GLY A 691 -4.69 -1.82 -6.10
N ILE A 692 -5.99 -2.11 -6.20
CA ILE A 692 -6.52 -3.36 -6.82
C ILE A 692 -6.50 -3.13 -8.33
N ARG A 693 -5.81 -4.01 -9.06
CA ARG A 693 -5.47 -3.83 -10.50
C ARG A 693 -6.64 -4.34 -11.34
N SER A 694 -7.09 -3.54 -12.31
CA SER A 694 -8.19 -3.88 -13.26
C SER A 694 -7.68 -4.86 -14.32
N SER A 695 -8.53 -5.23 -15.28
CA SER A 695 -8.25 -6.21 -16.35
C SER A 695 -9.04 -5.82 -17.61
N LEU A 696 -8.97 -6.62 -18.68
CA LEU A 696 -9.73 -6.40 -19.93
C LEU A 696 -11.23 -6.56 -19.66
N VAL A 697 -11.63 -7.57 -18.87
CA VAL A 697 -13.05 -7.93 -18.60
C VAL A 697 -13.75 -6.74 -17.93
N ILE A 698 -13.11 -6.14 -16.92
CA ILE A 698 -13.64 -4.97 -16.15
C ILE A 698 -14.00 -3.86 -17.14
N LEU A 699 -13.00 -3.34 -17.86
CA LEU A 699 -13.12 -2.15 -18.76
C LEU A 699 -14.12 -2.43 -19.90
N GLN A 700 -14.19 -3.68 -20.39
CA GLN A 700 -15.01 -4.05 -21.58
C GLN A 700 -16.43 -4.50 -21.20
N VAL A 701 -16.68 -4.93 -19.95
CA VAL A 701 -17.99 -5.49 -19.52
C VAL A 701 -18.69 -4.55 -18.52
N VAL A 702 -18.00 -4.15 -17.44
CA VAL A 702 -18.62 -3.48 -16.24
C VAL A 702 -19.48 -2.30 -16.67
N PRO A 703 -18.94 -1.29 -17.41
CA PRO A 703 -19.71 -0.08 -17.71
C PRO A 703 -21.03 -0.33 -18.47
N PHE A 704 -21.13 -1.44 -19.20
CA PHE A 704 -22.26 -1.79 -20.11
C PHE A 704 -23.20 -2.78 -19.41
N LEU A 705 -22.65 -3.79 -18.71
CA LEU A 705 -23.45 -4.76 -17.91
C LEU A 705 -24.19 -4.00 -16.80
N VAL A 706 -23.48 -3.12 -16.07
CA VAL A 706 -24.06 -2.30 -14.96
C VAL A 706 -25.10 -1.34 -15.55
N LEU A 707 -24.88 -0.85 -16.78
CA LEU A 707 -25.82 0.04 -17.52
C LEU A 707 -27.11 -0.73 -17.87
N SER A 708 -26.99 -1.95 -18.39
CA SER A 708 -28.12 -2.84 -18.70
C SER A 708 -28.93 -3.13 -17.42
N VAL A 709 -28.24 -3.35 -16.30
CA VAL A 709 -28.82 -3.77 -14.99
C VAL A 709 -29.45 -2.57 -14.26
N GLY A 710 -28.82 -1.38 -14.32
CA GLY A 710 -29.03 -0.29 -13.34
C GLY A 710 -29.78 0.92 -13.90
N ALA A 711 -30.61 0.74 -14.93
CA ALA A 711 -31.54 1.77 -15.47
C ALA A 711 -33.00 1.41 -15.16
N ASP A 712 -33.28 0.13 -14.88
CA ASP A 712 -34.64 -0.46 -14.74
C ASP A 712 -35.35 0.14 -13.53
N ASN A 713 -34.62 0.27 -12.42
CA ASN A 713 -35.08 0.91 -11.15
C ASN A 713 -35.69 2.27 -11.46
N ILE A 714 -34.89 3.16 -12.07
CA ILE A 714 -35.28 4.55 -12.45
C ILE A 714 -36.48 4.49 -13.40
N PHE A 715 -36.44 3.61 -14.40
CA PHE A 715 -37.50 3.48 -15.45
C PHE A 715 -38.84 3.17 -14.78
N ILE A 716 -38.87 2.14 -13.93
CA ILE A 716 -40.08 1.73 -13.15
C ILE A 716 -40.54 2.89 -12.26
N PHE A 717 -39.59 3.59 -11.60
CA PHE A 717 -39.88 4.74 -10.70
C PHE A 717 -40.60 5.85 -11.47
N VAL A 718 -40.04 6.27 -12.62
CA VAL A 718 -40.63 7.37 -13.46
C VAL A 718 -42.01 6.91 -13.96
N LEU A 719 -42.13 5.68 -14.45
CA LEU A 719 -43.41 5.11 -14.96
C LEU A 719 -44.49 5.15 -13.86
N GLU A 720 -44.15 4.75 -12.63
CA GLU A 720 -45.08 4.79 -11.47
C GLU A 720 -45.47 6.24 -11.16
N TYR A 721 -44.49 7.14 -11.09
CA TYR A 721 -44.70 8.59 -10.81
C TYR A 721 -45.66 9.18 -11.86
N GLN A 722 -45.49 8.81 -13.13
CA GLN A 722 -46.37 9.27 -14.25
C GLN A 722 -47.78 8.69 -14.11
N ARG A 723 -47.89 7.41 -13.70
CA ARG A 723 -49.18 6.68 -13.62
C ARG A 723 -49.98 7.05 -12.36
N LEU A 724 -49.39 7.77 -11.40
CA LEU A 724 -50.08 8.16 -10.13
C LEU A 724 -50.92 9.41 -10.37
N PRO A 725 -52.24 9.39 -10.06
CA PRO A 725 -53.07 10.60 -10.13
C PRO A 725 -52.80 11.48 -8.91
N ARG A 726 -52.31 12.71 -9.14
CA ARG A 726 -52.04 13.72 -8.07
C ARG A 726 -53.37 14.05 -7.38
N ARG A 727 -53.40 13.95 -6.04
CA ARG A 727 -54.59 14.27 -5.22
C ARG A 727 -54.82 15.78 -5.25
N PRO A 728 -56.08 16.27 -5.18
CA PRO A 728 -56.35 17.71 -5.19
C PRO A 728 -55.77 18.43 -3.96
N GLY A 729 -54.98 19.49 -4.19
CA GLY A 729 -54.32 20.28 -3.14
C GLY A 729 -53.16 19.53 -2.50
N GLU A 730 -52.31 18.90 -3.33
CA GLU A 730 -51.08 18.16 -2.91
C GLU A 730 -49.90 18.74 -3.70
N PRO A 731 -48.82 19.24 -3.03
CA PRO A 731 -47.64 19.71 -3.75
C PRO A 731 -46.86 18.56 -4.40
N ARG A 732 -46.13 18.88 -5.49
CA ARG A 732 -45.44 17.89 -6.36
C ARG A 732 -44.40 17.10 -5.55
N GLU A 733 -43.80 17.72 -4.52
CA GLU A 733 -42.77 17.10 -3.63
C GLU A 733 -43.39 15.88 -2.92
N VAL A 734 -44.61 16.02 -2.39
CA VAL A 734 -45.35 14.94 -1.66
C VAL A 734 -45.77 13.88 -2.68
N HIS A 735 -46.16 14.28 -3.89
CA HIS A 735 -46.55 13.37 -5.01
C HIS A 735 -45.35 12.48 -5.38
N ILE A 736 -44.16 13.08 -5.57
CA ILE A 736 -42.90 12.35 -5.88
C ILE A 736 -42.53 11.45 -4.70
N GLY A 737 -42.62 11.97 -3.47
CA GLY A 737 -42.47 11.20 -2.22
C GLY A 737 -43.33 9.95 -2.22
N ARG A 738 -44.62 10.11 -2.53
CA ARG A 738 -45.64 9.01 -2.55
C ARG A 738 -45.27 7.97 -3.61
N ALA A 739 -44.90 8.43 -4.83
CA ALA A 739 -44.45 7.57 -5.95
C ALA A 739 -43.24 6.74 -5.50
N LEU A 740 -42.22 7.38 -4.91
CA LEU A 740 -41.01 6.69 -4.40
C LEU A 740 -41.43 5.70 -3.30
N GLY A 741 -42.31 6.13 -2.38
CA GLY A 741 -42.89 5.30 -1.31
C GLY A 741 -43.55 4.04 -1.86
N ARG A 742 -44.19 4.12 -3.03
CA ARG A 742 -44.86 2.96 -3.68
C ARG A 742 -43.81 1.98 -4.23
N VAL A 743 -42.84 2.46 -5.01
CA VAL A 743 -41.91 1.58 -5.81
C VAL A 743 -40.50 1.56 -5.22
N ALA A 744 -40.31 1.90 -3.94
CA ALA A 744 -39.01 1.81 -3.23
C ALA A 744 -38.69 0.37 -2.84
N PRO A 745 -39.62 -0.39 -2.20
CA PRO A 745 -39.32 -1.75 -1.75
C PRO A 745 -38.83 -2.67 -2.87
N SER A 746 -39.50 -2.63 -4.03
CA SER A 746 -39.19 -3.44 -5.24
C SER A 746 -37.79 -3.09 -5.77
N MET A 747 -37.49 -1.79 -5.90
CA MET A 747 -36.17 -1.26 -6.34
C MET A 747 -35.07 -1.70 -5.37
N LEU A 748 -35.30 -1.53 -4.05
CA LEU A 748 -34.35 -1.94 -2.98
C LEU A 748 -34.10 -3.45 -3.08
N LEU A 749 -35.16 -4.25 -3.16
CA LEU A 749 -35.08 -5.74 -3.30
C LEU A 749 -34.17 -6.09 -4.49
N CYS A 750 -34.52 -5.60 -5.69
CA CYS A 750 -33.79 -5.86 -6.97
C CYS A 750 -32.31 -5.53 -6.81
N SER A 751 -32.00 -4.33 -6.29
CA SER A 751 -30.62 -3.84 -6.02
C SER A 751 -29.90 -4.78 -5.05
N LEU A 752 -30.53 -5.12 -3.92
CA LEU A 752 -29.94 -5.98 -2.86
C LEU A 752 -29.66 -7.38 -3.43
N SER A 753 -30.63 -7.96 -4.15
CA SER A 753 -30.51 -9.30 -4.82
C SER A 753 -29.29 -9.32 -5.75
N GLU A 754 -29.18 -8.31 -6.63
CA GLU A 754 -28.05 -8.16 -7.59
C GLU A 754 -26.72 -8.03 -6.84
N ALA A 755 -26.66 -7.14 -5.85
CA ALA A 755 -25.46 -6.89 -5.01
C ALA A 755 -25.03 -8.20 -4.33
N ILE A 756 -25.93 -8.81 -3.54
CA ILE A 756 -25.68 -10.09 -2.81
C ILE A 756 -25.11 -11.13 -3.80
N CYS A 757 -25.81 -11.35 -4.91
CA CYS A 757 -25.45 -12.36 -5.94
C CYS A 757 -24.03 -12.09 -6.46
N PHE A 758 -23.70 -10.85 -6.79
CA PHE A 758 -22.35 -10.45 -7.28
C PHE A 758 -21.29 -10.70 -6.20
N PHE A 759 -21.56 -10.30 -4.95
CA PHE A 759 -20.62 -10.44 -3.80
C PHE A 759 -20.45 -11.91 -3.42
N LEU A 760 -21.41 -12.79 -3.73
CA LEU A 760 -21.29 -14.26 -3.53
C LEU A 760 -20.59 -14.91 -4.73
N GLY A 761 -20.87 -14.43 -5.95
CA GLY A 761 -20.15 -14.79 -7.18
C GLY A 761 -18.67 -14.47 -7.11
N ALA A 762 -18.29 -13.48 -6.29
CA ALA A 762 -16.90 -13.02 -6.06
C ALA A 762 -16.06 -14.06 -5.29
N LEU A 763 -16.64 -15.18 -4.84
CA LEU A 763 -15.90 -16.28 -4.15
C LEU A 763 -15.20 -17.21 -5.15
N THR A 764 -15.19 -16.89 -6.45
CA THR A 764 -14.44 -17.64 -7.50
C THR A 764 -12.94 -17.55 -7.23
N PRO A 765 -12.17 -18.63 -7.47
CA PRO A 765 -10.73 -18.62 -7.22
C PRO A 765 -9.94 -17.75 -8.22
N MET A 766 -10.48 -17.52 -9.42
CA MET A 766 -9.84 -16.72 -10.50
C MET A 766 -9.85 -15.24 -10.10
N PRO A 767 -8.66 -14.59 -9.95
CA PRO A 767 -8.60 -13.18 -9.54
C PRO A 767 -9.35 -12.19 -10.45
N ALA A 768 -9.35 -12.45 -11.76
CA ALA A 768 -10.02 -11.63 -12.80
C ALA A 768 -11.53 -11.56 -12.53
N VAL A 769 -12.18 -12.74 -12.43
CA VAL A 769 -13.65 -12.90 -12.18
C VAL A 769 -13.98 -12.33 -10.79
N ARG A 770 -13.12 -12.60 -9.79
CA ARG A 770 -13.24 -12.08 -8.40
C ARG A 770 -13.35 -10.55 -8.45
N THR A 771 -12.34 -9.89 -9.02
CA THR A 771 -12.26 -8.39 -9.15
C THR A 771 -13.49 -7.89 -9.90
N PHE A 772 -13.83 -8.51 -11.04
CA PHE A 772 -15.01 -8.16 -11.89
C PHE A 772 -16.29 -8.20 -11.05
N ALA A 773 -16.51 -9.31 -10.31
CA ALA A 773 -17.69 -9.55 -9.47
C ALA A 773 -17.80 -8.48 -8.37
N LEU A 774 -16.69 -8.21 -7.67
CA LEU A 774 -16.60 -7.18 -6.60
C LEU A 774 -16.89 -5.79 -7.19
N THR A 775 -16.34 -5.46 -8.36
CA THR A 775 -16.55 -4.18 -9.08
C THR A 775 -18.05 -4.00 -9.35
N SER A 776 -18.66 -4.98 -10.02
CA SER A 776 -20.11 -5.02 -10.37
C SER A 776 -20.98 -4.86 -9.12
N GLY A 777 -20.62 -5.56 -8.03
CA GLY A 777 -21.29 -5.48 -6.72
C GLY A 777 -21.30 -4.05 -6.18
N LEU A 778 -20.12 -3.43 -6.05
CA LEU A 778 -19.95 -2.04 -5.55
C LEU A 778 -20.66 -1.05 -6.48
N ALA A 779 -20.53 -1.24 -7.80
CA ALA A 779 -21.17 -0.40 -8.84
C ALA A 779 -22.69 -0.37 -8.63
N VAL A 780 -23.32 -1.54 -8.45
CA VAL A 780 -24.79 -1.71 -8.21
C VAL A 780 -25.16 -1.00 -6.90
N ILE A 781 -24.38 -1.18 -5.82
CA ILE A 781 -24.62 -0.53 -4.49
C ILE A 781 -24.64 1.00 -4.68
N LEU A 782 -23.57 1.56 -5.24
CA LEU A 782 -23.44 3.03 -5.47
C LEU A 782 -24.55 3.52 -6.42
N ASP A 783 -24.88 2.73 -7.45
CA ASP A 783 -25.97 3.06 -8.41
C ASP A 783 -27.28 3.28 -7.63
N PHE A 784 -27.68 2.31 -6.78
CA PHE A 784 -28.90 2.40 -5.94
C PHE A 784 -28.84 3.63 -5.03
N LEU A 785 -27.70 3.85 -4.37
CA LEU A 785 -27.47 5.01 -3.46
C LEU A 785 -27.61 6.33 -4.23
N LEU A 786 -27.21 6.37 -5.51
CA LEU A 786 -27.38 7.57 -6.39
C LEU A 786 -28.84 7.70 -6.84
N GLN A 787 -29.47 6.60 -7.23
CA GLN A 787 -30.89 6.55 -7.68
C GLN A 787 -31.83 7.05 -6.57
N MET A 788 -31.47 6.84 -5.30
CA MET A 788 -32.29 7.25 -4.13
C MET A 788 -32.28 8.79 -3.97
N SER A 789 -31.13 9.45 -4.19
CA SER A 789 -30.93 10.89 -3.91
C SER A 789 -30.87 11.71 -5.21
N ALA A 790 -29.83 11.49 -6.03
CA ALA A 790 -29.47 12.32 -7.20
C ALA A 790 -30.62 12.33 -8.22
N PHE A 791 -31.08 11.15 -8.63
CA PHE A 791 -32.14 11.01 -9.67
C PHE A 791 -33.48 11.55 -9.15
N VAL A 792 -33.81 11.32 -7.87
CA VAL A 792 -35.09 11.81 -7.26
C VAL A 792 -35.09 13.34 -7.29
N ALA A 793 -33.97 13.96 -6.91
CA ALA A 793 -33.75 15.43 -6.98
C ALA A 793 -33.92 15.93 -8.41
N LEU A 794 -33.34 15.21 -9.39
CA LEU A 794 -33.38 15.60 -10.83
C LEU A 794 -34.82 15.45 -11.38
N LEU A 795 -35.54 14.39 -10.98
CA LEU A 795 -36.97 14.17 -11.35
C LEU A 795 -37.81 15.32 -10.79
N SER A 796 -37.55 15.73 -9.55
CA SER A 796 -38.23 16.88 -8.89
C SER A 796 -37.99 18.16 -9.70
N LEU A 797 -36.76 18.40 -10.15
CA LEU A 797 -36.41 19.57 -11.01
C LEU A 797 -37.11 19.46 -12.37
N ASP A 798 -37.03 18.30 -13.03
CA ASP A 798 -37.67 18.04 -14.35
C ASP A 798 -39.18 18.29 -14.26
N SER A 799 -39.83 17.71 -13.24
CA SER A 799 -41.27 17.89 -12.93
C SER A 799 -41.59 19.38 -12.72
N LYS A 800 -40.73 20.10 -11.98
CA LYS A 800 -40.86 21.56 -11.75
C LYS A 800 -40.83 22.31 -13.09
N ARG A 801 -39.92 21.94 -14.00
CA ARG A 801 -39.82 22.53 -15.36
C ARG A 801 -41.10 22.22 -16.16
N GLN A 802 -41.62 21.00 -16.02
CA GLN A 802 -42.91 20.56 -16.66
C GLN A 802 -44.05 21.46 -16.17
N GLU A 803 -44.17 21.67 -14.85
CA GLU A 803 -45.25 22.46 -14.20
C GLU A 803 -45.24 23.91 -14.74
N ALA A 804 -44.04 24.48 -14.94
CA ALA A 804 -43.82 25.82 -15.53
C ALA A 804 -44.09 25.82 -17.04
N SER A 805 -44.28 24.64 -17.65
CA SER A 805 -44.68 24.42 -19.07
C SER A 805 -43.57 24.90 -20.01
N ARG A 806 -42.33 24.49 -19.74
CA ARG A 806 -41.10 24.94 -20.47
C ARG A 806 -40.59 23.80 -21.36
N LEU A 807 -39.70 24.14 -22.30
CA LEU A 807 -39.26 23.22 -23.40
C LEU A 807 -38.62 21.97 -22.81
N ASP A 808 -38.65 20.89 -23.59
CA ASP A 808 -38.37 19.49 -23.17
C ASP A 808 -37.00 19.39 -22.51
N VAL A 809 -35.98 19.93 -23.17
CA VAL A 809 -34.55 19.78 -22.79
C VAL A 809 -33.96 21.17 -22.54
N CYS A 810 -33.99 22.05 -23.54
CA CYS A 810 -33.45 23.43 -23.48
C CYS A 810 -34.46 24.31 -22.75
N CYS A 811 -34.43 24.29 -21.42
CA CYS A 811 -35.37 24.99 -20.50
C CYS A 811 -35.22 26.52 -20.61
N CYS A 812 -34.07 27.00 -21.12
CA CYS A 812 -33.74 28.44 -21.30
C CYS A 812 -34.71 29.14 -22.27
N VAL A 813 -35.21 28.42 -23.28
CA VAL A 813 -36.19 28.93 -24.29
C VAL A 813 -37.52 29.24 -23.59
N LYS A 814 -37.97 28.37 -22.67
CA LYS A 814 -39.20 28.50 -21.83
C LYS A 814 -40.43 28.22 -22.71
N PRO A 815 -41.68 28.60 -22.33
CA PRO A 815 -42.85 28.23 -23.15
C PRO A 815 -42.82 28.96 -24.49
N GLN A 816 -43.08 28.22 -25.58
CA GLN A 816 -43.11 28.78 -26.96
C GLN A 816 -44.15 29.91 -27.01
N GLU A 817 -45.35 29.67 -26.46
CA GLU A 817 -46.43 30.69 -26.37
C GLU A 817 -47.49 30.25 -25.34
N LEU A 818 -48.44 29.40 -25.75
CA LEU A 818 -49.60 28.95 -24.94
C LEU A 818 -49.91 27.50 -25.29
N PRO A 819 -49.01 26.53 -24.94
CA PRO A 819 -49.24 25.13 -25.28
C PRO A 819 -50.58 24.63 -24.74
N PRO A 820 -51.41 23.94 -25.56
CA PRO A 820 -52.69 23.42 -25.08
C PRO A 820 -52.49 22.40 -23.96
N PRO A 821 -53.34 22.39 -22.90
CA PRO A 821 -53.16 21.49 -21.76
C PRO A 821 -53.09 20.01 -22.15
N GLY A 822 -52.19 19.25 -21.50
CA GLY A 822 -51.88 17.85 -21.82
C GLY A 822 -52.47 16.87 -20.81
N GLN A 823 -53.21 15.88 -21.30
CA GLN A 823 -53.77 14.76 -20.51
C GLN A 823 -53.95 13.56 -21.46
N GLY A 824 -53.46 12.38 -21.07
CA GLY A 824 -53.50 11.14 -21.89
C GLY A 824 -53.81 9.92 -21.05
N GLU A 825 -54.00 8.77 -21.72
CA GLU A 825 -54.38 7.47 -21.11
C GLU A 825 -53.26 6.43 -21.27
N GLY A 826 -52.13 6.81 -21.89
CA GLY A 826 -51.01 5.90 -22.17
C GLY A 826 -51.25 5.04 -23.41
N LEU A 827 -50.27 4.99 -24.31
CA LEU A 827 -50.27 4.12 -25.52
C LEU A 827 -49.86 2.69 -25.12
N LEU A 828 -48.84 2.54 -24.26
CA LEU A 828 -48.36 1.21 -23.77
C LEU A 828 -49.52 0.47 -23.08
N LEU A 829 -50.08 1.08 -22.03
CA LEU A 829 -51.22 0.53 -21.25
C LEU A 829 -52.42 0.28 -22.19
N GLY A 830 -52.66 1.20 -23.13
CA GLY A 830 -53.68 1.06 -24.20
C GLY A 830 -53.49 -0.22 -24.99
N PHE A 831 -52.32 -0.39 -25.61
CA PHE A 831 -51.94 -1.60 -26.41
C PHE A 831 -52.07 -2.86 -25.55
N PHE A 832 -51.50 -2.83 -24.35
CA PHE A 832 -51.52 -3.94 -23.35
C PHE A 832 -52.98 -4.36 -23.08
N GLN A 833 -53.79 -3.42 -22.59
CA GLN A 833 -55.19 -3.65 -22.12
C GLN A 833 -56.08 -4.09 -23.29
N LYS A 834 -55.79 -3.65 -24.51
CA LYS A 834 -56.58 -3.97 -25.73
C LYS A 834 -56.17 -5.35 -26.28
N ALA A 835 -54.87 -5.64 -26.39
CA ALA A 835 -54.32 -6.82 -27.10
C ALA A 835 -53.90 -7.91 -26.09
N TYR A 836 -52.91 -7.63 -25.23
CA TYR A 836 -52.06 -8.66 -24.57
C TYR A 836 -52.87 -9.48 -23.56
N ALA A 837 -53.39 -8.84 -22.52
CA ALA A 837 -54.03 -9.48 -21.35
C ALA A 837 -55.26 -10.29 -21.77
N PRO A 838 -56.16 -9.79 -22.66
CA PRO A 838 -57.24 -10.62 -23.20
C PRO A 838 -56.76 -11.85 -23.97
N PHE A 839 -55.72 -11.70 -24.82
CA PHE A 839 -55.13 -12.77 -25.66
C PHE A 839 -54.39 -13.78 -24.77
N LEU A 840 -53.54 -13.30 -23.86
CA LEU A 840 -52.70 -14.15 -22.96
C LEU A 840 -53.61 -14.98 -22.04
N LEU A 841 -54.47 -14.31 -21.26
CA LEU A 841 -55.35 -14.94 -20.24
C LEU A 841 -56.68 -15.39 -20.88
N HIS A 842 -56.69 -15.73 -22.18
CA HIS A 842 -57.79 -16.48 -22.83
C HIS A 842 -57.79 -17.92 -22.29
N TRP A 843 -58.98 -18.48 -22.05
CA TRP A 843 -59.20 -19.85 -21.49
C TRP A 843 -58.36 -20.88 -22.25
N ILE A 844 -58.27 -20.75 -23.58
CA ILE A 844 -57.56 -21.69 -24.51
C ILE A 844 -56.04 -21.50 -24.35
N THR A 845 -55.56 -20.25 -24.43
CA THR A 845 -54.11 -19.88 -24.48
C THR A 845 -53.36 -20.38 -23.23
N ARG A 846 -53.93 -20.16 -22.03
CA ARG A 846 -53.25 -20.42 -20.72
C ARG A 846 -52.72 -21.86 -20.67
N GLY A 847 -53.55 -22.83 -21.06
CA GLY A 847 -53.17 -24.25 -21.18
C GLY A 847 -52.00 -24.45 -22.13
N VAL A 848 -52.00 -23.75 -23.28
CA VAL A 848 -50.97 -23.87 -24.36
C VAL A 848 -49.62 -23.43 -23.80
N VAL A 849 -49.55 -22.25 -23.19
CA VAL A 849 -48.27 -21.68 -22.66
C VAL A 849 -47.80 -22.53 -21.48
N LEU A 850 -48.72 -23.05 -20.65
CA LEU A 850 -48.37 -23.88 -19.47
C LEU A 850 -47.72 -25.19 -19.94
N LEU A 851 -48.36 -25.93 -20.85
CA LEU A 851 -47.80 -27.20 -21.40
C LEU A 851 -46.51 -26.91 -22.18
N LEU A 852 -46.43 -25.78 -22.90
CA LEU A 852 -45.23 -25.36 -23.67
C LEU A 852 -44.04 -25.16 -22.72
N PHE A 853 -44.23 -24.41 -21.64
CA PHE A 853 -43.16 -24.06 -20.66
C PHE A 853 -42.73 -25.31 -19.87
N LEU A 854 -43.67 -26.19 -19.50
CA LEU A 854 -43.36 -27.50 -18.84
C LEU A 854 -42.51 -28.36 -19.78
N ALA A 855 -42.91 -28.47 -21.05
CA ALA A 855 -42.16 -29.19 -22.11
C ALA A 855 -40.76 -28.57 -22.27
N LEU A 856 -40.69 -27.23 -22.33
CA LEU A 856 -39.40 -26.48 -22.50
C LEU A 856 -38.46 -26.80 -21.32
N PHE A 857 -38.97 -26.72 -20.08
CA PHE A 857 -38.21 -27.04 -18.84
C PHE A 857 -37.68 -28.48 -18.92
N GLY A 858 -38.55 -29.43 -19.32
CA GLY A 858 -38.21 -30.85 -19.51
C GLY A 858 -37.08 -31.04 -20.52
N VAL A 859 -37.20 -30.43 -21.70
CA VAL A 859 -36.17 -30.48 -22.80
C VAL A 859 -34.86 -29.89 -22.28
N SER A 860 -34.92 -28.71 -21.65
CA SER A 860 -33.75 -28.02 -21.04
C SER A 860 -33.06 -28.94 -20.03
N LEU A 861 -33.82 -29.56 -19.11
CA LEU A 861 -33.28 -30.41 -18.02
C LEU A 861 -32.67 -31.69 -18.60
N TYR A 862 -33.16 -32.17 -19.75
CA TYR A 862 -32.54 -33.28 -20.53
C TYR A 862 -31.24 -32.79 -21.18
N SER A 863 -31.30 -31.68 -21.92
CA SER A 863 -30.18 -31.11 -22.73
C SER A 863 -29.02 -30.62 -21.84
N MET A 864 -29.27 -30.38 -20.55
CA MET A 864 -28.24 -30.01 -19.52
C MET A 864 -27.12 -31.05 -19.48
N CYS A 865 -27.43 -32.33 -19.66
CA CYS A 865 -26.47 -33.47 -19.62
C CYS A 865 -25.38 -33.33 -20.70
N HIS A 866 -25.72 -32.76 -21.86
CA HIS A 866 -24.79 -32.53 -23.01
C HIS A 866 -24.06 -31.18 -22.82
N ILE A 867 -23.48 -30.95 -21.65
CA ILE A 867 -22.68 -29.73 -21.32
C ILE A 867 -21.19 -30.06 -21.51
N SER A 868 -20.37 -29.04 -21.76
CA SER A 868 -18.90 -29.14 -21.93
C SER A 868 -18.20 -28.23 -20.90
N VAL A 869 -17.71 -28.81 -19.81
CA VAL A 869 -16.99 -28.08 -18.72
C VAL A 869 -15.60 -27.69 -19.24
N GLY A 870 -15.15 -26.47 -18.89
CA GLY A 870 -13.80 -25.95 -19.16
C GLY A 870 -13.81 -24.84 -20.22
N LEU A 871 -13.31 -23.65 -19.86
CA LEU A 871 -13.07 -22.52 -20.80
C LEU A 871 -11.98 -22.95 -21.80
N ASP A 872 -12.26 -22.79 -23.09
CA ASP A 872 -11.29 -23.06 -24.20
C ASP A 872 -10.21 -21.98 -24.24
N GLN A 873 -9.10 -22.30 -24.89
CA GLN A 873 -7.83 -21.52 -24.85
C GLN A 873 -7.83 -20.47 -25.97
N GLU A 874 -8.04 -20.91 -27.21
CA GLU A 874 -7.99 -20.08 -28.44
C GLU A 874 -9.28 -19.25 -28.58
N LEU A 875 -10.36 -19.63 -27.86
CA LEU A 875 -11.66 -18.91 -27.87
C LEU A 875 -11.62 -17.65 -26.98
N ALA A 876 -10.51 -17.38 -26.28
CA ALA A 876 -10.29 -16.14 -25.50
C ALA A 876 -9.55 -15.09 -26.35
N LEU A 877 -9.16 -15.43 -27.58
CA LEU A 877 -8.41 -14.55 -28.52
C LEU A 877 -9.37 -13.89 -29.50
N PRO A 878 -9.01 -12.73 -30.09
CA PRO A 878 -9.74 -12.16 -31.22
C PRO A 878 -9.79 -13.09 -32.45
N LYS A 879 -10.79 -12.91 -33.31
CA LYS A 879 -11.12 -13.81 -34.45
C LYS A 879 -10.18 -13.53 -35.65
N ASP A 880 -9.38 -12.45 -35.58
CA ASP A 880 -8.43 -12.02 -36.65
C ASP A 880 -6.97 -12.25 -36.21
N SER A 881 -6.75 -12.95 -35.10
CA SER A 881 -5.40 -13.24 -34.54
C SER A 881 -4.69 -14.31 -35.37
N TYR A 882 -3.35 -14.31 -35.35
CA TYR A 882 -2.47 -15.31 -36.01
C TYR A 882 -2.34 -16.56 -35.14
N LEU A 883 -2.51 -16.40 -33.82
CA LEU A 883 -2.46 -17.51 -32.82
C LEU A 883 -3.54 -18.56 -33.10
N LEU A 884 -4.67 -18.15 -33.70
CA LEU A 884 -5.75 -19.08 -34.16
C LEU A 884 -5.16 -20.07 -35.16
N ASP A 885 -4.54 -19.55 -36.23
CA ASP A 885 -3.88 -20.35 -37.31
C ASP A 885 -2.74 -21.18 -36.71
N TYR A 886 -1.98 -20.61 -35.77
CA TYR A 886 -0.88 -21.29 -35.04
C TYR A 886 -1.43 -22.51 -34.28
N PHE A 887 -2.48 -22.32 -33.49
CA PHE A 887 -3.11 -23.38 -32.66
C PHE A 887 -3.75 -24.44 -33.56
N LEU A 888 -4.33 -24.04 -34.69
CA LEU A 888 -4.83 -24.96 -35.76
C LEU A 888 -3.67 -25.89 -36.17
N PHE A 889 -2.55 -25.31 -36.61
CA PHE A 889 -1.32 -26.04 -37.05
C PHE A 889 -0.78 -26.93 -35.91
N LEU A 890 -0.71 -26.39 -34.68
CA LEU A 890 -0.23 -27.12 -33.48
C LEU A 890 -1.08 -28.37 -33.28
N ASN A 891 -2.40 -28.22 -33.20
CA ASN A 891 -3.37 -29.32 -32.94
C ASN A 891 -3.41 -30.30 -34.11
N ARG A 892 -3.06 -29.87 -35.33
CA ARG A 892 -3.10 -30.70 -36.56
C ARG A 892 -1.80 -31.52 -36.69
N TYR A 893 -0.63 -30.87 -36.58
CA TYR A 893 0.67 -31.41 -37.07
C TYR A 893 1.58 -31.93 -35.94
N PHE A 894 1.42 -31.50 -34.68
CA PHE A 894 2.32 -31.88 -33.56
C PHE A 894 2.08 -33.34 -33.13
N GLU A 895 3.10 -33.94 -32.52
CA GLU A 895 3.15 -35.39 -32.15
C GLU A 895 3.29 -35.61 -30.64
N VAL A 896 3.81 -34.63 -29.88
CA VAL A 896 3.85 -34.66 -28.39
C VAL A 896 3.45 -33.28 -27.85
N GLY A 897 2.65 -33.23 -26.79
CA GLY A 897 2.19 -31.98 -26.14
C GLY A 897 3.28 -31.36 -25.30
N ALA A 898 2.90 -30.71 -24.19
CA ALA A 898 3.82 -30.08 -23.21
C ALA A 898 4.58 -31.17 -22.46
N PRO A 899 5.83 -30.91 -22.02
CA PRO A 899 6.58 -31.89 -21.22
C PRO A 899 6.15 -31.88 -19.75
N VAL A 900 5.73 -33.04 -19.21
CA VAL A 900 5.40 -33.23 -17.77
C VAL A 900 6.70 -33.51 -17.01
N TYR A 901 6.81 -32.92 -15.81
CA TYR A 901 7.97 -33.10 -14.89
C TYR A 901 7.46 -33.76 -13.61
N PHE A 902 7.72 -35.07 -13.47
CA PHE A 902 7.40 -35.84 -12.24
C PHE A 902 8.41 -35.45 -11.15
N VAL A 903 8.20 -34.27 -10.56
CA VAL A 903 9.11 -33.66 -9.53
C VAL A 903 8.94 -34.47 -8.24
N THR A 904 10.04 -35.03 -7.73
CA THR A 904 10.12 -35.78 -6.44
C THR A 904 10.55 -34.78 -5.36
N THR A 905 9.70 -34.54 -4.35
CA THR A 905 9.97 -33.59 -3.23
C THR A 905 11.11 -34.16 -2.35
N LEU A 906 11.59 -33.34 -1.41
CA LEU A 906 12.70 -33.68 -0.49
C LEU A 906 12.25 -34.71 0.56
N GLY A 907 13.22 -35.34 1.22
CA GLY A 907 13.02 -36.39 2.24
C GLY A 907 13.14 -37.79 1.66
N TYR A 908 13.95 -37.96 0.61
CA TYR A 908 14.26 -39.27 -0.04
C TYR A 908 15.78 -39.50 0.00
N ASN A 909 16.19 -40.67 0.48
CA ASN A 909 17.61 -41.06 0.63
C ASN A 909 18.06 -41.85 -0.60
N PHE A 910 18.35 -41.12 -1.69
CA PHE A 910 18.83 -41.66 -2.99
C PHE A 910 20.21 -42.33 -2.82
N SER A 911 20.98 -41.96 -1.80
CA SER A 911 22.33 -42.51 -1.49
C SER A 911 22.25 -43.99 -1.08
N SER A 912 21.06 -44.50 -0.73
CA SER A 912 20.83 -45.93 -0.36
C SER A 912 20.79 -46.82 -1.62
N GLU A 913 20.70 -48.14 -1.43
CA GLU A 913 20.64 -49.16 -2.52
C GLU A 913 19.19 -49.34 -2.97
N ALA A 914 18.27 -49.55 -2.01
CA ALA A 914 16.81 -49.69 -2.24
C ALA A 914 16.23 -48.37 -2.80
N GLY A 915 16.85 -47.23 -2.45
CA GLY A 915 16.50 -45.89 -2.96
C GLY A 915 16.67 -45.79 -4.47
N MET A 916 17.85 -46.18 -4.98
CA MET A 916 18.18 -46.21 -6.43
C MET A 916 17.42 -47.38 -7.10
N ASN A 917 17.21 -48.48 -6.39
CA ASN A 917 16.58 -49.72 -6.91
C ASN A 917 15.14 -49.44 -7.37
N ALA A 918 14.38 -48.64 -6.61
CA ALA A 918 12.92 -48.41 -6.80
C ALA A 918 12.63 -47.30 -7.82
N ILE A 919 13.67 -46.72 -8.44
CA ILE A 919 13.56 -45.70 -9.52
C ILE A 919 14.07 -46.29 -10.85
N CYS A 920 14.71 -47.47 -10.80
CA CYS A 920 15.46 -48.10 -11.93
C CYS A 920 14.47 -48.74 -12.92
N SER A 921 14.88 -48.83 -14.20
CA SER A 921 14.15 -49.51 -15.30
C SER A 921 14.94 -50.72 -15.84
N SER A 922 16.28 -50.68 -15.77
CA SER A 922 17.19 -51.71 -16.36
C SER A 922 17.19 -53.00 -15.51
N ALA A 923 17.94 -54.02 -15.96
CA ALA A 923 18.08 -55.33 -15.29
C ALA A 923 18.84 -55.18 -13.95
N GLY A 924 18.62 -56.12 -13.03
CA GLY A 924 19.19 -56.11 -11.67
C GLY A 924 18.46 -55.14 -10.75
N CYS A 925 17.20 -54.81 -11.07
CA CYS A 925 16.34 -53.82 -10.36
C CYS A 925 14.97 -54.44 -10.08
N ASN A 926 14.25 -53.90 -9.09
CA ASN A 926 12.92 -54.42 -8.64
C ASN A 926 11.87 -54.14 -9.72
N ASN A 927 10.78 -54.91 -9.71
CA ASN A 927 9.67 -54.84 -10.70
C ASN A 927 8.65 -53.78 -10.27
N PHE A 928 8.03 -53.11 -11.25
CA PHE A 928 7.02 -52.04 -11.07
C PHE A 928 7.61 -50.88 -10.26
N SER A 929 8.79 -50.40 -10.69
CA SER A 929 9.50 -49.21 -10.15
C SER A 929 8.95 -47.94 -10.81
N PHE A 930 9.42 -46.77 -10.36
CA PHE A 930 9.03 -45.41 -10.82
C PHE A 930 8.93 -45.38 -12.35
N THR A 931 10.08 -45.55 -13.01
CA THR A 931 10.29 -45.31 -14.46
C THR A 931 9.68 -46.47 -15.27
N GLN A 932 9.71 -47.68 -14.71
CA GLN A 932 9.01 -48.88 -15.26
C GLN A 932 7.51 -48.59 -15.31
N LYS A 933 6.96 -47.96 -14.26
CA LYS A 933 5.51 -47.62 -14.15
C LYS A 933 5.14 -46.55 -15.18
N ILE A 934 6.00 -45.53 -15.38
CA ILE A 934 5.82 -44.49 -16.43
C ILE A 934 5.92 -45.16 -17.82
N GLN A 935 6.93 -46.01 -18.01
CA GLN A 935 7.16 -46.79 -19.28
C GLN A 935 5.91 -47.65 -19.58
N TYR A 936 5.30 -48.25 -18.56
CA TYR A 936 4.05 -49.04 -18.71
C TYR A 936 2.85 -48.11 -18.97
N ALA A 937 2.79 -46.97 -18.27
CA ALA A 937 1.70 -45.96 -18.41
C ALA A 937 1.64 -45.47 -19.86
N THR A 938 2.79 -45.20 -20.48
CA THR A 938 2.89 -44.65 -21.87
C THR A 938 2.62 -45.73 -22.94
N GLU A 939 2.33 -46.97 -22.55
CA GLU A 939 1.89 -48.04 -23.51
C GLU A 939 0.51 -47.69 -24.10
N PHE A 940 -0.43 -47.27 -23.25
CA PHE A 940 -1.81 -46.84 -23.64
C PHE A 940 -1.90 -45.33 -23.49
N PRO A 941 -1.61 -44.52 -24.56
CA PRO A 941 -1.65 -43.07 -24.45
C PRO A 941 -3.06 -42.47 -24.24
N GLU A 942 -4.12 -43.23 -24.58
CA GLU A 942 -5.54 -42.79 -24.44
C GLU A 942 -5.92 -42.69 -22.95
N GLN A 943 -5.71 -43.77 -22.19
CA GLN A 943 -6.14 -43.89 -20.76
C GLN A 943 -5.18 -43.10 -19.86
N SER A 944 -3.89 -43.03 -20.21
CA SER A 944 -2.86 -42.21 -19.52
C SER A 944 -2.19 -41.27 -20.53
N TYR A 945 -2.34 -39.95 -20.35
CA TYR A 945 -1.92 -38.91 -21.31
C TYR A 945 -0.40 -38.66 -21.17
N LEU A 946 0.41 -39.69 -21.43
CA LEU A 946 1.89 -39.61 -21.58
C LEU A 946 2.26 -40.43 -22.84
N ALA A 947 2.82 -39.79 -23.86
CA ALA A 947 3.14 -40.41 -25.17
C ALA A 947 4.65 -40.72 -25.28
N ILE A 948 5.45 -40.33 -24.29
CA ILE A 948 6.93 -40.60 -24.25
C ILE A 948 7.32 -41.02 -22.84
N PRO A 949 8.17 -42.09 -22.68
CA PRO A 949 8.66 -42.49 -21.36
C PRO A 949 9.55 -41.45 -20.66
N ALA A 950 9.82 -41.67 -19.36
CA ALA A 950 10.59 -40.74 -18.50
C ALA A 950 12.09 -40.91 -18.74
N SER A 951 12.81 -39.79 -18.89
CA SER A 951 14.30 -39.72 -18.94
C SER A 951 14.83 -39.60 -17.50
N SER A 952 15.25 -40.72 -16.92
CA SER A 952 15.68 -40.84 -15.50
C SER A 952 17.19 -40.65 -15.39
N TRP A 953 17.63 -39.74 -14.52
CA TRP A 953 19.06 -39.44 -14.23
C TRP A 953 19.71 -40.61 -13.49
N VAL A 954 18.97 -41.39 -12.68
CA VAL A 954 19.53 -42.48 -11.83
C VAL A 954 19.89 -43.68 -12.71
N ASP A 955 19.07 -44.00 -13.72
CA ASP A 955 19.31 -45.13 -14.67
C ASP A 955 20.53 -44.80 -15.53
N ASP A 956 20.59 -43.59 -16.08
CA ASP A 956 21.74 -43.07 -16.87
C ASP A 956 22.97 -42.88 -15.97
N PHE A 957 22.77 -42.66 -14.66
CA PHE A 957 23.85 -42.62 -13.64
C PHE A 957 24.48 -44.02 -13.51
N ILE A 958 23.66 -45.03 -13.16
CA ILE A 958 24.14 -46.44 -12.96
C ILE A 958 24.67 -46.98 -14.30
N ASP A 959 24.19 -46.44 -15.44
CA ASP A 959 24.71 -46.75 -16.80
C ASP A 959 26.06 -46.04 -17.02
N TRP A 960 26.25 -44.84 -16.46
CA TRP A 960 27.50 -44.03 -16.62
C TRP A 960 28.65 -44.64 -15.82
N LEU A 961 28.37 -45.22 -14.65
CA LEU A 961 29.38 -45.85 -13.75
C LEU A 961 29.73 -47.27 -14.22
N THR A 962 29.07 -47.80 -15.27
CA THR A 962 29.42 -49.10 -15.90
C THR A 962 30.86 -49.00 -16.42
N PRO A 963 31.71 -50.02 -16.20
CA PRO A 963 33.12 -49.96 -16.64
C PRO A 963 33.22 -50.00 -18.17
N SER A 964 33.00 -48.84 -18.80
CA SER A 964 33.08 -48.61 -20.27
C SER A 964 33.89 -47.34 -20.57
N SER A 965 34.81 -46.98 -19.67
CA SER A 965 35.76 -45.83 -19.78
C SER A 965 35.00 -44.52 -20.07
N CYS A 966 33.94 -44.23 -19.31
CA CYS A 966 33.25 -42.91 -19.26
C CYS A 966 33.85 -42.10 -18.10
N CYS A 967 33.79 -42.66 -16.89
CA CYS A 967 34.39 -42.13 -15.64
C CYS A 967 35.68 -42.92 -15.35
N ARG A 968 36.76 -42.20 -15.04
CA ARG A 968 38.11 -42.77 -14.82
C ARG A 968 38.90 -41.87 -13.85
N LEU A 969 39.63 -42.48 -12.92
CA LEU A 969 40.47 -41.78 -11.92
C LEU A 969 41.95 -41.96 -12.30
N TYR A 970 42.80 -41.01 -11.91
CA TYR A 970 44.26 -41.01 -12.24
C TYR A 970 44.97 -42.10 -11.43
N ILE A 971 45.59 -43.07 -12.11
CA ILE A 971 46.44 -44.17 -11.52
C ILE A 971 47.68 -43.57 -10.84
N SER A 972 48.18 -42.43 -11.34
CA SER A 972 49.34 -41.70 -10.78
C SER A 972 49.24 -40.21 -11.10
N GLY A 973 50.16 -39.39 -10.55
CA GLY A 973 50.27 -37.95 -10.81
C GLY A 973 49.81 -37.10 -9.63
N PRO A 974 49.80 -35.75 -9.75
CA PRO A 974 49.36 -34.87 -8.66
C PRO A 974 47.86 -34.93 -8.31
N ASN A 975 47.01 -35.39 -9.26
CA ASN A 975 45.53 -35.42 -9.16
C ASN A 975 45.07 -36.84 -8.85
N LYS A 976 45.69 -37.49 -7.85
CA LYS A 976 45.44 -38.91 -7.46
C LYS A 976 43.96 -39.13 -7.15
N ASP A 977 43.35 -40.15 -7.77
CA ASP A 977 41.93 -40.56 -7.58
C ASP A 977 41.00 -39.37 -7.87
N LYS A 978 41.31 -38.57 -8.91
CA LYS A 978 40.44 -37.47 -9.40
C LYS A 978 39.99 -37.80 -10.84
N PHE A 979 38.76 -37.40 -11.17
CA PHE A 979 38.07 -37.69 -12.45
C PHE A 979 38.85 -37.09 -13.63
N CYS A 980 39.44 -37.95 -14.45
CA CYS A 980 39.95 -37.59 -15.81
C CYS A 980 38.76 -37.66 -16.76
N PRO A 981 38.43 -36.59 -17.52
CA PRO A 981 37.29 -36.62 -18.45
C PRO A 981 37.47 -37.68 -19.55
N SER A 982 36.36 -38.10 -20.16
CA SER A 982 36.33 -39.09 -21.28
C SER A 982 37.11 -38.55 -22.49
N THR A 983 37.20 -37.23 -22.65
CA THR A 983 37.86 -36.54 -23.80
C THR A 983 39.37 -36.85 -23.82
N VAL A 984 40.05 -36.94 -22.66
CA VAL A 984 41.51 -37.24 -22.60
C VAL A 984 41.71 -38.73 -22.95
N ASN A 985 42.81 -39.04 -23.65
CA ASN A 985 43.15 -40.40 -24.16
C ASN A 985 44.53 -40.82 -23.62
N SER A 986 44.93 -40.27 -22.48
CA SER A 986 46.24 -40.53 -21.83
C SER A 986 46.16 -41.83 -21.01
N LEU A 987 47.33 -42.42 -20.69
CA LEU A 987 47.46 -43.68 -19.92
C LEU A 987 47.32 -43.39 -18.41
N ASN A 988 47.48 -42.13 -17.99
CA ASN A 988 47.59 -41.72 -16.56
C ASN A 988 46.27 -41.97 -15.81
N CYS A 989 45.13 -42.18 -16.50
CA CYS A 989 43.83 -42.55 -15.90
C CYS A 989 43.22 -43.76 -16.64
N LEU A 990 43.91 -44.91 -16.58
CA LEU A 990 43.38 -46.20 -17.11
C LEU A 990 42.60 -46.94 -16.02
N LYS A 991 42.56 -46.43 -14.78
CA LYS A 991 41.74 -47.00 -13.67
C LYS A 991 40.27 -46.71 -13.95
N ASN A 992 39.45 -47.76 -14.03
CA ASN A 992 37.97 -47.70 -14.15
C ASN A 992 37.38 -46.87 -12.99
N CYS A 993 36.18 -46.32 -13.17
CA CYS A 993 35.48 -45.44 -12.20
C CYS A 993 35.30 -46.14 -10.85
N MET A 994 34.88 -47.42 -10.87
CA MET A 994 34.58 -48.21 -9.65
C MET A 994 35.22 -49.60 -9.73
N SER A 995 34.96 -50.45 -8.73
CA SER A 995 35.57 -51.79 -8.54
C SER A 995 35.01 -52.80 -9.56
N ILE A 996 35.35 -54.08 -9.40
CA ILE A 996 34.88 -55.22 -10.26
C ILE A 996 33.34 -55.26 -10.26
N THR A 997 32.75 -55.69 -11.39
CA THR A 997 31.29 -55.76 -11.65
C THR A 997 30.95 -57.13 -12.23
N MET A 998 30.14 -57.92 -11.51
CA MET A 998 29.67 -59.28 -11.93
C MET A 998 28.15 -59.29 -12.10
N GLY A 999 27.40 -58.65 -11.19
CA GLY A 999 25.93 -58.55 -11.22
C GLY A 999 25.47 -57.22 -11.76
N SER A 1000 24.97 -56.34 -10.87
CA SER A 1000 24.48 -54.97 -11.18
C SER A 1000 25.38 -53.93 -10.49
N VAL A 1001 25.77 -52.87 -11.22
CA VAL A 1001 26.62 -51.74 -10.72
C VAL A 1001 25.77 -50.91 -9.76
N ARG A 1002 26.08 -50.94 -8.46
CA ARG A 1002 25.39 -50.17 -7.40
C ARG A 1002 26.43 -49.45 -6.55
N PRO A 1003 26.62 -48.12 -6.72
CA PRO A 1003 27.61 -47.38 -5.93
C PRO A 1003 27.24 -47.29 -4.45
N SER A 1004 28.24 -47.33 -3.57
CA SER A 1004 28.09 -47.11 -2.09
C SER A 1004 27.81 -45.62 -1.86
N VAL A 1005 27.59 -45.23 -0.59
CA VAL A 1005 27.24 -43.83 -0.19
C VAL A 1005 28.37 -42.90 -0.63
N GLU A 1006 29.62 -43.23 -0.29
CA GLU A 1006 30.85 -42.46 -0.65
C GLU A 1006 30.99 -42.36 -2.17
N GLN A 1007 30.83 -43.49 -2.87
CA GLN A 1007 30.92 -43.57 -4.36
C GLN A 1007 29.85 -42.65 -4.96
N PHE A 1008 28.61 -42.76 -4.49
CA PHE A 1008 27.44 -41.95 -4.92
C PHE A 1008 27.75 -40.46 -4.75
N HIS A 1009 28.07 -40.03 -3.52
CA HIS A 1009 28.34 -38.61 -3.16
C HIS A 1009 29.54 -38.05 -3.94
N LYS A 1010 30.54 -38.89 -4.25
CA LYS A 1010 31.76 -38.47 -4.99
C LYS A 1010 31.47 -38.39 -6.50
N TYR A 1011 30.74 -39.35 -7.06
CA TYR A 1011 30.56 -39.51 -8.53
C TYR A 1011 29.38 -38.68 -9.08
N LEU A 1012 28.45 -38.22 -8.24
CA LEU A 1012 27.22 -37.53 -8.70
C LEU A 1012 27.57 -36.18 -9.33
N PRO A 1013 28.40 -35.31 -8.70
CA PRO A 1013 28.82 -34.06 -9.34
C PRO A 1013 29.67 -34.27 -10.62
N TRP A 1014 30.38 -35.40 -10.70
CA TRP A 1014 31.15 -35.81 -11.91
C TRP A 1014 30.18 -36.22 -13.02
N PHE A 1015 29.11 -36.97 -12.69
CA PHE A 1015 28.06 -37.40 -13.64
C PHE A 1015 27.33 -36.17 -14.20
N LEU A 1016 26.78 -35.32 -13.32
CA LEU A 1016 25.94 -34.14 -13.69
C LEU A 1016 26.72 -33.14 -14.54
N ASN A 1017 28.06 -33.11 -14.45
CA ASN A 1017 28.92 -32.12 -15.16
C ASN A 1017 29.83 -32.80 -16.19
N ASP A 1018 29.54 -34.05 -16.58
CA ASP A 1018 30.24 -34.77 -17.68
C ASP A 1018 29.46 -34.55 -18.98
N ARG A 1019 29.98 -33.70 -19.87
CA ARG A 1019 29.43 -33.44 -21.22
C ARG A 1019 29.57 -34.73 -22.06
N PRO A 1020 28.52 -35.15 -22.81
CA PRO A 1020 28.63 -36.33 -23.66
C PRO A 1020 29.58 -36.12 -24.85
N ASN A 1021 30.41 -37.13 -25.16
CA ASN A 1021 31.44 -37.10 -26.23
C ASN A 1021 31.30 -38.38 -27.08
N ILE A 1022 32.21 -38.59 -28.04
CA ILE A 1022 32.18 -39.70 -29.02
C ILE A 1022 32.55 -41.02 -28.33
N LYS A 1023 33.50 -40.98 -27.38
CA LYS A 1023 34.07 -42.19 -26.71
C LYS A 1023 32.98 -42.95 -25.94
N CYS A 1024 32.05 -42.25 -25.28
CA CYS A 1024 30.82 -42.85 -24.69
C CYS A 1024 29.71 -41.80 -24.61
N PRO A 1025 28.46 -42.12 -25.05
CA PRO A 1025 27.41 -41.11 -25.19
C PRO A 1025 26.74 -40.66 -23.88
N LYS A 1026 26.77 -41.49 -22.83
CA LYS A 1026 26.13 -41.18 -21.52
C LYS A 1026 26.85 -39.98 -20.87
N GLY A 1027 26.08 -39.10 -20.23
CA GLY A 1027 26.58 -37.88 -19.57
C GLY A 1027 25.44 -37.07 -18.96
N GLY A 1028 25.67 -36.49 -17.77
CA GLY A 1028 24.65 -35.77 -17.00
C GLY A 1028 24.39 -34.36 -17.51
N LEU A 1029 25.34 -33.77 -18.25
CA LEU A 1029 25.27 -32.35 -18.67
C LEU A 1029 24.27 -32.18 -19.83
N ALA A 1030 24.04 -33.23 -20.62
CA ALA A 1030 23.15 -33.23 -21.80
C ALA A 1030 21.72 -32.83 -21.39
N ALA A 1031 21.07 -33.63 -20.54
CA ALA A 1031 19.63 -33.53 -20.18
C ALA A 1031 19.42 -33.29 -18.68
N TYR A 1032 20.35 -33.70 -17.80
CA TYR A 1032 20.14 -33.78 -16.32
C TYR A 1032 21.01 -32.73 -15.60
N SER A 1033 21.34 -31.62 -16.27
CA SER A 1033 22.18 -30.50 -15.73
C SER A 1033 21.50 -29.89 -14.50
N THR A 1034 20.26 -29.41 -14.68
CA THR A 1034 19.44 -28.68 -13.68
C THR A 1034 18.25 -29.56 -13.26
N SER A 1035 18.25 -30.86 -13.61
CA SER A 1035 17.20 -31.85 -13.28
C SER A 1035 17.39 -32.41 -11.87
N VAL A 1036 18.53 -32.12 -11.23
CA VAL A 1036 18.84 -32.51 -9.81
C VAL A 1036 19.37 -31.28 -9.08
N ASN A 1037 18.73 -30.92 -7.97
CA ASN A 1037 19.13 -29.80 -7.06
C ASN A 1037 20.01 -30.39 -5.94
N LEU A 1038 21.32 -30.10 -5.98
CA LEU A 1038 22.31 -30.53 -4.95
C LEU A 1038 22.71 -29.34 -4.08
N THR A 1039 22.71 -29.54 -2.76
CA THR A 1039 23.22 -28.59 -1.74
C THR A 1039 24.76 -28.61 -1.75
N SER A 1040 25.40 -27.73 -0.98
CA SER A 1040 26.87 -27.62 -0.82
C SER A 1040 27.44 -28.85 -0.12
N ASP A 1041 26.60 -29.54 0.68
CA ASP A 1041 26.95 -30.81 1.39
C ASP A 1041 27.21 -31.93 0.37
N GLY A 1042 26.33 -32.10 -0.60
CA GLY A 1042 26.36 -33.18 -1.60
C GLY A 1042 25.11 -34.05 -1.60
N GLN A 1043 24.16 -33.80 -0.70
CA GLN A 1043 22.86 -34.52 -0.61
C GLN A 1043 21.92 -34.01 -1.70
N VAL A 1044 21.16 -34.91 -2.33
CA VAL A 1044 20.10 -34.59 -3.33
C VAL A 1044 18.88 -34.08 -2.56
N LEU A 1045 18.57 -32.77 -2.70
CA LEU A 1045 17.33 -32.17 -2.12
C LEU A 1045 16.14 -32.72 -2.89
N THR A 1046 16.03 -32.38 -4.18
CA THR A 1046 14.91 -32.74 -5.08
C THR A 1046 15.42 -33.07 -6.47
N SER A 1047 14.64 -33.86 -7.21
CA SER A 1047 14.94 -34.29 -8.60
C SER A 1047 13.63 -34.42 -9.39
N ARG A 1048 13.67 -34.04 -10.69
CA ARG A 1048 12.50 -34.05 -11.61
C ARG A 1048 12.77 -35.02 -12.76
N PHE A 1049 11.71 -35.67 -13.25
CA PHE A 1049 11.75 -36.70 -14.33
C PHE A 1049 10.89 -36.20 -15.49
N MET A 1050 11.51 -36.08 -16.69
CA MET A 1050 10.91 -35.47 -17.90
C MET A 1050 10.14 -36.54 -18.68
N ALA A 1051 8.84 -36.32 -18.90
CA ALA A 1051 7.97 -37.10 -19.81
C ALA A 1051 7.13 -36.14 -20.66
N TYR A 1052 6.71 -36.57 -21.84
CA TYR A 1052 5.91 -35.77 -22.79
C TYR A 1052 4.47 -36.30 -22.84
N HIS A 1053 3.49 -35.40 -22.62
CA HIS A 1053 2.04 -35.63 -22.84
C HIS A 1053 1.81 -35.96 -24.33
N LYS A 1054 0.74 -36.69 -24.64
CA LYS A 1054 0.22 -36.85 -26.02
C LYS A 1054 -0.36 -35.50 -26.46
N PRO A 1055 -0.51 -35.23 -27.79
CA PRO A 1055 -1.00 -33.93 -28.26
C PRO A 1055 -2.38 -33.57 -27.67
N LEU A 1056 -2.39 -32.63 -26.71
CA LEU A 1056 -3.61 -32.13 -26.02
C LEU A 1056 -4.22 -31.01 -26.85
N LYS A 1057 -5.52 -31.11 -27.16
CA LYS A 1057 -6.24 -30.22 -28.12
C LYS A 1057 -7.29 -29.39 -27.38
N ASN A 1058 -8.27 -30.05 -26.75
CA ASN A 1058 -9.41 -29.41 -26.04
C ASN A 1058 -9.04 -29.17 -24.57
N SER A 1059 -9.81 -28.35 -23.87
CA SER A 1059 -9.71 -28.11 -22.40
C SER A 1059 -10.00 -29.40 -21.64
N GLN A 1060 -10.95 -30.22 -22.14
CA GLN A 1060 -11.27 -31.58 -21.61
C GLN A 1060 -10.02 -32.45 -21.62
N ASP A 1061 -9.34 -32.55 -22.77
CA ASP A 1061 -8.10 -33.36 -22.97
C ASP A 1061 -7.06 -32.99 -21.90
N TYR A 1062 -6.78 -31.69 -21.73
CA TYR A 1062 -5.80 -31.15 -20.76
C TYR A 1062 -6.21 -31.49 -19.32
N THR A 1063 -7.50 -31.28 -18.97
CA THR A 1063 -8.07 -31.63 -17.63
C THR A 1063 -7.86 -33.13 -17.37
N GLU A 1064 -8.26 -33.97 -18.33
CA GLU A 1064 -8.12 -35.46 -18.27
C GLU A 1064 -6.64 -35.83 -18.13
N ALA A 1065 -5.75 -35.13 -18.84
CA ALA A 1065 -4.27 -35.33 -18.80
C ALA A 1065 -3.73 -35.04 -17.40
N LEU A 1066 -4.09 -33.89 -16.83
CA LEU A 1066 -3.71 -33.48 -15.44
C LEU A 1066 -4.22 -34.55 -14.45
N ARG A 1067 -5.49 -34.94 -14.55
CA ARG A 1067 -6.14 -35.90 -13.63
C ARG A 1067 -5.41 -37.24 -13.66
N ALA A 1068 -5.15 -37.77 -14.87
CA ALA A 1068 -4.44 -39.05 -15.11
C ALA A 1068 -3.00 -38.97 -14.55
N ALA A 1069 -2.30 -37.85 -14.81
CA ALA A 1069 -0.93 -37.58 -14.31
C ALA A 1069 -0.93 -37.61 -12.78
N ARG A 1070 -1.79 -36.80 -12.14
CA ARG A 1070 -1.93 -36.71 -10.66
C ARG A 1070 -2.18 -38.11 -10.06
N GLU A 1071 -3.14 -38.85 -10.64
CA GLU A 1071 -3.50 -40.24 -10.24
C GLU A 1071 -2.24 -41.13 -10.28
N LEU A 1072 -1.52 -41.12 -11.41
CA LEU A 1072 -0.30 -41.94 -11.62
C LEU A 1072 0.77 -41.55 -10.59
N ALA A 1073 0.99 -40.24 -10.39
CA ALA A 1073 1.98 -39.69 -9.43
C ALA A 1073 1.67 -40.18 -8.00
N ALA A 1074 0.40 -40.11 -7.59
CA ALA A 1074 -0.10 -40.59 -6.27
C ALA A 1074 0.16 -42.10 -6.13
N ASN A 1075 -0.16 -42.89 -7.17
CA ASN A 1075 0.09 -44.34 -7.25
C ASN A 1075 1.59 -44.63 -7.08
N ILE A 1076 2.46 -43.83 -7.72
CA ILE A 1076 3.94 -43.99 -7.66
C ILE A 1076 4.43 -43.63 -6.24
N THR A 1077 3.93 -42.52 -5.66
CA THR A 1077 4.27 -42.08 -4.28
C THR A 1077 3.90 -43.18 -3.27
N ALA A 1078 2.76 -43.86 -3.47
CA ALA A 1078 2.26 -44.97 -2.63
C ALA A 1078 3.31 -46.10 -2.54
N ASP A 1079 4.06 -46.35 -3.62
CA ASP A 1079 5.10 -47.41 -3.69
C ASP A 1079 6.45 -46.86 -3.22
N LEU A 1080 6.75 -45.58 -3.46
CA LEU A 1080 8.03 -44.94 -3.05
C LEU A 1080 8.10 -44.76 -1.53
N ARG A 1081 6.98 -44.43 -0.87
CA ARG A 1081 6.92 -44.16 0.60
C ARG A 1081 7.23 -45.42 1.42
N LYS A 1082 7.01 -46.62 0.86
CA LYS A 1082 7.24 -47.92 1.55
C LYS A 1082 8.73 -48.26 1.65
N VAL A 1083 9.61 -47.57 0.91
CA VAL A 1083 11.08 -47.76 0.96
C VAL A 1083 11.57 -47.25 2.33
N PRO A 1084 12.48 -47.97 3.03
CA PRO A 1084 13.03 -47.49 4.30
C PRO A 1084 13.87 -46.20 4.14
N GLY A 1085 13.62 -45.21 5.00
CA GLY A 1085 14.37 -43.93 5.06
C GLY A 1085 13.65 -42.78 4.36
N THR A 1086 12.45 -43.01 3.83
CA THR A 1086 11.61 -42.00 3.13
C THR A 1086 10.78 -41.23 4.17
N ASP A 1087 10.88 -39.90 4.17
CA ASP A 1087 10.09 -39.00 5.05
C ASP A 1087 8.61 -39.11 4.63
N PRO A 1088 7.66 -39.38 5.57
CA PRO A 1088 6.25 -39.49 5.20
C PRO A 1088 5.61 -38.29 4.46
N ALA A 1089 6.23 -37.11 4.53
CA ALA A 1089 5.82 -35.88 3.79
C ALA A 1089 6.50 -35.81 2.41
N PHE A 1090 7.21 -36.86 1.99
CA PHE A 1090 7.76 -37.00 0.61
C PHE A 1090 6.59 -37.23 -0.36
N GLU A 1091 6.57 -36.46 -1.45
CA GLU A 1091 5.50 -36.46 -2.48
C GLU A 1091 6.14 -36.36 -3.88
N VAL A 1092 5.55 -37.07 -4.85
CA VAL A 1092 5.83 -36.93 -6.31
C VAL A 1092 4.60 -36.29 -6.95
N PHE A 1093 4.77 -35.12 -7.60
CA PHE A 1093 3.68 -34.37 -8.28
C PHE A 1093 4.09 -34.10 -9.73
N PRO A 1094 3.21 -34.34 -10.73
CA PRO A 1094 3.54 -34.16 -12.14
C PRO A 1094 3.33 -32.72 -12.60
N TYR A 1095 4.33 -31.86 -12.38
CA TYR A 1095 4.30 -30.43 -12.77
C TYR A 1095 4.44 -30.31 -14.29
N THR A 1096 3.61 -29.45 -14.89
CA THR A 1096 3.73 -28.92 -16.28
C THR A 1096 3.52 -27.40 -16.28
N ILE A 1097 3.74 -26.77 -17.44
CA ILE A 1097 3.56 -25.31 -17.67
C ILE A 1097 2.07 -24.92 -17.62
N THR A 1098 1.16 -25.77 -18.14
CA THR A 1098 -0.30 -25.48 -18.27
C THR A 1098 -1.12 -26.17 -17.15
N ASN A 1099 -0.50 -26.45 -15.99
CA ASN A 1099 -1.17 -27.09 -14.82
C ASN A 1099 -1.88 -26.01 -13.98
N VAL A 1100 -1.40 -24.77 -14.03
CA VAL A 1100 -1.88 -23.63 -13.16
C VAL A 1100 -3.29 -23.20 -13.60
N PHE A 1101 -3.62 -23.34 -14.89
CA PHE A 1101 -4.85 -22.76 -15.52
C PHE A 1101 -5.99 -23.78 -15.52
N TYR A 1102 -5.72 -25.01 -15.94
CA TYR A 1102 -6.75 -26.01 -16.38
C TYR A 1102 -7.10 -26.98 -15.25
N GLU A 1103 -6.74 -26.67 -14.00
CA GLU A 1103 -6.89 -27.57 -12.82
C GLU A 1103 -8.22 -27.30 -12.08
N GLN A 1104 -8.78 -26.11 -12.24
CA GLN A 1104 -10.10 -25.68 -11.66
C GLN A 1104 -11.21 -26.63 -12.14
N TYR A 1105 -11.18 -27.01 -13.42
CA TYR A 1105 -12.26 -27.74 -14.13
C TYR A 1105 -12.40 -29.18 -13.62
N LEU A 1106 -11.47 -29.64 -12.77
CA LEU A 1106 -11.61 -30.89 -11.97
C LEU A 1106 -12.76 -30.71 -10.97
N THR A 1107 -12.84 -29.55 -10.28
CA THR A 1107 -13.73 -29.33 -9.10
C THR A 1107 -14.56 -28.06 -9.27
N ILE A 1108 -15.04 -27.77 -10.48
CA ILE A 1108 -15.81 -26.52 -10.78
C ILE A 1108 -17.32 -26.77 -10.66
N LEU A 1109 -17.81 -27.99 -10.95
CA LEU A 1109 -19.25 -28.33 -10.91
C LEU A 1109 -19.78 -28.32 -9.47
N PRO A 1110 -19.11 -28.98 -8.50
CA PRO A 1110 -19.51 -28.86 -7.09
C PRO A 1110 -19.54 -27.42 -6.56
N GLU A 1111 -18.45 -26.67 -6.79
CA GLU A 1111 -18.30 -25.23 -6.41
C GLU A 1111 -19.44 -24.42 -7.04
N GLY A 1112 -19.66 -24.60 -8.35
CA GLY A 1112 -20.73 -23.93 -9.12
C GLY A 1112 -22.11 -24.16 -8.53
N LEU A 1113 -22.48 -25.44 -8.33
CA LEU A 1113 -23.80 -25.85 -7.77
C LEU A 1113 -23.97 -25.29 -6.35
N PHE A 1114 -22.91 -25.39 -5.52
CA PHE A 1114 -22.88 -24.84 -4.14
C PHE A 1114 -23.15 -23.32 -4.18
N MET A 1115 -22.46 -22.61 -5.07
CA MET A 1115 -22.53 -21.13 -5.21
C MET A 1115 -23.94 -20.71 -5.65
N LEU A 1116 -24.52 -21.40 -6.65
CA LEU A 1116 -25.88 -21.12 -7.17
C LEU A 1116 -26.93 -21.36 -6.08
N SER A 1117 -26.79 -22.44 -5.30
CA SER A 1117 -27.65 -22.78 -4.13
C SER A 1117 -27.50 -21.70 -3.05
N LEU A 1118 -26.26 -21.31 -2.73
CA LEU A 1118 -25.93 -20.27 -1.71
C LEU A 1118 -26.40 -18.88 -2.18
N CYS A 1119 -26.62 -18.69 -3.48
CA CYS A 1119 -27.19 -17.44 -4.07
C CYS A 1119 -28.72 -17.51 -4.12
N LEU A 1120 -29.31 -18.70 -4.34
CA LEU A 1120 -30.79 -18.86 -4.45
C LEU A 1120 -31.46 -18.83 -3.07
N VAL A 1121 -30.77 -19.23 -2.00
CA VAL A 1121 -31.30 -19.22 -0.60
C VAL A 1121 -31.59 -17.78 -0.17
N PRO A 1122 -30.59 -16.87 -0.07
CA PRO A 1122 -30.81 -15.54 0.50
C PRO A 1122 -31.71 -14.63 -0.37
N THR A 1123 -31.62 -14.75 -1.70
CA THR A 1123 -32.52 -14.07 -2.68
C THR A 1123 -33.98 -14.27 -2.24
N PHE A 1124 -34.41 -15.53 -2.15
CA PHE A 1124 -35.79 -15.93 -1.75
C PHE A 1124 -36.07 -15.48 -0.31
N ALA A 1125 -35.12 -15.74 0.61
CA ALA A 1125 -35.21 -15.40 2.05
C ALA A 1125 -35.51 -13.91 2.22
N VAL A 1126 -34.83 -13.06 1.45
CA VAL A 1126 -34.94 -11.57 1.48
C VAL A 1126 -36.19 -11.14 0.68
N SER A 1127 -36.51 -11.84 -0.42
CA SER A 1127 -37.72 -11.60 -1.26
C SER A 1127 -39.01 -11.84 -0.46
N CYS A 1128 -38.99 -12.75 0.52
CA CYS A 1128 -40.16 -13.13 1.37
C CYS A 1128 -40.29 -12.21 2.59
N LEU A 1129 -39.32 -11.31 2.82
CA LEU A 1129 -39.29 -10.36 3.96
C LEU A 1129 -39.44 -8.91 3.46
N LEU A 1130 -38.67 -8.50 2.44
CA LEU A 1130 -38.68 -7.09 1.93
C LEU A 1130 -40.05 -6.76 1.31
N LEU A 1131 -40.47 -7.55 0.30
CA LEU A 1131 -41.77 -7.38 -0.39
C LEU A 1131 -42.92 -7.66 0.58
N GLY A 1132 -42.71 -8.55 1.56
CA GLY A 1132 -43.75 -9.04 2.47
C GLY A 1132 -44.72 -9.97 1.77
N LEU A 1133 -44.22 -10.69 0.74
CA LEU A 1133 -45.02 -11.64 -0.07
C LEU A 1133 -45.41 -12.85 0.79
N ASP A 1134 -46.55 -13.46 0.48
CA ASP A 1134 -47.04 -14.72 1.10
C ASP A 1134 -46.18 -15.89 0.60
N LEU A 1135 -46.24 -17.03 1.30
CA LEU A 1135 -45.43 -18.23 1.00
C LEU A 1135 -45.67 -18.64 -0.46
N ARG A 1136 -46.94 -18.70 -0.89
CA ARG A 1136 -47.34 -19.11 -2.27
C ARG A 1136 -46.64 -18.23 -3.31
N SER A 1137 -46.57 -16.92 -3.07
CA SER A 1137 -45.93 -15.94 -3.99
C SER A 1137 -44.42 -16.16 -4.04
N GLY A 1138 -43.78 -16.21 -2.86
CA GLY A 1138 -42.34 -16.46 -2.69
C GLY A 1138 -41.90 -17.78 -3.31
N LEU A 1139 -42.71 -18.84 -3.15
CA LEU A 1139 -42.45 -20.20 -3.68
C LEU A 1139 -42.45 -20.16 -5.21
N LEU A 1140 -43.47 -19.51 -5.81
CA LEU A 1140 -43.59 -19.30 -7.28
C LEU A 1140 -42.42 -18.44 -7.78
N ASN A 1141 -42.00 -17.43 -7.00
CA ASN A 1141 -40.78 -16.64 -7.28
C ASN A 1141 -39.59 -17.60 -7.42
N LEU A 1142 -39.28 -18.34 -6.36
CA LEU A 1142 -38.15 -19.32 -6.32
C LEU A 1142 -38.27 -20.31 -7.48
N LEU A 1143 -39.47 -20.86 -7.73
CA LEU A 1143 -39.74 -21.84 -8.82
C LEU A 1143 -39.41 -21.19 -10.18
N SER A 1144 -39.87 -19.96 -10.41
CA SER A 1144 -39.61 -19.18 -11.65
C SER A 1144 -38.11 -18.95 -11.85
N ILE A 1145 -37.37 -18.60 -10.77
CA ILE A 1145 -35.89 -18.34 -10.81
C ILE A 1145 -35.17 -19.66 -11.13
N VAL A 1146 -35.58 -20.77 -10.50
CA VAL A 1146 -35.02 -22.13 -10.76
C VAL A 1146 -35.29 -22.51 -12.22
N MET A 1147 -36.52 -22.29 -12.70
CA MET A 1147 -36.94 -22.68 -14.08
C MET A 1147 -36.12 -21.91 -15.12
N ILE A 1148 -36.02 -20.58 -14.99
CA ILE A 1148 -35.19 -19.73 -15.90
C ILE A 1148 -33.72 -20.18 -15.85
N LEU A 1149 -33.20 -20.50 -14.66
CA LEU A 1149 -31.76 -20.86 -14.49
C LEU A 1149 -31.48 -22.19 -15.21
N VAL A 1150 -32.35 -23.20 -15.03
CA VAL A 1150 -32.25 -24.52 -15.71
C VAL A 1150 -32.37 -24.31 -17.23
N ASP A 1151 -33.37 -23.53 -17.68
CA ASP A 1151 -33.60 -23.18 -19.11
C ASP A 1151 -32.34 -22.52 -19.69
N THR A 1152 -31.74 -21.57 -18.97
CA THR A 1152 -30.49 -20.86 -19.36
C THR A 1152 -29.37 -21.88 -19.58
N VAL A 1153 -29.14 -22.77 -18.60
CA VAL A 1153 -28.08 -23.83 -18.65
C VAL A 1153 -28.36 -24.77 -19.85
N GLY A 1154 -29.62 -25.16 -20.05
CA GLY A 1154 -30.06 -26.00 -21.19
C GLY A 1154 -29.68 -25.40 -22.52
N PHE A 1155 -30.09 -24.14 -22.75
CA PHE A 1155 -29.83 -23.37 -24.00
C PHE A 1155 -28.34 -23.04 -24.14
N MET A 1156 -27.64 -22.87 -23.00
CA MET A 1156 -26.16 -22.65 -22.95
C MET A 1156 -25.46 -23.87 -23.54
N ALA A 1157 -25.79 -25.07 -23.03
CA ALA A 1157 -25.26 -26.37 -23.50
C ALA A 1157 -25.67 -26.63 -24.96
N LEU A 1158 -26.87 -26.15 -25.36
CA LEU A 1158 -27.42 -26.34 -26.72
C LEU A 1158 -26.69 -25.44 -27.74
N TRP A 1159 -26.51 -24.15 -27.44
CA TRP A 1159 -25.82 -23.17 -28.33
C TRP A 1159 -24.42 -23.70 -28.67
N GLY A 1160 -23.64 -24.07 -27.65
CA GLY A 1160 -22.21 -24.42 -27.75
C GLY A 1160 -21.33 -23.51 -26.92
N ILE A 1161 -21.85 -22.99 -25.79
CA ILE A 1161 -21.11 -22.20 -24.77
C ILE A 1161 -20.68 -23.19 -23.68
N SER A 1162 -19.37 -23.28 -23.42
CA SER A 1162 -18.79 -24.15 -22.35
C SER A 1162 -19.12 -23.56 -20.97
N TYR A 1163 -18.92 -24.34 -19.90
CA TYR A 1163 -19.17 -23.96 -18.50
C TYR A 1163 -17.84 -23.81 -17.76
N ASN A 1164 -17.64 -22.67 -17.10
CA ASN A 1164 -16.37 -22.26 -16.45
C ASN A 1164 -16.65 -21.08 -15.51
N ALA A 1165 -15.60 -20.43 -14.98
CA ALA A 1165 -15.69 -19.28 -14.04
C ALA A 1165 -16.51 -18.12 -14.64
N VAL A 1166 -16.38 -17.86 -15.95
CA VAL A 1166 -17.04 -16.72 -16.65
C VAL A 1166 -18.54 -17.03 -16.81
N SER A 1167 -18.87 -18.23 -17.29
CA SER A 1167 -20.27 -18.72 -17.41
C SER A 1167 -20.90 -18.79 -16.01
N LEU A 1168 -20.13 -19.21 -15.00
CA LEU A 1168 -20.58 -19.30 -13.58
C LEU A 1168 -20.99 -17.91 -13.09
N ILE A 1169 -20.12 -16.89 -13.22
CA ILE A 1169 -20.40 -15.51 -12.73
C ILE A 1169 -21.60 -14.93 -13.48
N ASN A 1170 -21.77 -15.27 -14.77
CA ASN A 1170 -22.92 -14.83 -15.60
C ASN A 1170 -24.21 -15.53 -15.11
N LEU A 1171 -24.15 -16.82 -14.77
CA LEU A 1171 -25.32 -17.57 -14.23
C LEU A 1171 -25.71 -17.02 -12.85
N VAL A 1172 -24.74 -16.58 -12.04
CA VAL A 1172 -24.97 -15.95 -10.71
C VAL A 1172 -25.59 -14.55 -10.94
N SER A 1173 -25.10 -13.81 -11.95
CA SER A 1173 -25.70 -12.53 -12.41
C SER A 1173 -27.14 -12.75 -12.87
N ALA A 1174 -27.42 -13.87 -13.55
CA ALA A 1174 -28.78 -14.28 -13.99
C ALA A 1174 -29.70 -14.52 -12.77
N VAL A 1175 -29.20 -15.24 -11.76
CA VAL A 1175 -29.92 -15.47 -10.46
C VAL A 1175 -30.26 -14.11 -9.83
N GLY A 1176 -29.29 -13.18 -9.83
CA GLY A 1176 -29.46 -11.80 -9.30
C GLY A 1176 -30.45 -10.98 -10.10
N MET A 1177 -30.44 -11.12 -11.43
CA MET A 1177 -31.22 -10.28 -12.38
C MET A 1177 -32.68 -10.74 -12.44
N SER A 1178 -32.94 -12.05 -12.48
CA SER A 1178 -34.28 -12.67 -12.73
C SER A 1178 -35.37 -12.12 -11.79
N VAL A 1179 -34.99 -11.64 -10.60
CA VAL A 1179 -35.91 -11.00 -9.59
C VAL A 1179 -36.59 -9.78 -10.24
N GLU A 1180 -35.85 -9.00 -11.05
CA GLU A 1180 -36.35 -7.80 -11.79
C GLU A 1180 -37.52 -8.17 -12.73
N PHE A 1181 -37.57 -9.41 -13.21
CA PHE A 1181 -38.65 -9.92 -14.10
C PHE A 1181 -39.81 -10.51 -13.26
N VAL A 1182 -39.49 -11.23 -12.19
CA VAL A 1182 -40.46 -12.07 -11.43
C VAL A 1182 -41.15 -11.23 -10.34
N SER A 1183 -40.36 -10.59 -9.47
CA SER A 1183 -40.82 -10.01 -8.16
C SER A 1183 -41.90 -8.95 -8.37
N HIS A 1184 -41.70 -8.04 -9.34
CA HIS A 1184 -42.60 -6.91 -9.67
C HIS A 1184 -44.01 -7.43 -9.99
N ILE A 1185 -44.12 -8.42 -10.88
CA ILE A 1185 -45.40 -9.02 -11.33
C ILE A 1185 -46.05 -9.73 -10.13
N THR A 1186 -45.26 -10.51 -9.38
CA THR A 1186 -45.70 -11.26 -8.18
C THR A 1186 -46.32 -10.29 -7.16
N ARG A 1187 -45.60 -9.22 -6.81
CA ARG A 1187 -46.05 -8.17 -5.85
C ARG A 1187 -47.34 -7.51 -6.38
N SER A 1188 -47.33 -7.07 -7.64
CA SER A 1188 -48.46 -6.37 -8.31
C SER A 1188 -49.72 -7.26 -8.31
N PHE A 1189 -49.56 -8.58 -8.35
CA PHE A 1189 -50.66 -9.57 -8.22
C PHE A 1189 -51.06 -9.72 -6.75
N ALA A 1190 -50.09 -9.79 -5.84
CA ALA A 1190 -50.30 -9.96 -4.38
C ALA A 1190 -51.14 -8.80 -3.83
N ILE A 1191 -50.70 -7.56 -4.07
CA ILE A 1191 -51.45 -6.32 -3.70
C ILE A 1191 -52.48 -6.05 -4.80
N SER A 1192 -53.69 -6.60 -4.64
CA SER A 1192 -54.84 -6.43 -5.55
C SER A 1192 -56.15 -6.55 -4.73
N THR A 1193 -57.30 -6.28 -5.36
CA THR A 1193 -58.65 -6.39 -4.74
C THR A 1193 -59.74 -6.76 -5.77
N LYS A 1194 -59.39 -7.34 -6.92
CA LYS A 1194 -60.38 -7.75 -7.95
C LYS A 1194 -61.06 -9.04 -7.47
N PRO A 1195 -62.34 -9.27 -7.82
CA PRO A 1195 -63.14 -10.34 -7.22
C PRO A 1195 -62.59 -11.76 -7.46
N THR A 1196 -62.30 -12.10 -8.72
CA THR A 1196 -61.83 -13.44 -9.16
C THR A 1196 -60.35 -13.35 -9.57
N TRP A 1197 -59.68 -14.50 -9.67
CA TRP A 1197 -58.22 -14.64 -9.95
C TRP A 1197 -57.85 -14.02 -11.30
N LEU A 1198 -58.65 -14.27 -12.34
CA LEU A 1198 -58.35 -13.90 -13.75
C LEU A 1198 -58.27 -12.36 -13.89
N GLU A 1199 -59.19 -11.62 -13.26
CA GLU A 1199 -59.21 -10.13 -13.27
C GLU A 1199 -57.97 -9.58 -12.55
N ARG A 1200 -57.54 -10.25 -11.47
CA ARG A 1200 -56.30 -9.87 -10.70
C ARG A 1200 -55.08 -10.06 -11.59
N ALA A 1201 -54.97 -11.23 -12.24
CA ALA A 1201 -53.89 -11.57 -13.20
C ALA A 1201 -53.89 -10.55 -14.35
N LYS A 1202 -55.07 -10.24 -14.88
CA LYS A 1202 -55.28 -9.26 -15.98
C LYS A 1202 -54.72 -7.90 -15.55
N GLU A 1203 -55.23 -7.32 -14.46
CA GLU A 1203 -54.88 -5.96 -13.98
C GLU A 1203 -53.41 -5.91 -13.52
N ALA A 1204 -52.92 -6.96 -12.86
CA ALA A 1204 -51.52 -7.06 -12.35
C ALA A 1204 -50.53 -6.95 -13.52
N THR A 1205 -50.72 -7.75 -14.58
CA THR A 1205 -49.91 -7.74 -15.82
C THR A 1205 -49.90 -6.32 -16.40
N ILE A 1206 -51.09 -5.74 -16.65
CA ILE A 1206 -51.25 -4.41 -17.30
C ILE A 1206 -50.52 -3.36 -16.45
N SER A 1207 -50.76 -3.36 -15.13
CA SER A 1207 -50.17 -2.39 -14.17
C SER A 1207 -48.64 -2.51 -14.15
N MET A 1208 -48.10 -3.74 -14.20
CA MET A 1208 -46.64 -3.98 -14.02
C MET A 1208 -46.00 -4.60 -15.27
N GLY A 1209 -46.55 -5.69 -15.84
CA GLY A 1209 -46.05 -6.30 -17.09
C GLY A 1209 -45.57 -5.25 -18.08
N SER A 1210 -46.38 -4.22 -18.30
CA SER A 1210 -46.05 -3.03 -19.12
C SER A 1210 -44.80 -2.33 -18.59
N ALA A 1211 -44.75 -2.05 -17.28
CA ALA A 1211 -43.62 -1.40 -16.58
C ALA A 1211 -42.35 -2.26 -16.69
N VAL A 1212 -42.46 -3.57 -16.42
CA VAL A 1212 -41.34 -4.55 -16.41
C VAL A 1212 -40.79 -4.69 -17.84
N PHE A 1213 -41.67 -4.90 -18.84
CA PHE A 1213 -41.28 -4.99 -20.27
C PHE A 1213 -40.49 -3.73 -20.66
N ALA A 1214 -41.19 -2.59 -20.68
CA ALA A 1214 -40.71 -1.28 -21.19
C ALA A 1214 -39.41 -0.87 -20.49
N GLY A 1215 -39.35 -1.05 -19.17
CA GLY A 1215 -38.12 -0.79 -18.38
C GLY A 1215 -37.07 -1.85 -18.63
N VAL A 1216 -37.26 -3.03 -18.03
CA VAL A 1216 -36.20 -4.07 -17.82
C VAL A 1216 -35.70 -4.56 -19.18
N ALA A 1217 -36.61 -5.11 -20.02
CA ALA A 1217 -36.26 -5.79 -21.30
C ALA A 1217 -35.57 -4.79 -22.24
N MET A 1218 -36.19 -3.63 -22.48
CA MET A 1218 -35.75 -2.64 -23.50
C MET A 1218 -34.62 -1.73 -22.98
N THR A 1219 -34.19 -1.89 -21.71
CA THR A 1219 -32.91 -1.32 -21.19
C THR A 1219 -31.83 -2.42 -21.14
N ASN A 1220 -32.21 -3.70 -21.01
CA ASN A 1220 -31.27 -4.83 -21.06
C ASN A 1220 -30.74 -5.01 -22.50
N LEU A 1221 -31.61 -4.89 -23.52
CA LEU A 1221 -31.27 -5.22 -24.94
C LEU A 1221 -30.20 -4.26 -25.50
N PRO A 1222 -30.35 -2.92 -25.41
CA PRO A 1222 -29.37 -2.00 -26.00
C PRO A 1222 -27.95 -2.11 -25.41
N GLY A 1223 -27.85 -2.26 -24.08
CA GLY A 1223 -26.57 -2.38 -23.34
C GLY A 1223 -25.84 -3.70 -23.62
N ILE A 1224 -26.57 -4.74 -24.06
CA ILE A 1224 -26.05 -6.12 -24.27
C ILE A 1224 -25.81 -6.39 -25.77
N LEU A 1225 -26.74 -6.00 -26.65
CA LEU A 1225 -26.64 -6.29 -28.11
C LEU A 1225 -25.40 -5.62 -28.73
N VAL A 1226 -24.81 -4.63 -28.07
CA VAL A 1226 -23.55 -3.96 -28.50
C VAL A 1226 -22.35 -4.90 -28.30
N LEU A 1227 -22.38 -5.78 -27.28
CA LEU A 1227 -21.28 -6.74 -26.96
C LEU A 1227 -21.18 -7.83 -28.04
N GLY A 1228 -22.22 -7.98 -28.89
CA GLY A 1228 -22.20 -8.86 -30.08
C GLY A 1228 -21.10 -8.50 -31.08
N LEU A 1229 -20.57 -7.27 -31.03
CA LEU A 1229 -19.50 -6.76 -31.92
C LEU A 1229 -18.15 -6.72 -31.19
N ALA A 1230 -17.96 -7.58 -30.17
CA ALA A 1230 -16.79 -7.52 -29.25
C ALA A 1230 -15.48 -7.76 -30.01
N LYS A 1231 -15.48 -8.69 -30.98
CA LYS A 1231 -14.31 -9.08 -31.81
C LYS A 1231 -13.32 -9.90 -30.96
N ALA A 1232 -13.49 -9.94 -29.63
CA ALA A 1232 -12.76 -10.82 -28.68
C ALA A 1232 -13.71 -11.96 -28.26
N GLN A 1233 -13.52 -13.14 -28.87
CA GLN A 1233 -14.46 -14.29 -28.82
C GLN A 1233 -14.87 -14.57 -27.37
N LEU A 1234 -13.97 -14.37 -26.39
CA LEU A 1234 -14.26 -14.49 -24.93
C LEU A 1234 -15.56 -13.75 -24.61
N ILE A 1235 -15.58 -12.43 -24.83
CA ILE A 1235 -16.74 -11.55 -24.48
C ILE A 1235 -17.93 -11.93 -25.36
N GLN A 1236 -17.72 -11.94 -26.69
CA GLN A 1236 -18.75 -12.20 -27.72
C GLN A 1236 -19.46 -13.54 -27.47
N ILE A 1237 -18.77 -14.53 -26.89
CA ILE A 1237 -19.32 -15.89 -26.60
C ILE A 1237 -19.94 -15.92 -25.20
N PHE A 1238 -19.23 -15.46 -24.16
CA PHE A 1238 -19.57 -15.72 -22.74
C PHE A 1238 -20.43 -14.63 -22.13
N PHE A 1239 -20.43 -13.39 -22.66
CA PHE A 1239 -21.21 -12.26 -22.11
C PHE A 1239 -22.45 -12.00 -22.98
N PHE A 1240 -22.24 -11.59 -24.24
CA PHE A 1240 -23.32 -11.25 -25.21
C PHE A 1240 -24.36 -12.38 -25.28
N ARG A 1241 -23.92 -13.58 -25.69
CA ARG A 1241 -24.80 -14.77 -25.95
C ARG A 1241 -25.54 -15.15 -24.66
N LEU A 1242 -24.80 -15.29 -23.55
CA LEU A 1242 -25.35 -15.76 -22.24
C LEU A 1242 -26.35 -14.72 -21.71
N ASN A 1243 -25.97 -13.44 -21.67
CA ASN A 1243 -26.84 -12.35 -21.17
C ASN A 1243 -28.08 -12.24 -22.09
N LEU A 1244 -27.93 -12.39 -23.41
CA LEU A 1244 -29.08 -12.42 -24.37
C LEU A 1244 -30.04 -13.55 -23.97
N LEU A 1245 -29.53 -14.77 -23.75
CA LEU A 1245 -30.33 -15.95 -23.32
C LEU A 1245 -31.08 -15.63 -22.01
N ILE A 1246 -30.38 -15.05 -21.03
CA ILE A 1246 -30.91 -14.70 -19.68
C ILE A 1246 -32.02 -13.64 -19.84
N THR A 1247 -31.77 -12.59 -20.62
CA THR A 1247 -32.72 -11.45 -20.83
C THR A 1247 -34.00 -11.95 -21.51
N LEU A 1248 -33.88 -12.76 -22.57
CA LEU A 1248 -35.04 -13.27 -23.34
C LEU A 1248 -35.83 -14.28 -22.51
N LEU A 1249 -35.17 -15.17 -21.77
CA LEU A 1249 -35.84 -16.12 -20.84
C LEU A 1249 -36.53 -15.34 -19.71
N GLY A 1250 -35.85 -14.31 -19.17
CA GLY A 1250 -36.41 -13.37 -18.17
C GLY A 1250 -37.71 -12.75 -18.65
N LEU A 1251 -37.68 -12.16 -19.86
CA LEU A 1251 -38.87 -11.57 -20.54
C LEU A 1251 -39.95 -12.65 -20.65
N LEU A 1252 -39.67 -13.76 -21.34
CA LEU A 1252 -40.66 -14.85 -21.62
C LEU A 1252 -41.32 -15.30 -20.31
N HIS A 1253 -40.54 -15.77 -19.33
CA HIS A 1253 -41.03 -16.26 -18.02
C HIS A 1253 -41.85 -15.19 -17.32
N GLY A 1254 -41.21 -14.04 -17.02
CA GLY A 1254 -41.76 -12.96 -16.19
C GLY A 1254 -42.95 -12.23 -16.81
N LEU A 1255 -43.23 -12.43 -18.11
CA LEU A 1255 -44.38 -11.79 -18.81
C LEU A 1255 -45.44 -12.81 -19.27
N VAL A 1256 -45.07 -14.06 -19.58
CA VAL A 1256 -46.00 -15.07 -20.15
C VAL A 1256 -46.35 -16.11 -19.07
N PHE A 1257 -45.34 -16.74 -18.46
CA PHE A 1257 -45.50 -17.94 -17.58
C PHE A 1257 -46.02 -17.53 -16.20
N LEU A 1258 -45.59 -16.39 -15.66
CA LEU A 1258 -45.87 -15.97 -14.27
C LEU A 1258 -47.32 -15.48 -14.14
N PRO A 1259 -47.86 -14.61 -15.03
CA PRO A 1259 -49.26 -14.22 -14.96
C PRO A 1259 -50.26 -15.39 -15.04
N VAL A 1260 -49.96 -16.38 -15.90
CA VAL A 1260 -50.82 -17.57 -16.16
C VAL A 1260 -50.82 -18.48 -14.92
N ILE A 1261 -49.66 -18.78 -14.35
CA ILE A 1261 -49.53 -19.64 -13.13
C ILE A 1261 -50.11 -18.89 -11.93
N LEU A 1262 -50.04 -17.55 -11.90
CA LEU A 1262 -50.68 -16.72 -10.85
C LEU A 1262 -52.20 -16.68 -11.05
N SER A 1263 -52.68 -16.67 -12.30
CA SER A 1263 -54.13 -16.76 -12.63
C SER A 1263 -54.68 -18.13 -12.20
N TYR A 1264 -53.86 -19.19 -12.31
CA TYR A 1264 -54.23 -20.58 -11.93
C TYR A 1264 -54.06 -20.77 -10.42
N VAL A 1265 -52.82 -20.94 -9.95
CA VAL A 1265 -52.48 -21.31 -8.54
C VAL A 1265 -51.75 -20.14 -7.88
N GLY A 1266 -52.22 -18.91 -8.09
CA GLY A 1266 -51.75 -17.72 -7.36
C GLY A 1266 -52.31 -17.69 -5.94
N PRO A 1267 -51.82 -16.78 -5.06
CA PRO A 1267 -52.31 -16.71 -3.68
C PRO A 1267 -53.74 -16.16 -3.57
N ASP A 1268 -54.45 -16.51 -2.50
CA ASP A 1268 -55.80 -15.99 -2.17
C ASP A 1268 -55.63 -14.58 -1.58
N VAL A 1269 -56.15 -13.56 -2.26
CA VAL A 1269 -55.96 -12.12 -1.87
C VAL A 1269 -56.86 -11.81 -0.66
N ASN A 1270 -56.32 -11.01 0.26
CA ASN A 1270 -56.98 -10.51 1.50
C ASN A 1270 -57.06 -8.99 1.40
N PRO A 1271 -58.18 -8.34 1.79
CA PRO A 1271 -58.29 -6.88 1.71
C PRO A 1271 -57.25 -6.11 2.54
N ALA A 1272 -56.77 -6.70 3.64
CA ALA A 1272 -55.83 -6.09 4.61
C ALA A 1272 -54.38 -6.11 4.07
N LEU A 1273 -54.19 -6.02 2.75
CA LEU A 1273 -52.89 -5.75 2.08
C LEU A 1273 -52.94 -4.39 1.36
N ALA A 1274 -54.12 -3.98 0.85
CA ALA A 1274 -54.33 -2.70 0.11
C ALA A 1274 -54.92 -1.62 1.03
N LEU A 1275 -55.76 -1.99 2.01
CA LEU A 1275 -56.39 -1.03 2.97
C LEU A 1275 -55.39 -0.62 4.06
N GLU A 1276 -54.22 -1.26 4.15
CA GLU A 1276 -53.12 -0.90 5.07
C GLU A 1276 -52.14 0.09 4.40
N GLN A 1277 -52.27 0.32 3.09
CA GLN A 1277 -51.37 1.22 2.30
C GLN A 1277 -51.88 2.68 2.39
N LYS A 1278 -53.14 2.91 2.77
CA LYS A 1278 -53.73 4.27 2.92
C LYS A 1278 -53.34 4.87 4.28
N ARG A 1279 -53.10 4.04 5.31
CA ARG A 1279 -52.61 4.51 6.65
C ARG A 1279 -51.16 5.02 6.54
N ALA A 1280 -50.49 4.80 5.39
CA ALA A 1280 -49.07 5.15 5.14
C ALA A 1280 -48.93 6.42 4.28
N GLU A 1281 -49.98 6.81 3.54
CA GLU A 1281 -49.90 7.90 2.51
C GLU A 1281 -50.25 9.25 3.15
N GLU A 1282 -51.43 9.37 3.77
CA GLU A 1282 -51.91 10.63 4.40
C GLU A 1282 -51.18 10.86 5.73
N ALA A 1283 -50.81 9.80 6.46
CA ALA A 1283 -50.10 9.86 7.76
C ALA A 1283 -48.74 10.55 7.61
N VAL A 1284 -48.01 10.24 6.53
CA VAL A 1284 -46.66 10.80 6.20
C VAL A 1284 -46.81 11.75 5.00
N ALA A 1285 -47.78 12.67 5.07
CA ALA A 1285 -48.09 13.67 4.01
C ALA A 1285 -47.32 14.96 4.31
N THR B 333 -30.49 32.85 3.30
CA THR B 333 -29.73 31.55 3.30
C THR B 333 -29.81 30.87 4.69
N HIS B 334 -29.69 31.63 5.77
CA HIS B 334 -29.84 31.14 7.18
C HIS B 334 -31.19 30.44 7.36
N THR B 335 -32.28 31.05 6.88
CA THR B 335 -33.67 30.53 6.96
C THR B 335 -33.78 29.21 6.16
N LEU B 336 -33.14 29.14 4.99
CA LEU B 336 -33.10 27.93 4.11
C LEU B 336 -32.34 26.80 4.81
N LEU B 337 -31.19 27.10 5.44
CA LEU B 337 -30.41 26.12 6.25
C LEU B 337 -31.28 25.60 7.39
N GLY B 338 -32.01 26.50 8.07
CA GLY B 338 -32.98 26.15 9.12
C GLY B 338 -34.03 25.17 8.62
N GLN B 339 -34.71 25.52 7.52
CA GLN B 339 -35.73 24.67 6.86
C GLN B 339 -35.14 23.31 6.48
N PHE B 340 -33.97 23.30 5.83
CA PHE B 340 -33.26 22.08 5.36
C PHE B 340 -33.09 21.11 6.53
N PHE B 341 -32.42 21.56 7.59
CA PHE B 341 -32.07 20.74 8.78
C PHE B 341 -33.33 20.43 9.61
N GLN B 342 -34.34 21.31 9.58
CA GLN B 342 -35.66 21.04 10.22
C GLN B 342 -36.29 19.80 9.55
N GLY B 343 -36.36 19.80 8.21
CA GLY B 343 -36.88 18.69 7.39
C GLY B 343 -36.14 17.39 7.67
N TRP B 344 -34.80 17.43 7.67
CA TRP B 344 -33.92 16.28 8.01
C TRP B 344 -34.23 15.80 9.43
N GLY B 345 -34.26 16.72 10.41
CA GLY B 345 -34.52 16.43 11.82
C GLY B 345 -35.86 15.73 12.03
N THR B 346 -36.93 16.32 11.51
CA THR B 346 -38.33 15.80 11.64
C THR B 346 -38.45 14.45 10.93
N TRP B 347 -37.64 14.18 9.89
CA TRP B 347 -37.55 12.84 9.25
C TRP B 347 -36.87 11.86 10.21
N VAL B 348 -35.63 12.16 10.64
CA VAL B 348 -34.78 11.23 11.44
C VAL B 348 -35.53 10.86 12.73
N ALA B 349 -36.05 11.86 13.45
CA ALA B 349 -36.78 11.69 14.73
C ALA B 349 -38.01 10.79 14.54
N SER B 350 -38.57 10.70 13.33
CA SER B 350 -39.70 9.79 12.98
C SER B 350 -39.23 8.35 12.79
N TRP B 351 -37.95 8.11 12.48
CA TRP B 351 -37.36 6.75 12.26
C TRP B 351 -36.10 6.59 13.09
N PRO B 352 -36.20 6.55 14.44
CA PRO B 352 -35.01 6.60 15.30
C PRO B 352 -34.12 5.35 15.23
N LEU B 353 -34.71 4.17 15.47
CA LEU B 353 -33.97 2.89 15.65
C LEU B 353 -33.22 2.51 14.37
N THR B 354 -33.89 2.59 13.21
CA THR B 354 -33.33 2.20 11.89
C THR B 354 -32.11 3.08 11.56
N ILE B 355 -32.22 4.39 11.76
CA ILE B 355 -31.14 5.38 11.50
C ILE B 355 -30.03 5.21 12.55
N LEU B 356 -30.38 4.91 13.80
CA LEU B 356 -29.38 4.55 14.86
C LEU B 356 -28.51 3.38 14.36
N VAL B 357 -29.15 2.31 13.86
CA VAL B 357 -28.47 1.10 13.32
C VAL B 357 -27.66 1.51 12.07
N LEU B 358 -28.29 2.24 11.14
CA LEU B 358 -27.66 2.70 9.86
C LEU B 358 -26.45 3.61 10.13
N SER B 359 -26.41 4.30 11.28
CA SER B 359 -25.30 5.19 11.71
C SER B 359 -24.25 4.45 12.54
N VAL B 360 -24.66 3.39 13.28
CA VAL B 360 -23.75 2.55 14.12
C VAL B 360 -22.91 1.63 13.22
N ILE B 361 -23.50 1.08 12.13
CA ILE B 361 -22.86 0.07 11.25
C ILE B 361 -21.55 0.62 10.67
N PRO B 362 -21.53 1.79 9.97
CA PRO B 362 -20.29 2.33 9.39
C PRO B 362 -19.24 2.72 10.45
N VAL B 363 -19.68 3.21 11.62
CA VAL B 363 -18.80 3.60 12.77
C VAL B 363 -17.98 2.37 13.20
N VAL B 364 -18.64 1.23 13.42
CA VAL B 364 -18.00 -0.07 13.80
C VAL B 364 -17.13 -0.55 12.63
N ALA B 365 -17.64 -0.46 11.40
CA ALA B 365 -16.94 -0.86 10.15
C ALA B 365 -15.62 -0.08 10.01
N LEU B 366 -15.59 1.20 10.40
CA LEU B 366 -14.37 2.05 10.36
C LEU B 366 -13.52 1.84 11.63
N ALA B 367 -14.14 1.66 12.81
CA ALA B 367 -13.45 1.46 14.10
C ALA B 367 -12.70 0.12 14.13
N ALA B 368 -13.13 -0.86 13.32
CA ALA B 368 -12.51 -2.21 13.19
C ALA B 368 -11.06 -2.12 12.70
N GLY B 369 -10.66 -1.00 12.07
CA GLY B 369 -9.31 -0.77 11.51
C GLY B 369 -8.24 -0.46 12.54
N LEU B 370 -8.56 -0.45 13.85
CA LEU B 370 -7.57 -0.15 14.93
C LEU B 370 -6.56 -1.31 15.10
N VAL B 371 -6.83 -2.50 14.55
CA VAL B 371 -5.91 -3.67 14.62
C VAL B 371 -4.73 -3.48 13.65
N PHE B 372 -4.84 -2.54 12.70
CA PHE B 372 -3.78 -2.18 11.71
C PHE B 372 -2.87 -1.06 12.24
N THR B 373 -3.09 -0.59 13.48
CA THR B 373 -2.33 0.53 14.11
C THR B 373 -0.84 0.18 14.22
N GLU B 374 0.02 1.08 13.74
CA GLU B 374 1.50 1.00 13.83
C GLU B 374 2.03 2.34 14.37
N LEU B 375 2.73 2.33 15.51
CA LEU B 375 3.28 3.55 16.18
C LEU B 375 4.72 3.78 15.71
N THR B 376 4.99 5.00 15.19
CA THR B 376 6.35 5.51 14.88
C THR B 376 6.97 6.03 16.18
N THR B 377 8.21 5.63 16.47
CA THR B 377 8.92 5.90 17.75
C THR B 377 10.14 6.81 17.53
N ASP B 378 10.87 6.63 16.42
CA ASP B 378 12.13 7.37 16.11
C ASP B 378 11.83 8.86 15.95
N PRO B 379 12.57 9.76 16.66
CA PRO B 379 12.38 11.21 16.52
C PRO B 379 12.65 11.74 15.10
N VAL B 380 13.53 11.08 14.34
CA VAL B 380 13.86 11.43 12.92
C VAL B 380 12.58 11.31 12.06
N GLU B 381 11.74 10.30 12.29
CA GLU B 381 10.49 10.08 11.50
C GLU B 381 9.35 10.95 12.03
N LEU B 382 9.43 11.43 13.29
CA LEU B 382 8.35 12.21 13.95
C LEU B 382 8.58 13.72 13.79
N TRP B 383 9.80 14.20 14.03
CA TRP B 383 10.12 15.65 14.20
C TRP B 383 11.01 16.16 13.07
N SER B 384 10.82 15.65 11.84
CA SER B 384 11.59 16.04 10.63
C SER B 384 10.68 16.10 9.41
N ALA B 385 10.75 17.21 8.66
CA ALA B 385 10.14 17.37 7.33
C ALA B 385 10.93 16.52 6.32
N PRO B 386 10.31 15.49 5.69
CA PRO B 386 11.05 14.54 4.86
C PRO B 386 11.72 15.13 3.61
N ASN B 387 11.07 16.13 2.98
CA ASN B 387 11.54 16.78 1.73
C ASN B 387 12.24 18.12 2.01
N SER B 388 12.71 18.34 3.25
CA SER B 388 13.37 19.60 3.69
C SER B 388 14.81 19.64 3.19
N GLN B 389 15.49 20.78 3.38
CA GLN B 389 16.89 21.03 2.97
C GLN B 389 17.84 20.18 3.83
N ALA B 390 17.70 20.25 5.16
CA ALA B 390 18.54 19.53 6.15
C ALA B 390 18.48 18.01 5.90
N ARG B 391 17.30 17.49 5.57
CA ARG B 391 17.08 16.05 5.27
C ARG B 391 17.78 15.67 3.96
N SER B 392 17.75 16.55 2.95
CA SER B 392 18.46 16.37 1.65
C SER B 392 19.98 16.31 1.90
N GLU B 393 20.49 17.24 2.72
CA GLU B 393 21.91 17.30 3.16
C GLU B 393 22.28 16.03 3.93
N LYS B 394 21.42 15.60 4.86
CA LYS B 394 21.60 14.35 5.66
C LYS B 394 21.67 13.14 4.71
N ALA B 395 20.69 13.00 3.81
CA ALA B 395 20.58 11.90 2.83
C ALA B 395 21.86 11.83 1.98
N PHE B 396 22.33 12.98 1.49
CA PHE B 396 23.58 13.14 0.70
C PHE B 396 24.78 12.62 1.51
N HIS B 397 24.96 13.12 2.74
CA HIS B 397 26.05 12.73 3.68
C HIS B 397 26.00 11.22 3.93
N ASP B 398 24.80 10.69 4.23
CA ASP B 398 24.52 9.25 4.51
C ASP B 398 24.92 8.42 3.28
N GLN B 399 24.65 8.92 2.07
CA GLN B 399 24.95 8.22 0.80
C GLN B 399 26.47 8.20 0.56
N HIS B 400 27.17 9.33 0.76
CA HIS B 400 28.56 9.56 0.31
C HIS B 400 29.59 9.18 1.38
N PHE B 401 29.24 9.22 2.68
CA PHE B 401 30.20 8.97 3.79
C PHE B 401 29.69 7.91 4.79
N GLY B 402 28.55 7.25 4.50
CA GLY B 402 27.85 6.36 5.46
C GLY B 402 27.14 7.18 6.54
N PRO B 403 26.24 6.55 7.34
CA PRO B 403 25.48 7.27 8.35
C PRO B 403 26.33 7.70 9.55
N PHE B 404 25.84 8.70 10.30
CA PHE B 404 26.50 9.26 11.50
C PHE B 404 26.46 8.23 12.63
N PHE B 405 27.63 7.92 13.21
CA PHE B 405 27.81 6.88 14.26
C PHE B 405 27.01 7.25 15.51
N ARG B 406 26.44 6.24 16.18
CA ARG B 406 25.64 6.38 17.43
C ARG B 406 26.62 6.56 18.59
N THR B 407 26.24 7.28 19.64
CA THR B 407 27.10 7.59 20.82
C THR B 407 26.36 7.26 22.12
N ASN B 408 27.00 6.48 23.00
CA ASN B 408 26.46 6.01 24.30
C ASN B 408 27.36 6.55 25.42
N GLN B 409 27.07 7.76 25.89
CA GLN B 409 27.93 8.51 26.84
C GLN B 409 27.66 8.03 28.27
N VAL B 410 28.67 8.19 29.14
CA VAL B 410 28.58 7.98 30.62
C VAL B 410 29.37 9.11 31.28
N ILE B 411 28.70 9.96 32.07
CA ILE B 411 29.32 11.14 32.73
C ILE B 411 29.33 10.90 34.24
N LEU B 412 30.52 10.85 34.85
CA LEU B 412 30.76 10.62 36.29
C LEU B 412 31.05 11.96 36.96
N THR B 413 31.01 12.00 38.30
CA THR B 413 31.39 13.16 39.15
C THR B 413 31.73 12.66 40.56
N ALA B 414 32.65 13.34 41.24
CA ALA B 414 33.04 13.10 42.64
C ALA B 414 32.34 14.15 43.52
N PRO B 415 31.18 13.85 44.14
CA PRO B 415 30.41 14.85 44.88
C PRO B 415 31.13 15.42 46.11
N ASN B 416 31.76 14.56 46.92
CA ASN B 416 32.45 14.92 48.19
C ASN B 416 33.93 14.52 48.08
N ARG B 417 34.65 15.15 47.14
CA ARG B 417 36.13 15.10 46.99
C ARG B 417 36.61 16.51 46.66
N SER B 418 37.15 17.22 47.66
CA SER B 418 37.50 18.66 47.60
C SER B 418 38.60 18.89 46.55
N SER B 419 39.85 18.53 46.86
CA SER B 419 41.07 18.75 46.03
C SER B 419 42.30 18.21 46.77
N TYR B 420 43.45 18.21 46.07
CA TYR B 420 44.79 17.95 46.65
C TYR B 420 45.86 18.55 45.73
N ARG B 421 46.60 19.53 46.22
CA ARG B 421 47.67 20.23 45.46
C ARG B 421 48.84 19.28 45.25
N TYR B 422 49.35 19.20 44.01
CA TYR B 422 50.45 18.29 43.59
C TYR B 422 51.29 18.98 42.50
N ASP B 423 52.61 19.00 42.69
CA ASP B 423 53.60 19.59 41.73
C ASP B 423 54.26 18.45 40.95
N SER B 424 54.16 18.49 39.62
CA SER B 424 54.75 17.51 38.68
C SER B 424 56.26 17.74 38.55
N LEU B 425 56.73 18.95 38.86
CA LEU B 425 58.16 19.41 38.83
C LEU B 425 58.59 19.78 37.41
N LEU B 426 57.78 19.48 36.38
CA LEU B 426 58.05 19.86 34.96
C LEU B 426 56.97 20.80 34.41
N LEU B 427 55.76 20.83 34.99
CA LEU B 427 54.69 21.83 34.68
C LEU B 427 54.37 22.71 35.91
N GLY B 428 55.10 22.57 37.02
CA GLY B 428 54.93 23.37 38.24
C GLY B 428 53.83 22.81 39.15
N PRO B 429 53.36 23.57 40.17
CA PRO B 429 52.30 23.12 41.06
C PRO B 429 50.92 23.12 40.37
N LYS B 430 50.16 22.03 40.54
CA LYS B 430 48.81 21.83 39.93
C LYS B 430 47.82 21.37 41.01
N ASN B 431 46.61 21.92 40.99
CA ASN B 431 45.51 21.55 41.91
C ASN B 431 44.63 20.51 41.24
N PHE B 432 44.94 19.24 41.48
CA PHE B 432 44.19 18.09 40.93
C PHE B 432 42.82 18.01 41.63
N SER B 433 41.75 17.99 40.84
CA SER B 433 40.35 17.85 41.30
C SER B 433 40.16 16.47 41.93
N GLY B 434 39.13 16.34 42.77
CA GLY B 434 38.85 15.13 43.57
C GLY B 434 38.55 13.91 42.71
N ILE B 435 37.89 14.10 41.56
CA ILE B 435 37.46 13.02 40.62
C ILE B 435 38.69 12.29 40.04
N LEU B 436 39.84 12.97 39.95
CA LEU B 436 41.11 12.38 39.43
C LEU B 436 41.96 11.81 40.58
N ASP B 437 41.34 11.03 41.48
CA ASP B 437 42.04 10.12 42.43
C ASP B 437 42.36 8.81 41.69
N LEU B 438 43.18 7.95 42.30
CA LEU B 438 43.67 6.70 41.67
C LEU B 438 42.54 5.67 41.65
N ASP B 439 41.95 5.40 42.83
CA ASP B 439 40.90 4.36 43.07
C ASP B 439 39.68 4.60 42.15
N LEU B 440 39.25 5.85 42.01
CA LEU B 440 38.08 6.24 41.15
C LEU B 440 38.36 5.84 39.70
N LEU B 441 39.57 6.10 39.21
CA LEU B 441 40.02 5.74 37.84
C LEU B 441 40.11 4.21 37.68
N LEU B 442 40.63 3.50 38.70
CA LEU B 442 40.70 2.01 38.71
C LEU B 442 39.27 1.44 38.61
N GLU B 443 38.30 2.04 39.31
CA GLU B 443 36.87 1.65 39.27
C GLU B 443 36.28 1.93 37.88
N LEU B 444 36.61 3.08 37.28
CA LEU B 444 36.17 3.44 35.89
C LEU B 444 36.74 2.41 34.89
N LEU B 445 38.04 2.08 35.02
CA LEU B 445 38.70 1.05 34.17
C LEU B 445 37.96 -0.29 34.31
N GLU B 446 37.71 -0.72 35.55
CA GLU B 446 36.95 -1.96 35.87
C GLU B 446 35.61 -1.95 35.12
N LEU B 447 34.85 -0.84 35.22
CA LEU B 447 33.54 -0.68 34.54
C LEU B 447 33.74 -0.79 33.01
N GLN B 448 34.67 0.01 32.46
CA GLN B 448 34.97 0.02 31.00
C GLN B 448 35.23 -1.41 30.53
N GLU B 449 36.16 -2.13 31.19
CA GLU B 449 36.56 -3.52 30.84
C GLU B 449 35.33 -4.44 30.90
N ARG B 450 34.54 -4.38 31.98
CA ARG B 450 33.30 -5.19 32.15
C ARG B 450 32.30 -4.87 31.03
N LEU B 451 32.30 -3.62 30.53
CA LEU B 451 31.38 -3.18 29.44
C LEU B 451 31.89 -3.61 28.06
N ARG B 452 33.19 -3.87 27.90
CA ARG B 452 33.78 -4.35 26.60
C ARG B 452 33.29 -5.77 26.30
N HIS B 453 33.41 -6.68 27.28
CA HIS B 453 33.12 -8.13 27.13
C HIS B 453 31.63 -8.43 27.37
N LEU B 454 30.84 -7.43 27.78
CA LEU B 454 29.36 -7.53 27.98
C LEU B 454 28.73 -7.93 26.63
N GLN B 455 27.86 -8.94 26.64
CA GLN B 455 27.18 -9.50 25.45
C GLN B 455 25.67 -9.59 25.71
N VAL B 456 24.88 -9.60 24.64
CA VAL B 456 23.40 -9.85 24.67
C VAL B 456 23.15 -11.25 24.14
N TRP B 457 21.99 -11.84 24.48
CA TRP B 457 21.54 -13.16 23.95
C TRP B 457 21.24 -13.03 22.45
N SER B 458 20.59 -11.94 22.02
CA SER B 458 20.14 -11.69 20.63
C SER B 458 19.25 -12.84 20.17
N PRO B 459 17.98 -12.93 20.64
CA PRO B 459 17.10 -14.05 20.30
C PRO B 459 16.74 -14.18 18.81
N GLU B 460 17.02 -13.16 17.99
CA GLU B 460 16.93 -13.20 16.51
C GLU B 460 18.02 -14.13 15.97
N ALA B 461 19.30 -13.75 16.18
CA ALA B 461 20.49 -14.45 15.64
C ALA B 461 20.81 -15.72 16.45
N GLN B 462 20.28 -15.83 17.68
CA GLN B 462 20.44 -17.00 18.59
C GLN B 462 21.91 -17.18 19.01
N ARG B 463 22.72 -16.12 18.94
CA ARG B 463 24.16 -16.12 19.30
C ARG B 463 24.48 -14.89 20.16
N ASN B 464 25.49 -15.00 21.04
CA ASN B 464 25.90 -13.90 21.97
C ASN B 464 26.64 -12.82 21.16
N ILE B 465 26.00 -11.66 20.98
CA ILE B 465 26.54 -10.48 20.23
C ILE B 465 27.51 -9.73 21.16
N SER B 466 28.80 -9.75 20.82
CA SER B 466 29.89 -9.00 21.51
C SER B 466 30.02 -7.62 20.87
N LEU B 467 30.69 -6.69 21.57
CA LEU B 467 30.89 -5.27 21.14
C LEU B 467 31.55 -5.22 19.76
N GLN B 468 32.53 -6.09 19.50
CA GLN B 468 33.37 -6.11 18.26
C GLN B 468 32.50 -6.35 17.01
N ASP B 469 31.31 -6.94 17.16
CA ASP B 469 30.39 -7.28 16.03
C ASP B 469 29.86 -6.01 15.35
N ILE B 470 29.57 -4.96 16.13
CA ILE B 470 28.76 -3.77 15.71
C ILE B 470 29.47 -2.44 16.02
N CYS B 471 30.60 -2.45 16.74
CA CYS B 471 31.27 -1.22 17.25
C CYS B 471 31.88 -0.42 16.08
N TYR B 472 31.93 0.90 16.22
CA TYR B 472 32.51 1.85 15.24
C TYR B 472 34.04 1.73 15.28
N ALA B 473 34.66 1.35 14.16
CA ALA B 473 36.11 1.12 14.00
C ALA B 473 36.68 2.17 13.04
N PRO B 474 37.31 3.26 13.55
CA PRO B 474 37.97 4.25 12.68
C PRO B 474 39.22 3.66 12.01
N LEU B 475 40.04 2.91 12.77
CA LEU B 475 41.17 2.10 12.25
C LEU B 475 40.71 0.65 12.05
N ASN B 476 41.13 0.03 10.94
CA ASN B 476 40.95 -1.42 10.68
C ASN B 476 39.47 -1.76 10.79
N PRO B 477 38.60 -1.29 9.85
CA PRO B 477 37.16 -1.55 9.93
C PRO B 477 36.75 -3.03 9.78
N ASP B 478 37.65 -3.87 9.26
CA ASP B 478 37.49 -5.36 9.17
C ASP B 478 38.42 -6.05 10.18
N ASN B 479 38.13 -7.30 10.51
CA ASN B 479 38.84 -8.12 11.53
C ASN B 479 38.82 -7.37 12.88
N THR B 480 37.65 -6.86 13.27
CA THR B 480 37.43 -6.03 14.49
C THR B 480 37.41 -6.94 15.73
N SER B 481 38.23 -6.61 16.73
CA SER B 481 38.27 -7.24 18.08
C SER B 481 37.85 -6.21 19.14
N LEU B 482 37.70 -6.66 20.39
CA LEU B 482 37.33 -5.80 21.56
C LEU B 482 38.42 -4.74 21.82
N TYR B 483 39.64 -4.96 21.33
CA TYR B 483 40.77 -3.99 21.34
C TYR B 483 40.86 -3.23 20.01
N ASP B 484 39.77 -3.14 19.24
CA ASP B 484 39.72 -2.42 17.92
C ASP B 484 38.44 -1.56 17.82
N CYS B 485 37.79 -1.23 18.94
CA CYS B 485 36.51 -0.47 18.98
C CYS B 485 36.75 0.94 19.53
N CYS B 486 35.89 1.88 19.13
CA CYS B 486 35.95 3.32 19.52
C CYS B 486 35.36 3.47 20.93
N ILE B 487 36.22 3.40 21.95
CA ILE B 487 35.88 3.61 23.39
C ILE B 487 36.70 4.79 23.91
N ASN B 488 36.20 6.02 23.73
CA ASN B 488 36.86 7.28 24.17
C ASN B 488 36.66 7.42 25.68
N SER B 489 37.75 7.60 26.43
CA SER B 489 37.79 7.81 27.90
C SER B 489 39.19 8.26 28.32
N LEU B 490 39.33 8.76 29.56
CA LEU B 490 40.64 9.22 30.13
C LEU B 490 41.63 8.05 30.16
N LEU B 491 41.14 6.82 30.33
CA LEU B 491 41.97 5.58 30.40
C LEU B 491 42.40 5.12 29.00
N GLN B 492 42.19 5.92 27.95
CA GLN B 492 42.77 5.68 26.59
C GLN B 492 44.20 6.23 26.52
N TYR B 493 44.60 7.13 27.44
CA TYR B 493 45.98 7.67 27.52
C TYR B 493 46.94 6.64 28.14
N PHE B 494 46.42 5.51 28.65
CA PHE B 494 47.21 4.37 29.18
C PHE B 494 46.82 3.05 28.49
N GLN B 495 46.04 3.11 27.40
CA GLN B 495 45.60 1.96 26.57
C GLN B 495 44.85 0.92 27.43
N ASN B 496 44.17 1.36 28.49
CA ASN B 496 43.34 0.52 29.40
C ASN B 496 44.22 -0.55 30.07
N ASN B 497 45.27 -0.10 30.77
CA ASN B 497 46.29 -0.95 31.43
C ASN B 497 46.40 -0.58 32.91
N ARG B 498 46.32 -1.59 33.77
CA ARG B 498 46.36 -1.42 35.26
C ARG B 498 47.81 -1.14 35.70
N THR B 499 48.80 -1.78 35.06
CA THR B 499 50.24 -1.67 35.41
C THR B 499 50.74 -0.27 35.05
N LEU B 500 50.35 0.26 33.89
CA LEU B 500 50.71 1.64 33.41
C LEU B 500 49.99 2.68 34.29
N LEU B 501 48.80 2.36 34.81
CA LEU B 501 48.06 3.21 35.78
C LEU B 501 48.82 3.26 37.12
N LEU B 502 49.28 2.11 37.61
CA LEU B 502 50.03 1.99 38.90
C LEU B 502 51.54 2.17 38.68
N LEU B 503 51.98 2.55 37.47
CA LEU B 503 53.42 2.72 37.13
C LEU B 503 53.92 4.06 37.70
N THR B 504 55.02 4.01 38.47
CA THR B 504 55.81 5.18 38.93
C THR B 504 57.25 5.01 38.45
N ALA B 505 57.96 6.12 38.26
CA ALA B 505 59.41 6.17 37.94
C ALA B 505 60.07 7.35 38.66
N ASN B 506 61.40 7.34 38.75
CA ASN B 506 62.21 8.41 39.40
C ASN B 506 62.87 9.26 38.31
N GLN B 507 62.61 10.58 38.34
CA GLN B 507 63.15 11.56 37.36
C GLN B 507 63.91 12.65 38.12
N THR B 508 65.18 12.86 37.76
CA THR B 508 66.07 13.95 38.24
C THR B 508 66.06 15.09 37.20
N LEU B 509 65.41 16.21 37.54
CA LEU B 509 65.26 17.40 36.65
C LEU B 509 66.08 18.55 37.24
N MET B 510 67.21 18.89 36.60
CA MET B 510 68.15 19.98 36.97
C MET B 510 68.71 19.73 38.38
N GLY B 511 69.00 18.46 38.72
CA GLY B 511 69.62 18.07 40.00
C GLY B 511 68.62 17.47 40.99
N GLN B 512 67.40 18.01 41.04
CA GLN B 512 66.35 17.60 42.01
C GLN B 512 65.55 16.42 41.43
N THR B 513 65.47 15.31 42.19
CA THR B 513 64.76 14.06 41.82
C THR B 513 63.34 14.09 42.41
N SER B 514 62.37 13.53 41.68
CA SER B 514 60.97 13.33 42.16
C SER B 514 60.35 12.09 41.51
N GLN B 515 59.22 11.64 42.07
CA GLN B 515 58.41 10.49 41.55
C GLN B 515 57.51 11.02 40.44
N VAL B 516 57.50 10.34 39.27
CA VAL B 516 56.60 10.65 38.12
C VAL B 516 55.53 9.55 38.06
N ASP B 517 54.32 9.88 38.52
CA ASP B 517 53.13 8.98 38.52
C ASP B 517 52.41 9.10 37.17
N TRP B 518 51.24 8.47 37.03
CA TRP B 518 50.30 8.62 35.89
C TRP B 518 49.93 10.09 35.66
N LYS B 519 49.88 10.90 36.73
CA LYS B 519 49.40 12.31 36.75
C LYS B 519 50.18 13.16 35.74
N ASP B 520 51.51 13.05 35.74
CA ASP B 520 52.42 13.82 34.84
C ASP B 520 52.19 13.40 33.39
N HIS B 521 51.99 12.10 33.13
CA HIS B 521 51.66 11.54 31.79
C HIS B 521 50.32 12.10 31.32
N PHE B 522 49.30 12.12 32.19
CA PHE B 522 47.96 12.72 31.91
C PHE B 522 48.12 14.20 31.56
N LEU B 523 48.86 14.95 32.39
CA LEU B 523 49.11 16.41 32.19
C LEU B 523 49.80 16.64 30.84
N TYR B 524 50.80 15.82 30.50
CA TYR B 524 51.52 15.89 29.21
C TYR B 524 50.57 15.50 28.06
N CYS B 525 49.67 14.55 28.30
CA CYS B 525 48.72 14.00 27.28
C CYS B 525 47.66 15.03 26.91
N ALA B 526 47.11 15.75 27.90
CA ALA B 526 46.00 16.72 27.73
C ALA B 526 46.42 17.88 26.82
N ASN B 527 47.67 18.33 26.92
CA ASN B 527 48.21 19.52 26.18
C ASN B 527 48.46 19.15 24.71
N ALA B 528 49.04 17.97 24.44
CA ALA B 528 49.37 17.46 23.09
C ALA B 528 48.93 16.01 22.97
N PRO B 529 47.70 15.70 22.50
CA PRO B 529 47.19 14.32 22.45
C PRO B 529 47.82 13.43 21.37
N LEU B 530 48.39 14.03 20.31
CA LEU B 530 49.04 13.28 19.19
C LEU B 530 50.55 13.24 19.42
N THR B 531 50.99 12.47 20.42
CA THR B 531 52.40 12.15 20.74
C THR B 531 52.52 10.64 21.00
N PHE B 532 53.46 9.97 20.32
CA PHE B 532 53.68 8.50 20.43
C PHE B 532 54.65 8.18 21.58
N LYS B 533 55.43 9.16 22.03
CA LYS B 533 56.33 9.07 23.22
C LYS B 533 55.97 10.22 24.17
N ASP B 534 55.82 9.92 25.46
CA ASP B 534 55.53 10.92 26.54
C ASP B 534 56.75 11.84 26.70
N GLY B 535 57.89 11.29 27.12
CA GLY B 535 59.17 12.04 27.28
C GLY B 535 59.22 12.84 28.57
N THR B 536 58.78 12.25 29.69
CA THR B 536 58.93 12.78 31.07
C THR B 536 59.41 11.64 31.98
N ALA B 537 60.50 10.97 31.58
CA ALA B 537 61.12 9.79 32.25
C ALA B 537 60.15 8.60 32.29
N LEU B 538 59.23 8.54 31.30
CA LEU B 538 58.23 7.44 31.14
C LEU B 538 58.01 7.25 29.64
N ALA B 539 58.43 6.11 29.08
CA ALA B 539 58.25 5.75 27.66
C ALA B 539 56.82 5.25 27.45
N LEU B 540 55.83 6.08 27.79
CA LEU B 540 54.38 5.77 27.69
C LEU B 540 53.83 6.39 26.39
N SER B 541 53.09 5.60 25.63
CA SER B 541 52.41 6.01 24.38
C SER B 541 51.13 6.77 24.75
N CYS B 542 51.08 8.08 24.45
CA CYS B 542 49.91 8.95 24.73
C CYS B 542 48.75 8.62 23.78
N MET B 543 49.06 8.03 22.61
CA MET B 543 48.08 7.54 21.61
C MET B 543 47.10 6.55 22.26
N ALA B 544 45.85 6.54 21.78
CA ALA B 544 44.76 5.68 22.28
C ALA B 544 45.04 4.21 21.91
N ASP B 545 44.27 3.30 22.51
CA ASP B 545 44.43 1.83 22.39
C ASP B 545 44.09 1.39 20.95
N TYR B 546 42.95 1.85 20.44
CA TYR B 546 42.41 1.50 19.08
C TYR B 546 43.32 2.11 18.02
N GLY B 547 44.03 3.21 18.33
CA GLY B 547 45.19 3.73 17.59
C GLY B 547 44.95 5.08 16.93
N ALA B 548 43.80 5.73 17.21
CA ALA B 548 43.47 7.11 16.77
C ALA B 548 43.47 8.02 18.00
N PRO B 549 44.07 9.24 17.93
CA PRO B 549 44.31 10.05 19.11
C PRO B 549 43.01 10.54 19.78
N VAL B 550 42.94 10.43 21.11
CA VAL B 550 41.79 10.90 21.95
C VAL B 550 42.10 12.34 22.37
N PHE B 551 41.18 13.27 22.07
CA PHE B 551 41.28 14.71 22.42
C PHE B 551 40.81 14.91 23.86
N PRO B 552 41.42 15.86 24.61
CA PRO B 552 41.08 16.06 26.02
C PRO B 552 39.58 16.32 26.27
N PHE B 553 38.92 17.06 25.36
CA PHE B 553 37.49 17.43 25.46
C PHE B 553 36.57 16.22 25.30
N LEU B 554 37.07 15.05 24.87
CA LEU B 554 36.26 13.80 24.71
C LEU B 554 36.36 12.89 25.94
N ALA B 555 37.36 13.10 26.81
CA ALA B 555 37.68 12.23 27.96
C ALA B 555 37.42 12.90 29.32
N ILE B 556 37.48 14.24 29.40
CA ILE B 556 37.31 15.03 30.65
C ILE B 556 36.42 16.25 30.37
N GLY B 557 35.74 16.76 31.41
CA GLY B 557 34.81 17.90 31.34
C GLY B 557 34.82 18.73 32.61
N GLY B 558 34.24 19.93 32.56
CA GLY B 558 34.10 20.85 33.72
C GLY B 558 35.18 21.92 33.76
N TYR B 559 36.35 21.67 33.15
CA TYR B 559 37.50 22.61 33.07
C TYR B 559 37.10 23.86 32.26
N LYS B 560 37.91 24.93 32.35
CA LYS B 560 37.73 26.19 31.59
C LYS B 560 39.09 26.72 31.14
N GLY B 561 39.44 26.48 29.86
CA GLY B 561 40.71 26.88 29.23
C GLY B 561 41.60 25.68 28.99
N LYS B 562 42.77 25.63 29.66
CA LYS B 562 43.76 24.52 29.57
C LYS B 562 44.22 24.12 30.97
N ASP B 563 43.30 24.14 31.96
CA ASP B 563 43.53 23.68 33.36
C ASP B 563 42.81 22.33 33.53
N TYR B 564 43.30 21.32 32.81
CA TYR B 564 42.68 19.97 32.65
C TYR B 564 42.71 19.22 33.99
N SER B 565 43.78 19.41 34.78
CA SER B 565 43.96 18.85 36.14
C SER B 565 42.74 19.14 37.03
N GLU B 566 42.05 20.27 36.77
CA GLU B 566 40.80 20.69 37.49
C GLU B 566 39.55 20.21 36.72
N ALA B 567 39.61 19.06 36.03
CA ALA B 567 38.44 18.42 35.37
C ALA B 567 37.47 17.94 36.45
N GLU B 568 36.17 18.25 36.31
CA GLU B 568 35.15 17.99 37.35
C GLU B 568 34.28 16.77 37.00
N ALA B 569 34.41 16.20 35.79
CA ALA B 569 33.59 15.08 35.30
C ALA B 569 34.35 14.29 34.23
N LEU B 570 34.62 13.00 34.49
CA LEU B 570 35.17 12.04 33.48
C LEU B 570 34.05 11.64 32.52
N ILE B 571 34.40 11.29 31.28
CA ILE B 571 33.45 10.93 30.19
C ILE B 571 33.90 9.60 29.58
N MET B 572 32.95 8.81 29.09
CA MET B 572 33.20 7.47 28.47
C MET B 572 32.16 7.24 27.37
N THR B 573 32.62 7.13 26.12
CA THR B 573 31.77 7.04 24.89
C THR B 573 32.01 5.70 24.19
N PHE B 574 31.03 4.81 24.21
CA PHE B 574 30.99 3.55 23.43
C PHE B 574 30.28 3.83 22.10
N SER B 575 30.99 4.49 21.17
CA SER B 575 30.53 4.81 19.80
C SER B 575 30.24 3.51 19.04
N LEU B 576 29.08 3.42 18.39
CA LEU B 576 28.60 2.23 17.62
C LEU B 576 28.36 2.63 16.16
N ASN B 577 28.62 1.70 15.23
CA ASN B 577 28.28 1.85 13.79
C ASN B 577 26.76 1.96 13.64
N ASN B 578 26.28 2.98 12.93
CA ASN B 578 24.85 3.16 12.58
C ASN B 578 24.56 2.44 11.26
N TYR B 579 23.32 1.96 11.10
CA TYR B 579 22.83 1.26 9.89
C TYR B 579 21.49 1.87 9.49
N PRO B 580 21.03 1.72 8.21
CA PRO B 580 19.66 2.07 7.84
C PRO B 580 18.61 1.27 8.63
N ALA B 581 17.34 1.68 8.54
CA ALA B 581 16.21 1.16 9.34
C ALA B 581 15.92 -0.31 9.01
N GLY B 582 16.32 -0.80 7.83
CA GLY B 582 16.06 -2.18 7.36
C GLY B 582 17.02 -3.22 7.93
N ASP B 583 18.25 -2.83 8.29
CA ASP B 583 19.35 -3.77 8.66
C ASP B 583 19.08 -4.37 10.04
N PRO B 584 19.15 -5.71 10.22
CA PRO B 584 18.95 -6.33 11.53
C PRO B 584 20.09 -5.99 12.52
N ARG B 585 21.28 -5.65 12.00
CA ARG B 585 22.45 -5.16 12.78
C ARG B 585 22.05 -3.98 13.67
N LEU B 586 21.10 -3.14 13.20
CA LEU B 586 20.50 -2.02 13.99
C LEU B 586 19.77 -2.58 15.21
N ALA B 587 18.98 -3.65 15.03
CA ALA B 587 18.25 -4.35 16.12
C ALA B 587 19.25 -4.97 17.11
N GLN B 588 20.36 -5.52 16.59
CA GLN B 588 21.47 -6.10 17.40
C GLN B 588 22.14 -4.97 18.21
N ALA B 589 22.38 -3.82 17.56
CA ALA B 589 22.91 -2.59 18.22
C ALA B 589 21.98 -2.18 19.36
N LYS B 590 20.68 -2.03 19.08
CA LYS B 590 19.64 -1.64 20.07
C LYS B 590 19.63 -2.61 21.26
N LEU B 591 19.77 -3.92 21.01
CA LEU B 591 19.86 -4.94 22.09
C LEU B 591 21.10 -4.68 22.96
N TRP B 592 22.26 -4.45 22.33
CA TRP B 592 23.52 -4.12 23.05
C TRP B 592 23.34 -2.83 23.86
N GLU B 593 22.64 -1.84 23.28
CA GLU B 593 22.27 -0.57 23.96
C GLU B 593 21.50 -0.87 25.25
N GLU B 594 20.49 -1.75 25.17
CA GLU B 594 19.63 -2.15 26.31
C GLU B 594 20.48 -2.80 27.40
N ALA B 595 21.39 -3.72 27.04
CA ALA B 595 22.29 -4.43 27.98
C ALA B 595 23.29 -3.44 28.59
N PHE B 596 23.79 -2.48 27.80
CA PHE B 596 24.65 -1.37 28.27
C PHE B 596 23.91 -0.57 29.35
N LEU B 597 22.68 -0.13 29.05
CA LEU B 597 21.80 0.65 29.98
C LEU B 597 21.59 -0.14 31.28
N GLU B 598 21.30 -1.45 31.17
CA GLU B 598 21.10 -2.37 32.33
C GLU B 598 22.36 -2.38 33.22
N GLU B 599 23.53 -2.63 32.61
CA GLU B 599 24.86 -2.63 33.30
C GLU B 599 25.08 -1.26 33.97
N MET B 600 24.81 -0.17 33.25
CA MET B 600 25.02 1.22 33.77
C MET B 600 24.09 1.49 34.96
N ARG B 601 22.83 1.03 34.91
CA ARG B 601 21.87 1.11 36.05
C ARG B 601 22.44 0.35 37.27
N ALA B 602 22.96 -0.86 37.05
CA ALA B 602 23.59 -1.70 38.09
C ALA B 602 24.79 -0.97 38.70
N PHE B 603 25.65 -0.37 37.87
CA PHE B 603 26.83 0.42 38.32
C PHE B 603 26.37 1.66 39.09
N GLN B 604 25.34 2.36 38.62
CA GLN B 604 24.79 3.58 39.29
C GLN B 604 24.27 3.21 40.69
N ARG B 605 23.53 2.11 40.81
CA ARG B 605 22.99 1.61 42.11
C ARG B 605 24.14 1.16 43.03
N ARG B 606 25.20 0.57 42.47
CA ARG B 606 26.38 0.05 43.23
C ARG B 606 27.09 1.21 43.93
N MET B 607 27.50 2.23 43.16
CA MET B 607 28.31 3.38 43.65
C MET B 607 27.37 4.51 44.12
N ALA B 608 27.32 4.76 45.43
CA ALA B 608 26.41 5.74 46.09
C ALA B 608 27.23 6.91 46.65
N GLY B 609 28.13 6.63 47.59
CA GLY B 609 28.98 7.63 48.28
C GLY B 609 30.29 7.90 47.56
N MET B 610 30.54 7.22 46.43
CA MET B 610 31.81 7.31 45.65
C MET B 610 31.58 8.18 44.40
N PHE B 611 30.63 7.79 43.54
CA PHE B 611 30.33 8.44 42.24
C PHE B 611 28.87 8.94 42.22
N GLN B 612 28.61 9.84 41.26
CA GLN B 612 27.25 10.30 40.87
C GLN B 612 27.14 10.14 39.34
N VAL B 613 26.74 8.94 38.90
CA VAL B 613 26.80 8.50 37.48
C VAL B 613 25.48 8.87 36.79
N THR B 614 25.57 9.45 35.60
CA THR B 614 24.45 9.59 34.62
C THR B 614 24.95 9.08 33.26
N PHE B 615 24.03 8.49 32.48
CA PHE B 615 24.31 7.82 31.19
C PHE B 615 23.17 8.12 30.21
N MET B 616 23.35 7.69 28.97
CA MET B 616 22.32 7.75 27.89
C MET B 616 22.56 6.59 26.92
N ALA B 617 21.81 6.56 25.82
CA ALA B 617 21.99 5.62 24.69
C ALA B 617 21.22 6.17 23.48
N GLU B 618 21.65 5.83 22.26
CA GLU B 618 21.02 6.30 21.00
C GLU B 618 19.53 5.93 21.00
N ARG B 619 19.17 4.80 21.64
CA ARG B 619 17.77 4.31 21.75
C ARG B 619 17.07 4.86 23.00
N SER B 620 17.76 5.59 23.89
CA SER B 620 17.24 6.05 25.20
C SER B 620 16.07 7.03 24.98
N LEU B 621 16.27 8.05 24.14
CA LEU B 621 15.26 9.11 23.86
C LEU B 621 14.01 8.48 23.25
N GLU B 622 14.17 7.65 22.22
CA GLU B 622 13.07 6.91 21.53
C GLU B 622 12.27 6.10 22.55
N ASP B 623 12.93 5.48 23.53
CA ASP B 623 12.31 4.63 24.59
C ASP B 623 11.65 5.53 25.66
N GLU B 624 12.22 6.71 25.93
CA GLU B 624 11.75 7.60 27.04
C GLU B 624 10.52 8.42 26.61
N ILE B 625 10.45 8.89 25.35
CA ILE B 625 9.30 9.69 24.84
C ILE B 625 8.06 8.79 24.72
N ASN B 626 8.25 7.49 24.41
CA ASN B 626 7.15 6.50 24.19
C ASN B 626 7.07 5.52 25.38
N ARG B 627 7.33 5.97 26.60
CA ARG B 627 7.20 5.16 27.85
C ARG B 627 5.83 5.44 28.49
N THR B 628 5.43 6.72 28.57
CA THR B 628 4.25 7.21 29.33
C THR B 628 2.95 7.09 28.52
N THR B 629 3.04 6.85 27.21
CA THR B 629 1.87 6.75 26.28
C THR B 629 0.88 5.69 26.75
N ALA B 630 1.38 4.58 27.32
CA ALA B 630 0.58 3.43 27.81
C ALA B 630 0.33 3.52 29.32
N GLU B 631 1.30 4.04 30.09
CA GLU B 631 1.26 4.09 31.57
C GLU B 631 0.25 5.14 32.07
N ASP B 632 -0.09 6.14 31.23
CA ASP B 632 -0.91 7.32 31.61
C ASP B 632 -2.17 7.43 30.74
N LEU B 633 -2.49 6.45 29.88
CA LEU B 633 -3.71 6.49 29.02
C LEU B 633 -4.95 6.14 29.86
N PRO B 634 -4.92 5.09 30.73
CA PRO B 634 -6.07 4.81 31.61
C PRO B 634 -6.50 5.98 32.51
N ILE B 635 -5.54 6.74 33.04
CA ILE B 635 -5.78 7.92 33.93
C ILE B 635 -6.58 8.98 33.15
N PHE B 636 -6.30 9.16 31.86
CA PHE B 636 -6.97 10.15 30.98
C PHE B 636 -8.42 9.71 30.67
N ALA B 637 -8.68 8.40 30.57
CA ALA B 637 -9.98 7.82 30.16
C ALA B 637 -11.10 8.20 31.15
N THR B 638 -10.76 8.57 32.38
CA THR B 638 -11.71 8.97 33.46
C THR B 638 -12.44 10.27 33.08
N SER B 639 -11.83 11.12 32.24
CA SER B 639 -12.44 12.38 31.71
C SER B 639 -13.80 12.08 31.06
N TYR B 640 -13.88 10.98 30.29
CA TYR B 640 -15.12 10.49 29.62
C TYR B 640 -16.22 10.27 30.66
N ILE B 641 -15.89 9.56 31.75
CA ILE B 641 -16.82 9.29 32.90
C ILE B 641 -17.25 10.63 33.54
N VAL B 642 -16.31 11.56 33.75
CA VAL B 642 -16.60 12.90 34.36
C VAL B 642 -17.58 13.67 33.46
N ILE B 643 -17.34 13.65 32.14
CA ILE B 643 -18.22 14.36 31.14
C ILE B 643 -19.58 13.66 31.06
N PHE B 644 -19.60 12.32 31.03
CA PHE B 644 -20.85 11.51 31.07
C PHE B 644 -21.71 11.96 32.27
N LEU B 645 -21.13 11.94 33.47
CA LEU B 645 -21.82 12.32 34.73
C LEU B 645 -22.28 13.77 34.65
N TYR B 646 -21.39 14.69 34.25
CA TYR B 646 -21.72 16.14 34.11
C TYR B 646 -22.93 16.32 33.18
N ILE B 647 -22.88 15.72 31.97
CA ILE B 647 -23.97 15.82 30.95
C ILE B 647 -25.27 15.25 31.54
N SER B 648 -25.18 14.09 32.21
CA SER B 648 -26.35 13.40 32.83
C SER B 648 -27.01 14.29 33.89
N LEU B 649 -26.23 15.06 34.66
CA LEU B 649 -26.72 15.91 35.78
C LEU B 649 -27.08 17.32 35.29
N ALA B 650 -26.49 17.81 34.19
CA ALA B 650 -26.63 19.21 33.71
C ALA B 650 -27.73 19.35 32.65
N LEU B 651 -28.41 18.27 32.26
CA LEU B 651 -29.54 18.30 31.29
C LEU B 651 -30.86 17.87 31.96
N GLY B 652 -30.82 17.04 33.00
CA GLY B 652 -32.00 16.58 33.76
C GLY B 652 -32.50 17.65 34.72
N SER B 653 -33.71 18.17 34.48
CA SER B 653 -34.38 19.18 35.34
C SER B 653 -34.97 18.49 36.59
N TYR B 654 -34.24 18.55 37.71
CA TYR B 654 -34.65 18.00 39.03
C TYR B 654 -35.31 19.12 39.85
N SER B 655 -36.65 19.20 39.81
CA SER B 655 -37.46 20.24 40.49
C SER B 655 -38.65 19.62 41.23
N SER B 656 -38.56 18.35 41.62
CA SER B 656 -39.59 17.59 42.39
C SER B 656 -38.95 16.85 43.57
N TRP B 657 -37.78 16.21 43.37
CA TRP B 657 -37.03 15.39 44.35
C TRP B 657 -37.74 14.04 44.58
N SER B 658 -38.72 13.70 43.75
CA SER B 658 -39.43 12.40 43.70
C SER B 658 -39.36 11.77 42.30
N ARG B 659 -39.18 12.57 41.25
CA ARG B 659 -39.04 12.13 39.83
C ARG B 659 -37.67 12.53 39.27
N VAL B 660 -36.65 12.67 40.13
CA VAL B 660 -35.24 12.91 39.69
C VAL B 660 -34.82 11.72 38.83
N MET B 661 -35.33 10.52 39.16
CA MET B 661 -35.11 9.24 38.42
C MET B 661 -36.06 9.13 37.21
N VAL B 662 -36.78 10.20 36.84
CA VAL B 662 -37.63 10.29 35.60
C VAL B 662 -37.13 11.41 34.68
N ASP B 663 -36.42 12.43 35.19
CA ASP B 663 -35.99 13.62 34.43
C ASP B 663 -34.48 13.60 34.11
N SER B 664 -33.61 13.07 34.98
CA SER B 664 -32.13 12.96 34.75
C SER B 664 -31.84 12.22 33.43
N LYS B 665 -31.26 12.92 32.45
CA LYS B 665 -31.05 12.42 31.07
C LYS B 665 -29.73 11.64 30.99
N ALA B 666 -29.72 10.41 31.51
CA ALA B 666 -28.54 9.50 31.49
C ALA B 666 -28.38 8.86 30.11
N THR B 667 -29.50 8.58 29.42
CA THR B 667 -29.56 8.03 28.04
C THR B 667 -28.79 8.96 27.09
N LEU B 668 -29.08 10.27 27.16
CA LEU B 668 -28.42 11.33 26.34
C LEU B 668 -26.93 11.43 26.72
N GLY B 669 -26.61 11.26 28.00
CA GLY B 669 -25.21 11.21 28.51
C GLY B 669 -24.43 10.09 27.85
N LEU B 670 -24.93 8.85 27.94
CA LEU B 670 -24.35 7.65 27.29
C LEU B 670 -24.27 7.87 25.77
N GLY B 671 -25.36 8.39 25.17
CA GLY B 671 -25.44 8.77 23.75
C GLY B 671 -24.29 9.67 23.34
N GLY B 672 -24.17 10.84 23.98
CA GLY B 672 -23.13 11.86 23.72
C GLY B 672 -21.73 11.28 23.82
N VAL B 673 -21.45 10.52 24.89
CA VAL B 673 -20.12 9.86 25.13
C VAL B 673 -19.86 8.84 24.02
N ALA B 674 -20.84 7.99 23.71
CA ALA B 674 -20.76 6.95 22.65
C ALA B 674 -20.52 7.61 21.29
N VAL B 675 -21.15 8.76 21.03
CA VAL B 675 -21.01 9.55 19.76
C VAL B 675 -19.55 9.99 19.61
N VAL B 676 -19.00 10.71 20.60
CA VAL B 676 -17.60 11.22 20.57
C VAL B 676 -16.64 10.02 20.43
N LEU B 677 -16.86 8.97 21.24
CA LEU B 677 -16.00 7.75 21.24
C LEU B 677 -16.03 7.10 19.84
N GLY B 678 -17.22 6.94 19.26
CA GLY B 678 -17.41 6.44 17.88
C GLY B 678 -16.64 7.27 16.87
N ALA B 679 -16.76 8.60 16.96
CA ALA B 679 -16.13 9.59 16.04
C ALA B 679 -14.60 9.44 16.07
N VAL B 680 -13.99 9.44 17.27
CA VAL B 680 -12.51 9.39 17.44
C VAL B 680 -11.98 8.02 17.00
N MET B 681 -12.69 6.93 17.34
CA MET B 681 -12.30 5.54 16.97
C MET B 681 -12.42 5.35 15.45
N ALA B 682 -13.51 5.85 14.84
CA ALA B 682 -13.75 5.79 13.38
C ALA B 682 -12.63 6.53 12.63
N ALA B 683 -12.25 7.73 13.11
CA ALA B 683 -11.17 8.58 12.56
C ALA B 683 -9.84 7.82 12.58
N MET B 684 -9.45 7.31 13.76
CA MET B 684 -8.19 6.54 13.97
C MET B 684 -8.21 5.27 13.10
N GLY B 685 -9.33 4.56 13.08
CA GLY B 685 -9.54 3.33 12.29
C GLY B 685 -9.37 3.57 10.79
N PHE B 686 -10.03 4.61 10.26
CA PHE B 686 -9.96 5.01 8.83
C PHE B 686 -8.51 5.36 8.46
N PHE B 687 -7.80 6.09 9.32
CA PHE B 687 -6.40 6.53 9.10
C PHE B 687 -5.43 5.36 9.30
N SER B 688 -5.79 4.35 10.10
CA SER B 688 -5.01 3.09 10.24
C SER B 688 -5.18 2.23 8.98
N TYR B 689 -6.37 2.24 8.35
CA TYR B 689 -6.67 1.45 7.12
C TYR B 689 -5.79 1.89 5.94
N LEU B 690 -5.51 3.20 5.81
CA LEU B 690 -4.67 3.76 4.72
C LEU B 690 -3.18 3.49 4.98
N GLY B 691 -2.83 2.87 6.11
CA GLY B 691 -1.44 2.55 6.47
C GLY B 691 -0.69 3.76 6.97
N ILE B 692 -1.41 4.83 7.36
CA ILE B 692 -0.83 6.06 7.97
C ILE B 692 -0.57 5.73 9.45
N ARG B 693 0.68 5.88 9.88
CA ARG B 693 1.17 5.40 11.20
C ARG B 693 0.87 6.48 12.26
N SER B 694 0.27 6.07 13.38
CA SER B 694 -0.06 6.96 14.53
C SER B 694 1.21 7.27 15.33
N SER B 695 1.08 8.02 16.43
CA SER B 695 2.19 8.49 17.30
C SER B 695 1.68 8.60 18.74
N LEU B 696 2.52 9.05 19.68
CA LEU B 696 2.14 9.27 21.10
C LEU B 696 1.10 10.40 21.20
N VAL B 697 1.27 11.49 20.42
CA VAL B 697 0.42 12.71 20.48
C VAL B 697 -1.02 12.32 20.13
N ILE B 698 -1.21 11.55 19.05
CA ILE B 698 -2.54 11.08 18.56
C ILE B 698 -3.27 10.38 19.71
N LEU B 699 -2.71 9.28 20.22
CA LEU B 699 -3.35 8.38 21.23
C LEU B 699 -3.59 9.14 22.55
N GLN B 700 -2.71 10.08 22.92
CA GLN B 700 -2.75 10.78 24.24
C GLN B 700 -3.57 12.09 24.17
N VAL B 701 -3.79 12.68 22.98
CA VAL B 701 -4.48 14.00 22.83
C VAL B 701 -5.84 13.83 22.13
N VAL B 702 -5.88 13.18 20.97
CA VAL B 702 -7.06 13.19 20.03
C VAL B 702 -8.33 12.81 20.78
N PRO B 703 -8.42 11.64 21.46
CA PRO B 703 -9.67 11.20 22.06
C PRO B 703 -10.28 12.17 23.09
N PHE B 704 -9.44 13.01 23.71
CA PHE B 704 -9.79 13.93 24.82
C PHE B 704 -10.00 15.35 24.29
N LEU B 705 -9.13 15.81 23.38
CA LEU B 705 -9.28 17.14 22.70
C LEU B 705 -10.58 17.14 21.89
N VAL B 706 -10.82 16.10 21.10
CA VAL B 706 -12.06 15.94 20.26
C VAL B 706 -13.28 15.84 21.18
N LEU B 707 -13.12 15.23 22.36
CA LEU B 707 -14.19 15.10 23.40
C LEU B 707 -14.53 16.48 23.97
N SER B 708 -13.52 17.28 24.32
CA SER B 708 -13.69 18.67 24.81
C SER B 708 -14.40 19.52 23.75
N VAL B 709 -14.04 19.32 22.48
CA VAL B 709 -14.51 20.14 21.32
C VAL B 709 -15.93 19.72 20.89
N GLY B 710 -16.22 18.41 20.91
CA GLY B 710 -17.33 17.81 20.14
C GLY B 710 -18.52 17.33 20.98
N ALA B 711 -18.75 17.92 22.17
CA ALA B 711 -19.95 17.70 23.01
C ALA B 711 -20.84 18.95 23.04
N ASP B 712 -20.28 20.12 22.71
CA ASP B 712 -20.91 21.46 22.86
C ASP B 712 -22.11 21.57 21.92
N ASN B 713 -21.95 21.10 20.68
CA ASN B 713 -23.01 21.04 19.64
C ASN B 713 -24.26 20.37 20.22
N ILE B 714 -24.10 19.13 20.69
CA ILE B 714 -25.19 18.30 21.30
C ILE B 714 -25.78 19.04 22.51
N PHE B 715 -24.92 19.59 23.38
CA PHE B 715 -25.33 20.27 24.64
C PHE B 715 -26.27 21.45 24.30
N ILE B 716 -25.84 22.31 23.37
CA ILE B 716 -26.63 23.49 22.88
C ILE B 716 -27.94 22.98 22.25
N PHE B 717 -27.88 21.90 21.46
CA PHE B 717 -29.05 21.30 20.78
C PHE B 717 -30.10 20.86 21.81
N VAL B 718 -29.68 20.08 22.82
CA VAL B 718 -30.61 19.56 23.88
C VAL B 718 -31.18 20.75 24.66
N LEU B 719 -30.34 21.73 25.03
CA LEU B 719 -30.76 22.93 25.80
C LEU B 719 -31.84 23.71 25.00
N GLU B 720 -31.65 23.89 23.69
CA GLU B 720 -32.63 24.58 22.80
C GLU B 720 -33.92 23.77 22.75
N TYR B 721 -33.83 22.45 22.52
CA TYR B 721 -34.99 21.52 22.45
C TYR B 721 -35.80 21.60 23.76
N GLN B 722 -35.12 21.67 24.91
CA GLN B 722 -35.76 21.77 26.25
C GLN B 722 -36.44 23.15 26.40
N ARG B 723 -35.79 24.23 25.91
CA ARG B 723 -36.27 25.63 26.10
C ARG B 723 -37.39 25.97 25.11
N LEU B 724 -37.68 25.14 24.11
CA LEU B 724 -38.74 25.41 23.10
C LEU B 724 -40.10 24.98 23.65
N PRO B 725 -41.11 25.88 23.69
CA PRO B 725 -42.47 25.50 24.08
C PRO B 725 -43.16 24.77 22.92
N ARG B 726 -43.54 23.50 23.14
CA ARG B 726 -44.27 22.66 22.15
C ARG B 726 -45.62 23.35 21.84
N ARG B 727 -45.91 23.55 20.55
CA ARG B 727 -47.18 24.16 20.08
C ARG B 727 -48.32 23.16 20.33
N PRO B 728 -49.56 23.63 20.61
CA PRO B 728 -50.69 22.72 20.83
C PRO B 728 -51.05 21.91 19.58
N GLY B 729 -51.11 20.58 19.71
CA GLY B 729 -51.40 19.63 18.61
C GLY B 729 -50.24 19.51 17.63
N GLU B 730 -49.03 19.36 18.16
CA GLU B 730 -47.77 19.15 17.39
C GLU B 730 -47.10 17.88 17.90
N PRO B 731 -46.82 16.86 17.05
CA PRO B 731 -46.09 15.67 17.49
C PRO B 731 -44.63 15.97 17.82
N ARG B 732 -44.04 15.17 18.71
CA ARG B 732 -42.68 15.37 19.28
C ARG B 732 -41.61 15.36 18.16
N GLU B 733 -41.84 14.60 17.09
CA GLU B 733 -40.93 14.49 15.91
C GLU B 733 -40.76 15.87 15.26
N VAL B 734 -41.87 16.60 15.06
CA VAL B 734 -41.88 17.96 14.44
C VAL B 734 -41.23 18.96 15.41
N HIS B 735 -41.48 18.79 16.72
CA HIS B 735 -40.88 19.63 17.79
C HIS B 735 -39.35 19.49 17.78
N ILE B 736 -38.83 18.26 17.71
CA ILE B 736 -37.37 17.95 17.64
C ILE B 736 -36.82 18.50 16.32
N GLY B 737 -37.54 18.27 15.20
CA GLY B 737 -37.25 18.86 13.89
C GLY B 737 -37.05 20.36 13.98
N ARG B 738 -38.00 21.06 14.63
CA ARG B 738 -38.01 22.55 14.77
C ARG B 738 -36.81 22.99 15.60
N ALA B 739 -36.54 22.31 16.72
CA ALA B 739 -35.37 22.56 17.61
C ALA B 739 -34.08 22.45 16.79
N LEU B 740 -33.90 21.34 16.05
CA LEU B 740 -32.72 21.12 15.18
C LEU B 740 -32.66 22.24 14.12
N GLY B 741 -33.79 22.57 13.50
CA GLY B 741 -33.95 23.67 12.53
C GLY B 741 -33.46 25.00 13.09
N ARG B 742 -33.67 25.25 14.38
CA ARG B 742 -33.24 26.50 15.07
C ARG B 742 -31.71 26.52 15.24
N VAL B 743 -31.13 25.44 15.80
CA VAL B 743 -29.70 25.44 16.25
C VAL B 743 -28.81 24.59 15.32
N ALA B 744 -29.23 24.32 14.08
CA ALA B 744 -28.41 23.61 13.07
C ALA B 744 -27.35 24.52 12.47
N PRO B 745 -27.68 25.75 12.00
CA PRO B 745 -26.70 26.63 11.36
C PRO B 745 -25.46 26.90 12.22
N SER B 746 -25.68 27.21 13.51
CA SER B 746 -24.64 27.50 14.53
C SER B 746 -23.72 26.29 14.72
N MET B 747 -24.31 25.10 14.90
CA MET B 747 -23.59 23.80 15.06
C MET B 747 -22.77 23.51 13.80
N LEU B 748 -23.38 23.64 12.61
CA LEU B 748 -22.69 23.44 11.30
C LEU B 748 -21.51 24.40 11.19
N LEU B 749 -21.73 25.69 11.44
CA LEU B 749 -20.67 26.75 11.41
C LEU B 749 -19.49 26.31 12.29
N CYS B 750 -19.76 26.05 13.58
CA CYS B 750 -18.75 25.67 14.61
C CYS B 750 -17.93 24.47 14.13
N SER B 751 -18.62 23.42 13.67
CA SER B 751 -18.02 22.17 13.12
C SER B 751 -17.13 22.50 11.91
N LEU B 752 -17.65 23.26 10.95
CA LEU B 752 -16.94 23.62 9.69
C LEU B 752 -15.68 24.44 10.02
N SER B 753 -15.81 25.45 10.90
CA SER B 753 -14.70 26.32 11.38
C SER B 753 -13.58 25.46 11.97
N GLU B 754 -13.92 24.54 12.89
CA GLU B 754 -12.98 23.61 13.57
C GLU B 754 -12.29 22.72 12.52
N ALA B 755 -13.08 22.09 11.64
CA ALA B 755 -12.59 21.20 10.56
C ALA B 755 -11.60 21.97 9.67
N ILE B 756 -12.05 23.09 9.08
CA ILE B 756 -11.23 23.96 8.17
C ILE B 756 -9.90 24.27 8.88
N CYS B 757 -9.97 24.82 10.10
CA CYS B 757 -8.79 25.24 10.91
C CYS B 757 -7.82 24.07 11.08
N PHE B 758 -8.31 22.88 11.44
CA PHE B 758 -7.47 21.66 11.63
C PHE B 758 -6.82 21.26 10.30
N PHE B 759 -7.59 21.24 9.20
CA PHE B 759 -7.11 20.83 7.85
C PHE B 759 -6.13 21.87 7.28
N LEU B 760 -6.17 23.13 7.74
CA LEU B 760 -5.18 24.19 7.36
C LEU B 760 -3.96 24.11 8.28
N GLY B 761 -4.17 23.82 9.58
CA GLY B 761 -3.09 23.52 10.55
C GLY B 761 -2.26 22.32 10.14
N ALA B 762 -2.84 21.40 9.36
CA ALA B 762 -2.19 20.16 8.84
C ALA B 762 -1.11 20.47 7.79
N LEU B 763 -0.92 21.73 7.39
CA LEU B 763 0.15 22.15 6.43
C LEU B 763 1.51 22.30 7.13
N THR B 764 1.64 21.94 8.41
CA THR B 764 2.92 21.94 9.16
C THR B 764 3.87 20.91 8.53
N PRO B 765 5.20 21.20 8.46
CA PRO B 765 6.15 20.28 7.87
C PRO B 765 6.40 19.02 8.72
N MET B 766 6.17 19.09 10.03
CA MET B 766 6.39 17.98 10.99
C MET B 766 5.33 16.90 10.76
N PRO B 767 5.71 15.65 10.40
CA PRO B 767 4.74 14.58 10.12
C PRO B 767 3.79 14.24 11.28
N ALA B 768 4.29 14.32 12.53
CA ALA B 768 3.54 14.04 13.78
C ALA B 768 2.34 15.00 13.89
N VAL B 769 2.61 16.31 13.84
CA VAL B 769 1.60 17.41 13.95
C VAL B 769 0.65 17.33 12.75
N ARG B 770 1.18 17.07 11.54
CA ARG B 770 0.41 16.87 10.28
C ARG B 770 -0.65 15.78 10.52
N THR B 771 -0.21 14.57 10.87
CA THR B 771 -1.08 13.39 11.13
C THR B 771 -2.12 13.74 12.21
N PHE B 772 -1.67 14.33 13.32
CA PHE B 772 -2.52 14.76 14.47
C PHE B 772 -3.63 15.70 13.99
N ALA B 773 -3.25 16.73 13.21
CA ALA B 773 -4.17 17.77 12.67
C ALA B 773 -5.21 17.12 11.75
N LEU B 774 -4.76 16.26 10.83
CA LEU B 774 -5.63 15.51 9.88
C LEU B 774 -6.61 14.61 10.66
N THR B 775 -6.11 13.89 11.68
CA THR B 775 -6.93 13.00 12.55
C THR B 775 -8.05 13.82 13.21
N SER B 776 -7.68 14.90 13.90
CA SER B 776 -8.61 15.83 14.60
C SER B 776 -9.65 16.39 13.61
N GLY B 777 -9.21 16.78 12.40
CA GLY B 777 -10.08 17.27 11.32
C GLY B 777 -11.15 16.25 10.93
N LEU B 778 -10.73 15.03 10.59
CA LEU B 778 -11.64 13.91 10.20
C LEU B 778 -12.56 13.54 11.38
N ALA B 779 -12.01 13.49 12.59
CA ALA B 779 -12.75 13.18 13.84
C ALA B 779 -13.92 14.17 14.02
N VAL B 780 -13.65 15.48 13.88
CA VAL B 780 -14.66 16.57 13.98
C VAL B 780 -15.73 16.39 12.89
N ILE B 781 -15.31 16.12 11.64
CA ILE B 781 -16.24 15.91 10.48
C ILE B 781 -17.20 14.75 10.82
N LEU B 782 -16.66 13.58 11.16
CA LEU B 782 -17.46 12.36 11.49
C LEU B 782 -18.33 12.64 12.72
N ASP B 783 -17.80 13.34 13.73
CA ASP B 783 -18.56 13.73 14.95
C ASP B 783 -19.83 14.48 14.55
N PHE B 784 -19.70 15.54 13.73
CA PHE B 784 -20.85 16.35 13.24
C PHE B 784 -21.83 15.47 12.47
N LEU B 785 -21.32 14.60 11.57
CA LEU B 785 -22.15 13.66 10.76
C LEU B 785 -22.91 12.70 11.67
N LEU B 786 -22.32 12.30 12.80
CA LEU B 786 -22.99 11.42 13.80
C LEU B 786 -24.02 12.23 14.62
N GLN B 787 -23.65 13.45 15.04
CA GLN B 787 -24.53 14.37 15.82
C GLN B 787 -25.82 14.69 15.04
N MET B 788 -25.74 14.73 13.70
CA MET B 788 -26.89 15.05 12.81
C MET B 788 -27.91 13.91 12.82
N SER B 789 -27.47 12.64 12.80
CA SER B 789 -28.32 11.44 12.63
C SER B 789 -28.48 10.67 13.95
N ALA B 790 -27.40 10.09 14.46
CA ALA B 790 -27.38 9.12 15.59
C ALA B 790 -27.96 9.77 16.85
N PHE B 791 -27.42 10.93 17.24
CA PHE B 791 -27.83 11.63 18.49
C PHE B 791 -29.27 12.14 18.38
N VAL B 792 -29.68 12.64 17.21
CA VAL B 792 -31.07 13.17 16.97
C VAL B 792 -32.06 12.00 17.17
N ALA B 793 -31.75 10.83 16.58
CA ALA B 793 -32.53 9.58 16.73
C ALA B 793 -32.61 9.18 18.21
N LEU B 794 -31.48 9.26 18.93
CA LEU B 794 -31.41 8.87 20.38
C LEU B 794 -32.19 9.87 21.24
N LEU B 795 -32.12 11.17 20.94
CA LEU B 795 -32.92 12.23 21.62
C LEU B 795 -34.41 11.97 21.41
N SER B 796 -34.80 11.60 20.19
CA SER B 796 -36.20 11.22 19.83
C SER B 796 -36.66 10.04 20.69
N LEU B 797 -35.81 9.01 20.84
CA LEU B 797 -36.11 7.82 21.69
C LEU B 797 -36.20 8.25 23.17
N ASP B 798 -35.23 9.02 23.66
CA ASP B 798 -35.18 9.49 25.08
C ASP B 798 -36.45 10.31 25.38
N SER B 799 -36.79 11.26 24.50
CA SER B 799 -38.02 12.09 24.58
C SER B 799 -39.26 11.19 24.62
N LYS B 800 -39.30 10.15 23.75
CA LYS B 800 -40.41 9.15 23.71
C LYS B 800 -40.54 8.46 25.07
N ARG B 801 -39.42 8.05 25.68
CA ARG B 801 -39.38 7.42 27.03
C ARG B 801 -39.90 8.41 28.08
N GLN B 802 -39.52 9.70 27.96
CA GLN B 802 -40.00 10.80 28.85
C GLN B 802 -41.53 10.92 28.74
N GLU B 803 -42.07 10.94 27.52
CA GLU B 803 -43.54 11.11 27.25
C GLU B 803 -44.33 9.96 27.90
N ALA B 804 -43.78 8.74 27.86
CA ALA B 804 -44.35 7.53 28.51
C ALA B 804 -44.16 7.57 30.03
N SER B 805 -43.37 8.53 30.54
CA SER B 805 -43.17 8.83 31.99
C SER B 805 -42.44 7.66 32.69
N ARG B 806 -41.35 7.18 32.06
CA ARG B 806 -40.58 6.00 32.50
C ARG B 806 -39.25 6.44 33.13
N LEU B 807 -38.59 5.52 33.85
CA LEU B 807 -37.41 5.83 34.71
C LEU B 807 -36.28 6.42 33.85
N ASP B 808 -35.41 7.17 34.51
CA ASP B 808 -34.40 8.08 33.89
C ASP B 808 -33.52 7.33 32.91
N VAL B 809 -32.97 6.19 33.35
CA VAL B 809 -31.94 5.42 32.61
C VAL B 809 -32.48 4.00 32.36
N CYS B 810 -32.82 3.27 33.42
CA CYS B 810 -33.35 1.88 33.37
C CYS B 810 -34.83 1.94 33.01
N CYS B 811 -35.13 2.05 31.71
CA CYS B 811 -36.49 2.22 31.13
C CYS B 811 -37.34 0.96 31.34
N CYS B 812 -36.71 -0.20 31.61
CA CYS B 812 -37.36 -1.52 31.84
C CYS B 812 -38.26 -1.50 33.08
N VAL B 813 -37.90 -0.72 34.11
CA VAL B 813 -38.69 -0.55 35.38
C VAL B 813 -40.02 0.14 35.07
N LYS B 814 -40.00 1.16 34.20
CA LYS B 814 -41.18 1.94 33.71
C LYS B 814 -41.66 2.87 34.83
N PRO B 815 -42.90 3.43 34.82
CA PRO B 815 -43.29 4.40 35.85
C PRO B 815 -43.41 3.73 37.22
N GLN B 816 -42.84 4.33 38.26
CA GLN B 816 -42.87 3.82 39.64
C GLN B 816 -44.35 3.64 40.06
N GLU B 817 -45.19 4.65 39.81
CA GLU B 817 -46.65 4.59 40.08
C GLU B 817 -47.39 5.70 39.32
N LEU B 818 -47.41 6.92 39.86
CA LEU B 818 -48.16 8.09 39.32
C LEU B 818 -47.35 9.36 39.59
N PRO B 819 -46.17 9.53 38.93
CA PRO B 819 -45.33 10.71 39.17
C PRO B 819 -46.11 12.00 38.94
N PRO B 820 -46.05 12.99 39.86
CA PRO B 820 -46.76 14.26 39.67
C PRO B 820 -46.23 15.00 38.43
N PRO B 821 -47.10 15.66 37.63
CA PRO B 821 -46.68 16.31 36.39
C PRO B 821 -45.57 17.35 36.61
N GLY B 822 -44.59 17.40 35.68
CA GLY B 822 -43.38 18.23 35.77
C GLY B 822 -43.43 19.43 34.84
N GLN B 823 -43.19 20.63 35.40
CA GLN B 823 -43.06 21.91 34.66
C GLN B 823 -42.19 22.84 35.51
N GLY B 824 -41.16 23.45 34.91
CA GLY B 824 -40.18 24.33 35.57
C GLY B 824 -39.82 25.53 34.72
N GLU B 825 -39.04 26.46 35.29
CA GLU B 825 -38.62 27.75 34.67
C GLU B 825 -37.10 27.78 34.43
N GLY B 826 -36.38 26.72 34.80
CA GLY B 826 -34.91 26.64 34.70
C GLY B 826 -34.23 27.34 35.86
N LEU B 827 -33.26 26.66 36.50
CA LEU B 827 -32.38 27.20 37.57
C LEU B 827 -31.27 28.05 36.94
N LEU B 828 -30.66 27.59 35.84
CA LEU B 828 -29.57 28.32 35.12
C LEU B 828 -30.09 29.68 34.66
N LEU B 829 -31.17 29.69 33.87
CA LEU B 829 -31.82 30.92 33.33
C LEU B 829 -32.28 31.80 34.50
N GLY B 830 -32.82 31.18 35.57
CA GLY B 830 -33.18 31.84 36.83
C GLY B 830 -32.01 32.62 37.43
N PHE B 831 -30.90 31.94 37.71
CA PHE B 831 -29.65 32.53 38.27
C PHE B 831 -29.15 33.65 37.35
N PHE B 832 -29.06 33.36 36.04
CA PHE B 832 -28.60 34.30 34.98
C PHE B 832 -29.44 35.58 35.04
N GLN B 833 -30.76 35.44 34.86
CA GLN B 833 -31.73 36.57 34.73
C GLN B 833 -31.80 37.38 36.04
N LYS B 834 -31.56 36.74 37.19
CA LYS B 834 -31.61 37.40 38.52
C LYS B 834 -30.29 38.13 38.82
N ALA B 835 -29.14 37.48 38.57
CA ALA B 835 -27.80 37.96 38.99
C ALA B 835 -27.04 38.59 37.83
N TYR B 836 -26.73 37.82 36.78
CA TYR B 836 -25.62 38.09 35.82
C TYR B 836 -25.92 39.33 34.97
N ALA B 837 -26.98 39.28 34.16
CA ALA B 837 -27.32 40.29 33.12
C ALA B 837 -27.57 41.67 33.74
N PRO B 838 -28.31 41.78 34.87
CA PRO B 838 -28.42 43.06 35.59
C PRO B 838 -27.07 43.62 36.09
N PHE B 839 -26.22 42.75 36.67
CA PHE B 839 -24.88 43.10 37.22
C PHE B 839 -23.93 43.45 36.08
N LEU B 840 -23.85 42.62 35.03
CA LEU B 840 -22.93 42.80 33.87
C LEU B 840 -23.28 44.10 33.13
N LEU B 841 -24.52 44.22 32.66
CA LEU B 841 -25.01 45.36 31.84
C LEU B 841 -25.51 46.50 32.74
N HIS B 842 -24.96 46.65 33.94
CA HIS B 842 -25.10 47.88 34.78
C HIS B 842 -24.31 49.01 34.11
N TRP B 843 -24.85 50.23 34.12
CA TRP B 843 -24.26 51.45 33.49
C TRP B 843 -22.80 51.63 33.93
N ILE B 844 -22.49 51.34 35.20
CA ILE B 844 -21.14 51.51 35.81
C ILE B 844 -20.21 50.40 35.31
N THR B 845 -20.65 49.14 35.39
CA THR B 845 -19.84 47.91 35.12
C THR B 845 -19.29 47.91 33.68
N ARG B 846 -20.14 48.21 32.69
CA ARG B 846 -19.82 48.08 31.23
C ARG B 846 -18.52 48.83 30.91
N GLY B 847 -18.38 50.07 31.39
CA GLY B 847 -17.16 50.88 31.27
C GLY B 847 -15.94 50.19 31.87
N VAL B 848 -16.12 49.56 33.05
CA VAL B 848 -15.03 48.89 33.84
C VAL B 848 -14.48 47.73 33.00
N VAL B 849 -15.34 46.84 32.51
CA VAL B 849 -14.93 45.63 31.74
C VAL B 849 -14.34 46.07 30.40
N LEU B 850 -14.88 47.13 29.78
CA LEU B 850 -14.38 47.64 28.46
C LEU B 850 -12.94 48.16 28.63
N LEU B 851 -12.69 49.05 29.60
CA LEU B 851 -11.33 49.60 29.85
C LEU B 851 -10.39 48.47 30.31
N LEU B 852 -10.90 47.50 31.10
CA LEU B 852 -10.11 46.34 31.60
C LEU B 852 -9.62 45.49 30.41
N PHE B 853 -10.52 45.15 29.48
CA PHE B 853 -10.23 44.28 28.31
C PHE B 853 -9.30 45.01 27.31
N LEU B 854 -9.49 46.32 27.11
CA LEU B 854 -8.60 47.16 26.26
C LEU B 854 -7.18 47.18 26.86
N ALA B 855 -7.08 47.40 28.18
CA ALA B 855 -5.82 47.37 28.95
C ALA B 855 -5.17 45.97 28.83
N LEU B 856 -5.96 44.91 28.99
CA LEU B 856 -5.48 43.50 28.90
C LEU B 856 -4.90 43.23 27.51
N PHE B 857 -5.63 43.61 26.45
CA PHE B 857 -5.18 43.47 25.03
C PHE B 857 -3.85 44.21 24.84
N GLY B 858 -3.76 45.45 25.34
CA GLY B 858 -2.55 46.28 25.30
C GLY B 858 -1.36 45.60 25.96
N VAL B 859 -1.55 45.11 27.20
CA VAL B 859 -0.51 44.39 28.01
C VAL B 859 -0.07 43.13 27.23
N SER B 860 -1.04 42.33 26.75
CA SER B 860 -0.80 41.11 25.95
C SER B 860 0.04 41.44 24.70
N LEU B 861 -0.34 42.49 23.96
CA LEU B 861 0.33 42.88 22.68
C LEU B 861 1.75 43.39 22.97
N TYR B 862 2.00 43.97 24.15
CA TYR B 862 3.35 44.34 24.64
C TYR B 862 4.13 43.07 24.99
N SER B 863 3.55 42.19 25.82
CA SER B 863 4.20 40.97 26.38
C SER B 863 4.49 39.93 25.29
N MET B 864 3.83 40.02 24.13
CA MET B 864 4.06 39.16 22.93
C MET B 864 5.54 39.21 22.50
N CYS B 865 6.19 40.38 22.64
CA CYS B 865 7.61 40.62 22.23
C CYS B 865 8.57 39.71 23.03
N HIS B 866 8.25 39.39 24.29
CA HIS B 866 9.05 38.51 25.18
C HIS B 866 8.66 37.04 24.97
N ILE B 867 8.63 36.58 23.70
CA ILE B 867 8.33 35.17 23.31
C ILE B 867 9.66 34.45 23.09
N SER B 868 9.65 33.11 23.24
CA SER B 868 10.81 32.21 23.02
C SER B 868 10.47 31.18 21.95
N VAL B 869 10.92 31.39 20.71
CA VAL B 869 10.70 30.46 19.56
C VAL B 869 11.56 29.21 19.76
N GLY B 870 11.01 28.03 19.43
CA GLY B 870 11.71 26.73 19.41
C GLY B 870 11.25 25.82 20.54
N LEU B 871 10.74 24.63 20.19
CA LEU B 871 10.43 23.54 21.15
C LEU B 871 11.73 23.06 21.80
N ASP B 872 11.77 23.00 23.13
CA ASP B 872 12.91 22.49 23.94
C ASP B 872 12.99 20.96 23.81
N GLN B 873 14.16 20.42 24.13
CA GLN B 873 14.56 19.01 23.86
C GLN B 873 14.15 18.13 25.04
N GLU B 874 14.61 18.49 26.24
CA GLU B 874 14.41 17.71 27.50
C GLU B 874 12.99 17.91 28.03
N LEU B 875 12.28 18.96 27.57
CA LEU B 875 10.86 19.26 27.97
C LEU B 875 9.87 18.36 27.24
N ALA B 876 10.31 17.50 26.31
CA ALA B 876 9.46 16.49 25.64
C ALA B 876 9.53 15.14 26.36
N LEU B 877 10.34 15.03 27.43
CA LEU B 877 10.55 13.80 28.23
C LEU B 877 9.68 13.84 29.48
N PRO B 878 9.33 12.67 30.07
CA PRO B 878 8.71 12.64 31.41
C PRO B 878 9.60 13.24 32.50
N LYS B 879 8.97 13.69 33.61
CA LYS B 879 9.61 14.47 34.69
C LYS B 879 10.41 13.55 35.64
N ASP B 880 10.26 12.22 35.49
CA ASP B 880 10.93 11.19 36.33
C ASP B 880 12.01 10.44 35.52
N SER B 881 12.35 10.92 34.32
CA SER B 881 13.37 10.32 33.41
C SER B 881 14.78 10.59 33.94
N TYR B 882 15.73 9.73 33.59
CA TYR B 882 17.18 9.84 33.91
C TYR B 882 17.88 10.79 32.90
N LEU B 883 17.31 10.90 31.69
CA LEU B 883 17.82 11.79 30.60
C LEU B 883 17.79 13.26 31.04
N LEU B 884 16.87 13.64 31.94
CA LEU B 884 16.81 14.99 32.55
C LEU B 884 18.13 15.26 33.28
N ASP B 885 18.51 14.37 34.20
CA ASP B 885 19.77 14.46 35.01
C ASP B 885 20.98 14.39 34.06
N TYR B 886 20.91 13.54 33.02
CA TYR B 886 21.97 13.41 31.98
C TYR B 886 22.17 14.75 31.26
N PHE B 887 21.09 15.37 30.78
CA PHE B 887 21.13 16.65 30.03
C PHE B 887 21.57 17.79 30.95
N LEU B 888 21.18 17.76 32.23
CA LEU B 888 21.70 18.69 33.27
C LEU B 888 23.22 18.60 33.30
N PHE B 889 23.78 17.39 33.49
CA PHE B 889 25.24 17.10 33.55
C PHE B 889 25.92 17.51 32.23
N LEU B 890 25.30 17.19 31.09
CA LEU B 890 25.82 17.52 29.73
C LEU B 890 25.97 19.04 29.62
N ASN B 891 24.90 19.79 29.89
CA ASN B 891 24.85 21.27 29.77
C ASN B 891 25.76 21.94 30.82
N ARG B 892 26.04 21.26 31.94
CA ARG B 892 26.86 21.81 33.05
C ARG B 892 28.35 21.59 32.78
N TYR B 893 28.75 20.34 32.44
CA TYR B 893 30.16 19.86 32.53
C TYR B 893 30.86 19.76 31.18
N PHE B 894 30.15 19.66 30.05
CA PHE B 894 30.76 19.45 28.70
C PHE B 894 31.43 20.74 28.21
N GLU B 895 32.40 20.59 27.29
CA GLU B 895 33.28 21.68 26.79
C GLU B 895 33.15 21.89 25.27
N VAL B 896 32.69 20.88 24.51
CA VAL B 896 32.36 21.01 23.06
C VAL B 896 31.04 20.28 22.78
N GLY B 897 30.16 20.86 21.96
CA GLY B 897 28.86 20.27 21.58
C GLY B 897 29.03 19.17 20.55
N ALA B 898 28.05 19.02 19.65
CA ALA B 898 28.07 18.03 18.54
C ALA B 898 29.13 18.44 17.52
N PRO B 899 29.76 17.46 16.80
CA PRO B 899 30.72 17.78 15.75
C PRO B 899 30.03 18.19 14.44
N VAL B 900 30.35 19.38 13.92
CA VAL B 900 29.87 19.86 12.59
C VAL B 900 30.79 19.31 11.50
N TYR B 901 30.20 18.88 10.39
CA TYR B 901 30.91 18.36 9.20
C TYR B 901 30.65 19.31 8.02
N PHE B 902 31.65 20.14 7.68
CA PHE B 902 31.61 21.04 6.50
C PHE B 902 31.81 20.18 5.25
N VAL B 903 30.74 19.48 4.83
CA VAL B 903 30.74 18.53 3.69
C VAL B 903 30.82 19.35 2.40
N THR B 904 31.85 19.10 1.59
CA THR B 904 32.06 19.72 0.25
C THR B 904 31.46 18.79 -0.80
N THR B 905 30.44 19.25 -1.54
CA THR B 905 29.74 18.47 -2.60
C THR B 905 30.69 18.22 -3.78
N LEU B 906 30.27 17.38 -4.72
CA LEU B 906 31.06 16.99 -5.92
C LEU B 906 31.14 18.15 -6.92
N GLY B 907 32.08 18.06 -7.86
CA GLY B 907 32.36 19.09 -8.89
C GLY B 907 33.50 20.01 -8.50
N TYR B 908 34.46 19.52 -7.71
CA TYR B 908 35.70 20.24 -7.30
C TYR B 908 36.92 19.42 -7.73
N ASN B 909 37.85 20.09 -8.41
CA ASN B 909 39.09 19.47 -8.95
C ASN B 909 40.23 19.67 -7.94
N PHE B 910 40.25 18.83 -6.91
CA PHE B 910 41.28 18.81 -5.83
C PHE B 910 42.66 18.43 -6.39
N SER B 911 42.70 17.74 -7.54
CA SER B 911 43.95 17.30 -8.22
C SER B 911 44.76 18.51 -8.75
N SER B 912 44.15 19.70 -8.84
CA SER B 912 44.81 20.96 -9.28
C SER B 912 45.68 21.54 -8.14
N GLU B 913 46.42 22.62 -8.44
CA GLU B 913 47.31 23.33 -7.48
C GLU B 913 46.50 24.37 -6.70
N ALA B 914 45.74 25.21 -7.42
CA ALA B 914 44.83 26.25 -6.85
C ALA B 914 43.71 25.57 -6.04
N GLY B 915 43.32 24.35 -6.41
CA GLY B 915 42.33 23.52 -5.69
C GLY B 915 42.77 23.20 -4.27
N MET B 916 44.00 22.68 -4.11
CA MET B 916 44.62 22.37 -2.80
C MET B 916 45.00 23.67 -2.08
N ASN B 917 45.38 24.71 -2.84
CA ASN B 917 45.88 26.01 -2.29
C ASN B 917 44.77 26.70 -1.46
N ALA B 918 43.52 26.65 -1.93
CA ALA B 918 42.36 27.40 -1.37
C ALA B 918 41.69 26.66 -0.20
N ILE B 919 42.22 25.49 0.20
CA ILE B 919 41.75 24.71 1.38
C ILE B 919 42.84 24.69 2.46
N CYS B 920 44.04 25.18 2.15
CA CYS B 920 45.27 25.07 2.98
C CYS B 920 45.23 26.10 4.12
N SER B 921 45.91 25.79 5.24
CA SER B 921 46.10 26.68 6.42
C SER B 921 47.59 27.03 6.62
N SER B 922 48.51 26.14 6.23
CA SER B 922 49.98 26.27 6.46
C SER B 922 50.59 27.32 5.52
N ALA B 923 51.90 27.56 5.65
CA ALA B 923 52.70 28.52 4.85
C ALA B 923 52.81 28.03 3.40
N GLY B 924 53.03 28.96 2.46
CA GLY B 924 53.08 28.71 1.01
C GLY B 924 51.70 28.53 0.41
N CYS B 925 50.66 29.07 1.06
CA CYS B 925 49.23 28.94 0.69
C CYS B 925 48.57 30.33 0.69
N ASN B 926 47.45 30.49 -0.03
CA ASN B 926 46.72 31.77 -0.19
C ASN B 926 46.05 32.15 1.15
N ASN B 927 45.77 33.45 1.32
CA ASN B 927 45.19 34.03 2.56
C ASN B 927 43.66 33.92 2.50
N PHE B 928 43.02 33.74 3.67
CA PHE B 928 41.55 33.60 3.86
C PHE B 928 41.02 32.41 3.05
N SER B 929 41.67 31.25 3.21
CA SER B 929 41.27 29.95 2.63
C SER B 929 40.21 29.28 3.53
N PHE B 930 39.68 28.13 3.10
CA PHE B 930 38.63 27.32 3.78
C PHE B 930 38.92 27.21 5.28
N THR B 931 40.03 26.54 5.62
CA THR B 931 40.39 26.10 6.99
C THR B 931 40.91 27.30 7.80
N GLN B 932 41.58 28.24 7.14
CA GLN B 932 41.99 29.55 7.72
C GLN B 932 40.73 30.31 8.17
N LYS B 933 39.67 30.28 7.34
CA LYS B 933 38.38 30.97 7.64
C LYS B 933 37.69 30.31 8.84
N ILE B 934 37.68 28.98 8.90
CA ILE B 934 37.15 28.21 10.07
C ILE B 934 37.99 28.52 11.31
N GLN B 935 39.34 28.49 11.17
CA GLN B 935 40.31 28.83 12.25
C GLN B 935 40.05 30.24 12.76
N TYR B 936 39.74 31.20 11.87
CA TYR B 936 39.40 32.60 12.25
C TYR B 936 38.00 32.64 12.89
N ALA B 937 37.04 31.89 12.35
CA ALA B 937 35.64 31.82 12.86
C ALA B 937 35.63 31.36 14.32
N THR B 938 36.45 30.36 14.66
CA THR B 938 36.51 29.75 16.02
C THR B 938 37.29 30.64 17.01
N GLU B 939 37.79 31.81 16.60
CA GLU B 939 38.40 32.81 17.51
C GLU B 939 37.35 33.40 18.44
N PHE B 940 36.17 33.77 17.91
CA PHE B 940 35.00 34.30 18.66
C PHE B 940 33.91 33.23 18.70
N PRO B 941 33.87 32.36 19.74
CA PRO B 941 32.87 31.28 19.79
C PRO B 941 31.43 31.77 19.99
N GLU B 942 31.23 33.00 20.51
CA GLU B 942 29.90 33.60 20.77
C GLU B 942 29.19 33.91 19.44
N GLN B 943 29.84 34.65 18.54
CA GLN B 943 29.25 35.15 17.26
C GLN B 943 29.20 34.01 16.23
N SER B 944 30.17 33.09 16.26
CA SER B 944 30.21 31.86 15.42
C SER B 944 30.33 30.63 16.33
N TYR B 945 29.33 29.75 16.32
CA TYR B 945 29.20 28.59 17.24
C TYR B 945 30.09 27.44 16.76
N LEU B 946 31.40 27.66 16.71
CA LEU B 946 32.46 26.63 16.50
C LEU B 946 33.56 26.89 17.53
N ALA B 947 33.80 25.95 18.44
CA ALA B 947 34.78 26.09 19.57
C ALA B 947 36.08 25.34 19.27
N ILE B 948 36.17 24.61 18.15
CA ILE B 948 37.38 23.85 17.72
C ILE B 948 37.59 24.04 16.22
N PRO B 949 38.84 24.32 15.75
CA PRO B 949 39.13 24.42 14.32
C PRO B 949 38.92 23.11 13.53
N ALA B 950 38.92 23.22 12.19
CA ALA B 950 38.65 22.10 11.25
C ALA B 950 39.90 21.22 11.10
N SER B 951 39.74 19.89 11.18
CA SER B 951 40.77 18.88 10.86
C SER B 951 40.71 18.56 9.37
N SER B 952 41.59 19.19 8.57
CA SER B 952 41.62 19.13 7.10
C SER B 952 42.56 18.01 6.64
N TRP B 953 42.06 17.12 5.78
CA TRP B 953 42.81 15.99 5.17
C TRP B 953 43.87 16.52 4.18
N VAL B 954 43.63 17.65 3.51
CA VAL B 954 44.53 18.19 2.44
C VAL B 954 45.80 18.78 3.09
N ASP B 955 45.66 19.47 4.23
CA ASP B 955 46.80 20.07 4.97
C ASP B 955 47.69 18.96 5.52
N ASP B 956 47.08 17.95 6.16
CA ASP B 956 47.76 16.74 6.70
C ASP B 956 48.30 15.88 5.54
N PHE B 957 47.68 15.97 4.34
CA PHE B 957 48.18 15.32 3.10
C PHE B 957 49.50 15.98 2.69
N ILE B 958 49.48 17.30 2.45
CA ILE B 958 50.69 18.07 2.00
C ILE B 958 51.76 18.02 3.10
N ASP B 959 51.35 17.83 4.37
CA ASP B 959 52.27 17.60 5.51
C ASP B 959 52.84 16.16 5.46
N TRP B 960 52.05 15.18 5.00
CA TRP B 960 52.46 13.75 4.93
C TRP B 960 53.49 13.53 3.81
N LEU B 961 53.36 14.25 2.69
CA LEU B 961 54.28 14.16 1.51
C LEU B 961 55.56 14.96 1.74
N THR B 962 55.69 15.69 2.87
CA THR B 962 56.95 16.38 3.26
C THR B 962 58.05 15.33 3.41
N PRO B 963 59.27 15.57 2.88
CA PRO B 963 60.35 14.57 2.96
C PRO B 963 60.84 14.39 4.42
N SER B 964 60.08 13.61 5.20
CA SER B 964 60.35 13.26 6.61
C SER B 964 60.19 11.75 6.82
N SER B 965 60.40 10.95 5.78
CA SER B 965 60.36 9.46 5.76
C SER B 965 59.04 8.93 6.35
N CYS B 966 57.90 9.48 5.91
CA CYS B 966 56.54 8.93 6.15
C CYS B 966 56.15 8.03 4.98
N CYS B 967 56.16 8.61 3.77
CA CYS B 967 55.93 7.92 2.47
C CYS B 967 57.30 7.70 1.80
N ARG B 968 57.53 6.49 1.30
CA ARG B 968 58.82 6.05 0.70
C ARG B 968 58.55 4.96 -0.34
N LEU B 969 59.25 5.01 -1.47
CA LEU B 969 59.14 4.02 -2.58
C LEU B 969 60.42 3.17 -2.59
N TYR B 970 60.31 1.93 -3.08
CA TYR B 970 61.44 0.96 -3.13
C TYR B 970 62.45 1.39 -4.21
N ILE B 971 63.71 1.66 -3.79
CA ILE B 971 64.87 1.99 -4.68
C ILE B 971 65.20 0.79 -5.58
N SER B 972 64.94 -0.44 -5.11
CA SER B 972 65.16 -1.70 -5.87
C SER B 972 64.20 -2.79 -5.38
N GLY B 973 64.19 -3.95 -6.06
CA GLY B 973 63.41 -5.14 -5.69
C GLY B 973 62.23 -5.37 -6.64
N PRO B 974 61.37 -6.38 -6.38
CA PRO B 974 60.21 -6.67 -7.24
C PRO B 974 59.09 -5.61 -7.20
N ASN B 975 59.02 -4.82 -6.13
CA ASN B 975 57.95 -3.82 -5.87
C ASN B 975 58.46 -2.41 -6.19
N LYS B 976 59.08 -2.23 -7.37
CA LYS B 976 59.73 -0.97 -7.82
C LYS B 976 58.73 0.19 -7.78
N ASP B 977 59.10 1.29 -7.12
CA ASP B 977 58.30 2.54 -7.01
C ASP B 977 56.93 2.22 -6.37
N LYS B 978 56.90 1.33 -5.38
CA LYS B 978 55.68 1.02 -4.57
C LYS B 978 55.93 1.43 -3.12
N PHE B 979 54.88 1.91 -2.45
CA PHE B 979 54.89 2.47 -1.07
C PHE B 979 55.36 1.40 -0.08
N CYS B 980 56.56 1.59 0.49
CA CYS B 980 57.02 0.86 1.71
C CYS B 980 56.45 1.61 2.91
N PRO B 981 55.72 0.94 3.85
CA PRO B 981 55.16 1.62 5.01
C PRO B 981 56.24 2.22 5.93
N SER B 982 55.88 3.20 6.75
CA SER B 982 56.78 3.86 7.73
C SER B 982 57.30 2.84 8.76
N THR B 983 56.53 1.77 9.02
CA THR B 983 56.85 0.71 10.02
C THR B 983 58.14 -0.04 9.65
N VAL B 984 58.39 -0.30 8.36
CA VAL B 984 59.63 -1.02 7.91
C VAL B 984 60.82 -0.06 8.04
N ASN B 985 61.99 -0.60 8.42
CA ASN B 985 63.25 0.15 8.69
C ASN B 985 64.38 -0.37 7.79
N SER B 986 64.02 -0.95 6.63
CA SER B 986 64.96 -1.55 5.66
C SER B 986 65.55 -0.45 4.76
N LEU B 987 66.67 -0.73 4.11
CA LEU B 987 67.40 0.20 3.20
C LEU B 987 66.74 0.21 1.81
N ASN B 988 65.92 -0.80 1.49
CA ASN B 988 65.38 -1.05 0.14
C ASN B 988 64.39 0.05 -0.29
N CYS B 989 63.90 0.89 0.64
CA CYS B 989 63.05 2.07 0.35
C CYS B 989 63.58 3.32 1.09
N LEU B 990 64.81 3.74 0.74
CA LEU B 990 65.40 5.01 1.26
C LEU B 990 65.04 6.19 0.32
N LYS B 991 64.38 5.92 -0.81
CA LYS B 991 63.88 6.98 -1.73
C LYS B 991 62.69 7.70 -1.06
N ASN B 992 62.81 9.02 -0.89
CA ASN B 992 61.73 9.93 -0.41
C ASN B 992 60.49 9.79 -1.31
N CYS B 993 59.32 10.14 -0.76
CA CYS B 993 58.00 10.01 -1.45
C CYS B 993 57.99 10.79 -2.77
N MET B 994 58.52 12.01 -2.77
CA MET B 994 58.50 12.91 -3.96
C MET B 994 59.89 13.54 -4.18
N SER B 995 59.99 14.44 -5.15
CA SER B 995 61.25 15.08 -5.63
C SER B 995 61.77 16.10 -4.60
N ILE B 996 62.80 16.87 -4.97
CA ILE B 996 63.42 17.95 -4.14
C ILE B 996 62.34 18.99 -3.76
N THR B 997 62.48 19.58 -2.57
CA THR B 997 61.54 20.57 -1.97
C THR B 997 62.34 21.78 -1.46
N MET B 998 62.09 22.96 -2.02
CA MET B 998 62.74 24.25 -1.65
C MET B 998 61.69 25.25 -1.11
N GLY B 999 60.51 25.33 -1.73
CA GLY B 999 59.40 26.21 -1.33
C GLY B 999 58.33 25.44 -0.57
N SER B 1000 57.18 25.18 -1.21
CA SER B 1000 56.02 24.45 -0.66
C SER B 1000 55.82 23.14 -1.44
N VAL B 1001 55.60 22.02 -0.72
CA VAL B 1001 55.35 20.67 -1.30
C VAL B 1001 53.96 20.67 -1.94
N ARG B 1002 53.88 20.61 -3.28
CA ARG B 1002 52.61 20.57 -4.04
C ARG B 1002 52.68 19.42 -5.05
N PRO B 1003 51.99 18.28 -4.81
CA PRO B 1003 52.03 17.15 -5.73
C PRO B 1003 51.33 17.46 -7.06
N SER B 1004 51.85 16.92 -8.17
CA SER B 1004 51.23 16.98 -9.52
C SER B 1004 50.00 16.06 -9.54
N VAL B 1005 49.27 16.02 -10.65
CA VAL B 1005 48.01 15.22 -10.81
C VAL B 1005 48.33 13.74 -10.57
N GLU B 1006 49.37 13.22 -11.26
CA GLU B 1006 49.83 11.80 -11.14
C GLU B 1006 50.25 11.51 -9.69
N GLN B 1007 51.05 12.39 -9.09
CA GLN B 1007 51.53 12.27 -7.68
C GLN B 1007 50.32 12.21 -6.74
N PHE B 1008 49.39 13.14 -6.91
CA PHE B 1008 48.12 13.27 -6.13
C PHE B 1008 47.34 11.95 -6.22
N HIS B 1009 46.99 11.53 -7.44
CA HIS B 1009 46.16 10.31 -7.71
C HIS B 1009 46.86 9.04 -7.19
N LYS B 1010 48.19 8.98 -7.23
CA LYS B 1010 48.99 7.81 -6.78
C LYS B 1010 49.10 7.80 -5.24
N TYR B 1011 49.35 8.96 -4.61
CA TYR B 1011 49.70 9.07 -3.16
C TYR B 1011 48.45 9.15 -2.27
N LEU B 1012 47.27 9.48 -2.81
CA LEU B 1012 46.05 9.73 -1.98
C LEU B 1012 45.58 8.42 -1.32
N PRO B 1013 45.46 7.29 -2.05
CA PRO B 1013 45.11 6.02 -1.42
C PRO B 1013 46.18 5.51 -0.42
N TRP B 1014 47.45 5.88 -0.62
CA TRP B 1014 48.57 5.58 0.31
C TRP B 1014 48.42 6.44 1.58
N PHE B 1015 48.06 7.71 1.45
CA PHE B 1015 47.81 8.64 2.58
C PHE B 1015 46.63 8.14 3.42
N LEU B 1016 45.47 7.93 2.80
CA LEU B 1016 44.19 7.57 3.48
C LEU B 1016 44.31 6.23 4.21
N ASN B 1017 45.23 5.33 3.80
CA ASN B 1017 45.40 3.96 4.36
C ASN B 1017 46.75 3.80 5.07
N ASP B 1018 47.45 4.89 5.38
CA ASP B 1018 48.69 4.89 6.20
C ASP B 1018 48.31 5.11 7.67
N ARG B 1019 48.36 4.05 8.49
CA ARG B 1019 48.14 4.10 9.95
C ARG B 1019 49.28 4.90 10.58
N PRO B 1020 48.99 5.83 11.53
CA PRO B 1020 50.06 6.58 12.21
C PRO B 1020 50.90 5.69 13.14
N ASN B 1021 52.22 5.89 13.13
CA ASN B 1021 53.22 5.11 13.91
C ASN B 1021 54.15 6.08 14.64
N ILE B 1022 55.20 5.56 15.31
CA ILE B 1022 56.14 6.34 16.16
C ILE B 1022 57.09 7.15 15.27
N LYS B 1023 57.51 6.59 14.12
CA LYS B 1023 58.53 7.19 13.22
C LYS B 1023 58.04 8.54 12.67
N CYS B 1024 56.76 8.67 12.33
CA CYS B 1024 56.11 9.97 12.01
C CYS B 1024 54.61 9.92 12.30
N PRO B 1025 54.04 10.93 13.00
CA PRO B 1025 52.66 10.83 13.51
C PRO B 1025 51.55 11.06 12.46
N LYS B 1026 51.85 11.74 11.35
CA LYS B 1026 50.86 12.05 10.27
C LYS B 1026 50.44 10.75 9.59
N GLY B 1027 49.15 10.63 9.25
CA GLY B 1027 48.56 9.44 8.62
C GLY B 1027 47.07 9.64 8.38
N GLY B 1028 46.55 9.15 7.25
CA GLY B 1028 45.15 9.34 6.82
C GLY B 1028 44.19 8.40 7.52
N LEU B 1029 44.66 7.27 8.06
CA LEU B 1029 43.80 6.20 8.62
C LEU B 1029 43.27 6.62 10.00
N ALA B 1030 43.99 7.50 10.72
CA ALA B 1030 43.63 7.98 12.08
C ALA B 1030 42.24 8.64 12.08
N ALA B 1031 42.09 9.74 11.34
CA ALA B 1031 40.89 10.63 11.36
C ALA B 1031 40.21 10.72 9.98
N TYR B 1032 40.93 10.50 8.87
CA TYR B 1032 40.46 10.82 7.49
C TYR B 1032 40.22 9.53 6.68
N SER B 1033 39.91 8.42 7.36
CA SER B 1033 39.64 7.09 6.74
C SER B 1033 38.45 7.18 5.79
N THR B 1034 37.30 7.59 6.32
CA THR B 1034 35.98 7.68 5.63
C THR B 1034 35.59 9.15 5.43
N SER B 1035 36.52 10.09 5.64
CA SER B 1035 36.32 11.56 5.48
C SER B 1035 36.47 11.97 4.02
N VAL B 1036 36.94 11.08 3.14
CA VAL B 1036 37.06 11.30 1.67
C VAL B 1036 36.45 10.08 0.95
N ASN B 1037 35.48 10.33 0.07
CA ASN B 1037 34.82 9.30 -0.79
C ASN B 1037 35.55 9.27 -2.14
N LEU B 1038 36.30 8.20 -2.40
CA LEU B 1038 37.05 7.98 -3.68
C LEU B 1038 36.33 6.89 -4.50
N THR B 1039 36.14 7.17 -5.80
CA THR B 1039 35.63 6.21 -6.81
C THR B 1039 36.75 5.22 -7.19
N SER B 1040 36.44 4.20 -7.99
CA SER B 1040 37.39 3.17 -8.49
C SER B 1040 38.42 3.81 -9.44
N ASP B 1041 38.07 4.94 -10.07
CA ASP B 1041 38.95 5.73 -10.97
C ASP B 1041 40.13 6.31 -10.17
N GLY B 1042 39.84 6.94 -9.02
CA GLY B 1042 40.83 7.64 -8.17
C GLY B 1042 40.49 9.11 -7.95
N GLN B 1043 39.41 9.61 -8.56
CA GLN B 1043 38.93 11.02 -8.40
C GLN B 1043 38.20 11.14 -7.06
N VAL B 1044 38.40 12.26 -6.36
CA VAL B 1044 37.67 12.62 -5.11
C VAL B 1044 36.27 13.10 -5.49
N LEU B 1045 35.24 12.31 -5.16
CA LEU B 1045 33.82 12.70 -5.34
C LEU B 1045 33.51 13.83 -4.36
N THR B 1046 33.54 13.51 -3.06
CA THR B 1046 33.19 14.44 -1.95
C THR B 1046 34.13 14.24 -0.76
N SER B 1047 34.27 15.27 0.07
CA SER B 1047 35.11 15.28 1.28
C SER B 1047 34.45 16.16 2.37
N ARG B 1048 34.57 15.74 3.63
CA ARG B 1048 33.96 16.41 4.81
C ARG B 1048 35.07 16.88 5.76
N PHE B 1049 34.86 18.01 6.42
CA PHE B 1049 35.81 18.66 7.35
C PHE B 1049 35.17 18.74 8.75
N MET B 1050 35.84 18.14 9.74
CA MET B 1050 35.32 17.97 11.13
C MET B 1050 35.65 19.20 11.97
N ALA B 1051 34.63 19.86 12.52
CA ALA B 1051 34.74 20.94 13.53
C ALA B 1051 33.74 20.69 14.64
N TYR B 1052 34.01 21.18 15.85
CA TYR B 1052 33.15 21.00 17.05
C TYR B 1052 32.47 22.34 17.40
N HIS B 1053 31.13 22.31 17.52
CA HIS B 1053 30.30 23.41 18.07
C HIS B 1053 30.71 23.68 19.53
N LYS B 1054 30.50 24.90 20.02
CA LYS B 1054 30.58 25.24 21.47
C LYS B 1054 29.40 24.56 22.17
N PRO B 1055 29.45 24.33 23.50
CA PRO B 1055 28.38 23.63 24.21
C PRO B 1055 26.99 24.30 24.02
N LEU B 1056 26.14 23.69 23.19
CA LEU B 1056 24.77 24.16 22.87
C LEU B 1056 23.81 23.64 23.95
N LYS B 1057 23.02 24.53 24.56
CA LYS B 1057 22.17 24.25 25.75
C LYS B 1057 20.69 24.38 25.37
N ASN B 1058 20.26 25.57 24.94
CA ASN B 1058 18.84 25.88 24.60
C ASN B 1058 18.59 25.59 23.12
N SER B 1059 17.31 25.54 22.72
CA SER B 1059 16.87 25.42 21.31
C SER B 1059 17.31 26.66 20.51
N GLN B 1060 17.28 27.84 21.15
CA GLN B 1060 17.79 29.12 20.59
C GLN B 1060 19.27 28.96 20.18
N ASP B 1061 20.11 28.50 21.12
CA ASP B 1061 21.57 28.28 20.93
C ASP B 1061 21.81 27.42 19.68
N TYR B 1062 21.12 26.27 19.57
CA TYR B 1062 21.23 25.32 18.44
C TYR B 1062 20.79 25.97 17.12
N THR B 1063 19.66 26.68 17.13
CA THR B 1063 19.13 27.44 15.95
C THR B 1063 20.18 28.46 15.49
N GLU B 1064 20.69 29.27 16.44
CA GLU B 1064 21.73 30.30 16.19
C GLU B 1064 23.01 29.63 15.66
N ALA B 1065 23.36 28.46 16.19
CA ALA B 1065 24.54 27.66 15.77
C ALA B 1065 24.40 27.21 14.31
N LEU B 1066 23.24 26.62 13.96
CA LEU B 1066 22.90 26.20 12.57
C LEU B 1066 22.98 27.41 11.64
N ARG B 1067 22.35 28.52 12.01
CA ARG B 1067 22.27 29.76 11.18
C ARG B 1067 23.68 30.30 10.91
N ALA B 1068 24.51 30.42 11.96
CA ALA B 1068 25.91 30.89 11.88
C ALA B 1068 26.75 29.95 11.00
N ALA B 1069 26.60 28.64 11.17
CA ALA B 1069 27.27 27.59 10.39
C ALA B 1069 26.92 27.74 8.90
N ARG B 1070 25.61 27.74 8.59
CA ARG B 1070 25.08 27.89 7.20
C ARG B 1070 25.66 29.16 6.55
N GLU B 1071 25.59 30.30 7.27
CA GLU B 1071 26.13 31.62 6.83
C GLU B 1071 27.62 31.47 6.48
N LEU B 1072 28.41 30.89 7.38
CA LEU B 1072 29.88 30.70 7.20
C LEU B 1072 30.14 29.79 5.98
N ALA B 1073 29.39 28.69 5.87
CA ALA B 1073 29.51 27.71 4.75
C ALA B 1073 29.25 28.40 3.40
N ALA B 1074 28.19 29.22 3.32
CA ALA B 1074 27.81 30.02 2.14
C ALA B 1074 28.94 31.00 1.78
N ASN B 1075 29.48 31.70 2.79
CA ASN B 1075 30.62 32.65 2.66
C ASN B 1075 31.84 31.89 2.09
N ILE B 1076 32.11 30.68 2.57
CA ILE B 1076 33.26 29.84 2.13
C ILE B 1076 33.03 29.37 0.69
N THR B 1077 31.81 28.92 0.36
CA THR B 1077 31.40 28.49 -1.02
C THR B 1077 31.60 29.64 -2.01
N ALA B 1078 31.28 30.87 -1.60
CA ALA B 1078 31.43 32.11 -2.40
C ALA B 1078 32.89 32.28 -2.86
N ASP B 1079 33.86 31.90 -2.03
CA ASP B 1079 35.31 32.01 -2.32
C ASP B 1079 35.81 30.76 -3.07
N LEU B 1080 35.25 29.58 -2.77
CA LEU B 1080 35.66 28.30 -3.42
C LEU B 1080 35.21 28.26 -4.88
N ARG B 1081 34.02 28.80 -5.21
CA ARG B 1081 33.43 28.75 -6.59
C ARG B 1081 34.27 29.58 -7.57
N LYS B 1082 35.03 30.57 -7.10
CA LYS B 1082 35.85 31.48 -7.95
C LYS B 1082 37.13 30.77 -8.45
N VAL B 1083 37.50 29.62 -7.88
CA VAL B 1083 38.67 28.80 -8.32
C VAL B 1083 38.35 28.22 -9.71
N PRO B 1084 39.29 28.23 -10.69
CA PRO B 1084 39.05 27.62 -11.99
C PRO B 1084 38.86 26.10 -11.92
N GLY B 1085 37.82 25.58 -12.58
CA GLY B 1085 37.51 24.14 -12.70
C GLY B 1085 36.43 23.68 -11.74
N THR B 1086 35.85 24.59 -10.94
CA THR B 1086 34.76 24.31 -9.97
C THR B 1086 33.41 24.36 -10.67
N ASP B 1087 32.62 23.29 -10.58
CA ASP B 1087 31.24 23.20 -11.13
C ASP B 1087 30.36 24.21 -10.39
N PRO B 1088 29.61 25.11 -11.07
CA PRO B 1088 28.76 26.09 -10.38
C PRO B 1088 27.72 25.53 -9.39
N ALA B 1089 27.37 24.24 -9.50
CA ALA B 1089 26.47 23.52 -8.56
C ALA B 1089 27.25 22.90 -7.39
N PHE B 1090 28.56 23.18 -7.26
CA PHE B 1090 29.39 22.82 -6.09
C PHE B 1090 28.94 23.65 -4.89
N GLU B 1091 28.70 22.99 -3.74
CA GLU B 1091 28.20 23.60 -2.49
C GLU B 1091 28.94 22.99 -1.29
N VAL B 1092 29.22 23.82 -0.28
CA VAL B 1092 29.69 23.40 1.06
C VAL B 1092 28.56 23.66 2.05
N PHE B 1093 28.09 22.61 2.76
CA PHE B 1093 27.00 22.70 3.76
C PHE B 1093 27.48 22.10 5.08
N PRO B 1094 27.24 22.76 6.24
CA PRO B 1094 27.74 22.28 7.53
C PRO B 1094 26.76 21.29 8.17
N TYR B 1095 26.86 20.01 7.80
CA TYR B 1095 26.02 18.91 8.32
C TYR B 1095 26.41 18.60 9.77
N THR B 1096 25.40 18.44 10.64
CA THR B 1096 25.51 17.83 11.99
C THR B 1096 24.36 16.82 12.20
N ILE B 1097 24.41 16.12 13.32
CA ILE B 1097 23.39 15.10 13.74
C ILE B 1097 22.05 15.78 14.10
N THR B 1098 22.08 16.97 14.74
CA THR B 1098 20.88 17.69 15.25
C THR B 1098 20.46 18.83 14.31
N ASN B 1099 20.79 18.75 13.01
CA ASN B 1099 20.42 19.77 11.99
C ASN B 1099 19.01 19.50 11.46
N VAL B 1100 18.55 18.25 11.52
CA VAL B 1100 17.27 17.77 10.92
C VAL B 1100 16.08 18.32 11.72
N PHE B 1101 16.24 18.53 13.03
CA PHE B 1101 15.17 18.84 14.00
C PHE B 1101 14.98 20.35 14.18
N TYR B 1102 16.09 21.07 14.40
CA TYR B 1102 16.11 22.44 14.98
C TYR B 1102 16.20 23.51 13.87
N GLU B 1103 15.95 23.14 12.61
CA GLU B 1103 16.13 24.03 11.42
C GLU B 1103 14.82 24.76 11.07
N GLN B 1104 13.68 24.21 11.47
CA GLN B 1104 12.31 24.80 11.29
C GLN B 1104 12.25 26.19 11.93
N TYR B 1105 12.84 26.34 13.12
CA TYR B 1105 12.71 27.54 14.00
C TYR B 1105 13.42 28.76 13.41
N LEU B 1106 14.17 28.58 12.31
CA LEU B 1106 14.68 29.67 11.44
C LEU B 1106 13.49 30.39 10.78
N THR B 1107 12.51 29.62 10.26
CA THR B 1107 11.43 30.14 9.36
C THR B 1107 10.05 29.71 9.86
N ILE B 1108 9.81 29.70 11.17
CA ILE B 1108 8.52 29.22 11.78
C ILE B 1108 7.58 30.41 12.01
N LEU B 1109 8.10 31.61 12.28
CA LEU B 1109 7.27 32.82 12.57
C LEU B 1109 6.51 33.28 11.32
N PRO B 1110 7.17 33.43 10.13
CA PRO B 1110 6.46 33.73 8.90
C PRO B 1110 5.37 32.70 8.54
N GLU B 1111 5.73 31.41 8.57
CA GLU B 1111 4.81 30.26 8.31
C GLU B 1111 3.61 30.32 9.28
N GLY B 1112 3.90 30.49 10.58
CA GLY B 1112 2.89 30.61 11.65
C GLY B 1112 1.91 31.74 11.39
N LEU B 1113 2.41 32.96 11.17
CA LEU B 1113 1.60 34.18 10.92
C LEU B 1113 0.76 34.00 9.64
N PHE B 1114 1.37 33.46 8.58
CA PHE B 1114 0.69 33.15 7.29
C PHE B 1114 -0.47 32.17 7.54
N MET B 1115 -0.21 31.10 8.31
CA MET B 1115 -1.20 30.02 8.60
C MET B 1115 -2.37 30.58 9.43
N LEU B 1116 -2.08 31.39 10.46
CA LEU B 1116 -3.12 32.02 11.33
C LEU B 1116 -3.99 32.98 10.51
N SER B 1117 -3.38 33.77 9.61
CA SER B 1117 -4.07 34.69 8.67
C SER B 1117 -4.93 33.88 7.69
N LEU B 1118 -4.37 32.80 7.12
CA LEU B 1118 -5.07 31.90 6.16
C LEU B 1118 -6.19 31.11 6.87
N CYS B 1119 -6.15 30.99 8.20
CA CYS B 1119 -7.21 30.37 9.04
C CYS B 1119 -8.27 31.41 9.45
N LEU B 1120 -7.87 32.67 9.68
CA LEU B 1120 -8.80 33.75 10.15
C LEU B 1120 -9.64 34.29 8.98
N VAL B 1121 -9.15 34.23 7.74
CA VAL B 1121 -9.90 34.69 6.53
C VAL B 1121 -11.14 33.84 6.33
N PRO B 1122 -11.04 32.50 6.07
CA PRO B 1122 -12.21 31.69 5.71
C PRO B 1122 -13.22 31.51 6.86
N THR B 1123 -12.75 31.43 8.11
CA THR B 1123 -13.59 31.42 9.35
C THR B 1123 -14.62 32.55 9.26
N PHE B 1124 -14.13 33.80 9.16
CA PHE B 1124 -14.96 35.03 9.08
C PHE B 1124 -15.82 35.01 7.80
N ALA B 1125 -15.20 34.67 6.66
CA ALA B 1125 -15.85 34.59 5.32
C ALA B 1125 -17.07 33.67 5.38
N VAL B 1126 -16.93 32.52 6.05
CA VAL B 1126 -17.99 31.48 6.19
C VAL B 1126 -18.97 31.89 7.32
N SER B 1127 -18.47 32.53 8.38
CA SER B 1127 -19.28 33.06 9.51
C SER B 1127 -20.25 34.15 9.05
N CYS B 1128 -19.89 34.91 7.99
CA CYS B 1128 -20.70 36.03 7.44
C CYS B 1128 -21.71 35.53 6.38
N LEU B 1129 -21.64 34.24 6.00
CA LEU B 1129 -22.54 33.61 4.99
C LEU B 1129 -23.46 32.57 5.66
N LEU B 1130 -22.91 31.66 6.49
CA LEU B 1130 -23.70 30.56 7.13
C LEU B 1130 -24.73 31.15 8.09
N LEU B 1131 -24.27 31.92 9.09
CA LEU B 1131 -25.14 32.58 10.10
C LEU B 1131 -26.03 33.64 9.41
N GLY B 1132 -25.55 34.25 8.33
CA GLY B 1132 -26.22 35.38 7.66
C GLY B 1132 -26.12 36.65 8.49
N LEU B 1133 -25.05 36.79 9.28
CA LEU B 1133 -24.80 37.95 10.17
C LEU B 1133 -24.50 39.18 9.32
N ASP B 1134 -24.86 40.37 9.84
CA ASP B 1134 -24.54 41.69 9.23
C ASP B 1134 -23.04 41.97 9.38
N LEU B 1135 -22.53 42.92 8.61
CA LEU B 1135 -21.09 43.28 8.58
C LEU B 1135 -20.63 43.62 10.01
N ARG B 1136 -21.38 44.45 10.73
CA ARG B 1136 -21.07 44.90 12.12
C ARG B 1136 -20.87 43.68 13.03
N SER B 1137 -21.73 42.67 12.92
CA SER B 1137 -21.68 41.44 13.74
C SER B 1137 -20.43 40.62 13.39
N GLY B 1138 -20.24 40.34 12.09
CA GLY B 1138 -19.08 39.60 11.56
C GLY B 1138 -17.76 40.26 11.90
N LEU B 1139 -17.69 41.60 11.84
CA LEU B 1139 -16.48 42.42 12.15
C LEU B 1139 -16.14 42.25 13.63
N LEU B 1140 -17.13 42.36 14.53
CA LEU B 1140 -16.98 42.16 16.00
C LEU B 1140 -16.58 40.70 16.28
N ASN B 1141 -17.13 39.74 15.52
CA ASN B 1141 -16.69 38.31 15.57
C ASN B 1141 -15.19 38.25 15.31
N LEU B 1142 -14.75 38.71 14.13
CA LEU B 1142 -13.31 38.71 13.72
C LEU B 1142 -12.46 39.43 14.78
N LEU B 1143 -12.91 40.61 15.25
CA LEU B 1143 -12.19 41.42 16.28
C LEU B 1143 -12.02 40.60 17.56
N SER B 1144 -13.10 39.94 18.03
CA SER B 1144 -13.11 39.08 19.24
C SER B 1144 -12.11 37.92 19.08
N ILE B 1145 -12.09 37.27 17.90
CA ILE B 1145 -11.19 36.11 17.60
C ILE B 1145 -9.73 36.61 17.59
N VAL B 1146 -9.47 37.76 16.97
CA VAL B 1146 -8.12 38.41 16.94
C VAL B 1146 -7.70 38.73 18.38
N MET B 1147 -8.60 39.33 19.17
CA MET B 1147 -8.32 39.78 20.56
C MET B 1147 -7.96 38.56 21.44
N ILE B 1148 -8.78 37.50 21.42
CA ILE B 1148 -8.51 36.24 22.18
C ILE B 1148 -7.17 35.64 21.73
N LEU B 1149 -6.89 35.63 20.42
CA LEU B 1149 -5.66 35.00 19.86
C LEU B 1149 -4.42 35.75 20.35
N VAL B 1150 -4.43 37.09 20.29
CA VAL B 1150 -3.33 37.97 20.79
C VAL B 1150 -3.17 37.75 22.31
N ASP B 1151 -4.29 37.77 23.06
CA ASP B 1151 -4.31 37.53 24.53
C ASP B 1151 -3.69 36.16 24.85
N THR B 1152 -4.06 35.13 24.10
CA THR B 1152 -3.53 33.74 24.24
C THR B 1152 -2.01 33.76 24.08
N VAL B 1153 -1.50 34.37 22.98
CA VAL B 1153 -0.04 34.48 22.67
C VAL B 1153 0.66 35.25 23.79
N GLY B 1154 0.06 36.35 24.27
CA GLY B 1154 0.58 37.17 25.38
C GLY B 1154 0.80 36.35 26.63
N PHE B 1155 -0.26 35.64 27.08
CA PHE B 1155 -0.26 34.80 28.30
C PHE B 1155 0.64 33.56 28.09
N MET B 1156 0.74 33.08 26.85
CA MET B 1156 1.64 31.95 26.45
C MET B 1156 3.09 32.36 26.72
N ALA B 1157 3.51 33.52 26.19
CA ALA B 1157 4.85 34.12 26.38
C ALA B 1157 5.08 34.46 27.87
N LEU B 1158 4.02 34.83 28.59
CA LEU B 1158 4.09 35.22 30.04
C LEU B 1158 4.29 33.98 30.92
N TRP B 1159 3.51 32.91 30.72
CA TRP B 1159 3.58 31.64 31.50
C TRP B 1159 5.02 31.10 31.43
N GLY B 1160 5.55 30.96 30.21
CA GLY B 1160 6.84 30.30 29.92
C GLY B 1160 6.67 29.11 28.98
N ILE B 1161 5.68 29.16 28.09
CA ILE B 1161 5.43 28.17 26.99
C ILE B 1161 6.11 28.73 25.74
N SER B 1162 7.04 27.97 25.16
CA SER B 1162 7.76 28.34 23.90
C SER B 1162 6.80 28.23 22.71
N TYR B 1163 7.18 28.79 21.56
CA TYR B 1163 6.39 28.80 20.30
C TYR B 1163 7.07 27.88 19.27
N ASN B 1164 6.30 26.95 18.70
CA ASN B 1164 6.79 25.86 17.80
C ASN B 1164 5.58 25.25 17.08
N ALA B 1165 5.78 24.12 16.38
CA ALA B 1165 4.74 23.38 15.61
C ALA B 1165 3.55 23.00 16.51
N VAL B 1166 3.80 22.61 17.76
CA VAL B 1166 2.76 22.11 18.72
C VAL B 1166 1.92 23.30 19.20
N SER B 1167 2.58 24.38 19.63
CA SER B 1167 1.93 25.65 20.04
C SER B 1167 1.17 26.24 18.85
N LEU B 1168 1.74 26.15 17.64
CA LEU B 1168 1.13 26.63 16.37
C LEU B 1168 -0.19 25.88 16.14
N ILE B 1169 -0.19 24.55 16.15
CA ILE B 1169 -1.42 23.73 15.88
C ILE B 1169 -2.47 24.02 16.96
N ASN B 1170 -2.04 24.25 18.22
CA ASN B 1170 -2.95 24.60 19.34
C ASN B 1170 -3.54 26.00 19.13
N LEU B 1171 -2.75 26.97 18.65
CA LEU B 1171 -3.24 28.35 18.35
C LEU B 1171 -4.23 28.31 17.17
N VAL B 1172 -4.00 27.43 16.19
CA VAL B 1172 -4.93 27.22 15.03
C VAL B 1172 -6.21 26.54 15.54
N SER B 1173 -6.10 25.58 16.46
CA SER B 1173 -7.24 24.95 17.18
C SER B 1173 -8.02 26.02 17.96
N ALA B 1174 -7.32 26.98 18.58
CA ALA B 1174 -7.91 28.14 19.29
C ALA B 1174 -8.72 29.01 18.33
N VAL B 1175 -8.16 29.33 17.16
CA VAL B 1175 -8.85 30.09 16.07
C VAL B 1175 -10.13 29.33 15.68
N GLY B 1176 -10.05 28.01 15.52
CA GLY B 1176 -11.20 27.14 15.19
C GLY B 1176 -12.23 27.08 16.30
N MET B 1177 -11.80 27.07 17.56
CA MET B 1177 -12.66 26.85 18.75
C MET B 1177 -13.42 28.14 19.12
N SER B 1178 -12.74 29.29 19.09
CA SER B 1178 -13.22 30.61 19.61
C SER B 1178 -14.60 30.98 19.02
N VAL B 1179 -14.95 30.49 17.83
CA VAL B 1179 -16.28 30.69 17.16
C VAL B 1179 -17.39 30.15 18.06
N GLU B 1180 -17.16 29.01 18.75
CA GLU B 1180 -18.11 28.37 19.70
C GLU B 1180 -18.48 29.32 20.85
N PHE B 1181 -17.59 30.26 21.21
CA PHE B 1181 -17.81 31.26 22.28
C PHE B 1181 -18.46 32.52 21.70
N VAL B 1182 -18.04 32.96 20.52
CA VAL B 1182 -18.38 34.30 19.94
C VAL B 1182 -19.70 34.20 19.14
N SER B 1183 -19.78 33.29 18.17
CA SER B 1183 -20.79 33.27 17.09
C SER B 1183 -22.21 33.14 17.67
N HIS B 1184 -22.41 32.25 18.63
CA HIS B 1184 -23.71 31.95 19.30
C HIS B 1184 -24.32 33.23 19.90
N ILE B 1185 -23.51 33.97 20.68
CA ILE B 1185 -23.93 35.22 21.38
C ILE B 1185 -24.25 36.28 20.31
N THR B 1186 -23.35 36.43 19.31
CA THR B 1186 -23.50 37.38 18.18
C THR B 1186 -24.82 37.14 17.45
N ARG B 1187 -25.09 35.88 17.06
CA ARG B 1187 -26.33 35.48 16.34
C ARG B 1187 -27.55 35.78 17.23
N SER B 1188 -27.52 35.32 18.50
CA SER B 1188 -28.61 35.48 19.49
C SER B 1188 -28.94 36.96 19.70
N PHE B 1189 -27.96 37.86 19.58
CA PHE B 1189 -28.14 39.33 19.63
C PHE B 1189 -28.70 39.84 18.29
N ALA B 1190 -28.19 39.34 17.17
CA ALA B 1190 -28.60 39.73 15.79
C ALA B 1190 -30.09 39.44 15.60
N ILE B 1191 -30.52 38.20 15.83
CA ILE B 1191 -31.95 37.79 15.79
C ILE B 1191 -32.59 38.16 17.13
N SER B 1192 -33.14 39.37 17.21
CA SER B 1192 -33.85 39.92 18.40
C SER B 1192 -34.92 40.92 17.93
N THR B 1193 -35.76 41.42 18.84
CA THR B 1193 -36.82 42.42 18.57
C THR B 1193 -37.10 43.33 19.79
N LYS B 1194 -36.19 43.43 20.76
CA LYS B 1194 -36.36 44.30 21.95
C LYS B 1194 -36.13 45.76 21.52
N PRO B 1195 -36.83 46.73 22.17
CA PRO B 1195 -36.85 48.12 21.67
C PRO B 1195 -35.48 48.82 21.63
N THR B 1196 -34.73 48.77 22.74
CA THR B 1196 -33.40 49.43 22.91
C THR B 1196 -32.30 48.36 22.95
N TRP B 1197 -31.05 48.78 22.76
CA TRP B 1197 -29.84 47.91 22.65
C TRP B 1197 -29.64 47.08 23.93
N LEU B 1198 -29.80 47.71 25.11
CA LEU B 1198 -29.47 47.09 26.43
C LEU B 1198 -30.37 45.87 26.69
N GLU B 1199 -31.67 45.97 26.38
CA GLU B 1199 -32.65 44.86 26.55
C GLU B 1199 -32.29 43.71 25.60
N ARG B 1200 -31.82 44.01 24.39
CA ARG B 1200 -31.38 43.00 23.38
C ARG B 1200 -30.14 42.27 23.92
N ALA B 1201 -29.14 43.02 24.40
CA ALA B 1201 -27.91 42.49 25.02
C ALA B 1201 -28.27 41.62 26.23
N LYS B 1202 -29.19 42.12 27.07
CA LYS B 1202 -29.71 41.41 28.28
C LYS B 1202 -30.29 40.05 27.87
N GLU B 1203 -31.31 40.05 26.99
CA GLU B 1203 -32.06 38.83 26.58
C GLU B 1203 -31.15 37.88 25.78
N ALA B 1204 -30.28 38.42 24.91
CA ALA B 1204 -29.34 37.63 24.07
C ALA B 1204 -28.41 36.79 24.96
N THR B 1205 -27.76 37.43 25.95
CA THR B 1205 -26.88 36.78 26.95
C THR B 1205 -27.65 35.65 27.65
N ILE B 1206 -28.81 35.97 28.24
CA ILE B 1206 -29.64 35.01 29.04
C ILE B 1206 -30.00 33.82 28.15
N SER B 1207 -30.50 34.09 26.93
CA SER B 1207 -30.95 33.07 25.95
C SER B 1207 -29.78 32.16 25.54
N MET B 1208 -28.58 32.73 25.34
CA MET B 1208 -27.42 31.98 24.77
C MET B 1208 -26.24 31.92 25.76
N GLY B 1209 -25.79 33.05 26.34
CA GLY B 1209 -24.71 33.07 27.35
C GLY B 1209 -24.80 31.88 28.30
N SER B 1210 -26.00 31.61 28.81
CA SER B 1210 -26.34 30.42 29.65
C SER B 1210 -26.01 29.13 28.88
N ALA B 1211 -26.50 29.01 27.64
CA ALA B 1211 -26.28 27.84 26.74
C ALA B 1211 -24.78 27.66 26.47
N VAL B 1212 -24.08 28.74 26.10
CA VAL B 1212 -22.64 28.74 25.72
C VAL B 1212 -21.80 28.38 26.94
N PHE B 1213 -22.04 29.01 28.10
CA PHE B 1213 -21.35 28.70 29.37
C PHE B 1213 -21.50 27.20 29.68
N ALA B 1214 -22.73 26.79 29.98
CA ALA B 1214 -23.11 25.44 30.49
C ALA B 1214 -22.61 24.36 29.53
N GLY B 1215 -22.79 24.56 28.22
CA GLY B 1215 -22.28 23.65 27.18
C GLY B 1215 -20.77 23.74 27.06
N VAL B 1216 -20.29 24.81 26.42
CA VAL B 1216 -18.90 24.92 25.85
C VAL B 1216 -17.89 24.85 27.00
N ALA B 1217 -17.96 25.77 27.96
CA ALA B 1217 -16.96 25.94 29.04
C ALA B 1217 -16.87 24.66 29.88
N MET B 1218 -18.01 24.17 30.37
CA MET B 1218 -18.08 23.04 31.35
C MET B 1218 -17.99 21.67 30.65
N THR B 1219 -17.91 21.62 29.32
CA THR B 1219 -17.47 20.41 28.56
C THR B 1219 -16.01 20.54 28.13
N ASN B 1220 -15.48 21.76 27.98
CA ASN B 1220 -14.04 22.00 27.68
C ASN B 1220 -13.19 21.67 28.91
N LEU B 1221 -13.64 22.04 30.12
CA LEU B 1221 -12.83 21.95 31.38
C LEU B 1221 -12.55 20.48 31.74
N PRO B 1222 -13.55 19.57 31.82
CA PRO B 1222 -13.29 18.19 32.25
C PRO B 1222 -12.35 17.40 31.31
N GLY B 1223 -12.50 17.57 29.99
CA GLY B 1223 -11.70 16.90 28.95
C GLY B 1223 -10.25 17.39 28.92
N ILE B 1224 -9.99 18.60 29.41
CA ILE B 1224 -8.66 19.30 29.34
C ILE B 1224 -7.95 19.21 30.70
N LEU B 1225 -8.64 19.45 31.82
CA LEU B 1225 -8.01 19.47 33.18
C LEU B 1225 -7.39 18.11 33.53
N VAL B 1226 -7.79 17.02 32.85
CA VAL B 1226 -7.20 15.66 33.02
C VAL B 1226 -5.78 15.62 32.44
N LEU B 1227 -5.50 16.38 31.37
CA LEU B 1227 -4.16 16.42 30.70
C LEU B 1227 -3.12 17.09 31.60
N GLY B 1228 -3.54 17.79 32.66
CA GLY B 1228 -2.66 18.34 33.72
C GLY B 1228 -1.85 17.27 34.45
N LEU B 1229 -2.28 16.00 34.38
CA LEU B 1229 -1.62 14.83 35.03
C LEU B 1229 -0.86 13.99 34.00
N ALA B 1230 -0.42 14.60 32.89
CA ALA B 1230 0.15 13.89 31.71
C ALA B 1230 1.43 13.15 32.10
N LYS B 1231 2.27 13.76 32.94
CA LYS B 1231 3.58 13.22 33.40
C LYS B 1231 4.62 13.26 32.26
N ALA B 1232 4.19 13.52 31.02
CA ALA B 1232 5.05 13.81 29.84
C ALA B 1232 4.99 15.31 29.56
N GLN B 1233 6.04 16.03 29.98
CA GLN B 1233 6.11 17.52 30.04
C GLN B 1233 5.64 18.13 28.72
N LEU B 1234 5.89 17.48 27.58
CA LEU B 1234 5.40 17.88 26.23
C LEU B 1234 3.90 18.19 26.31
N ILE B 1235 3.09 17.19 26.67
CA ILE B 1235 1.60 17.31 26.71
C ILE B 1235 1.21 18.30 27.80
N GLN B 1236 1.71 18.05 29.03
CA GLN B 1236 1.39 18.83 30.27
C GLN B 1236 1.69 20.32 30.05
N ILE B 1237 2.68 20.67 29.22
CA ILE B 1237 3.10 22.08 28.95
C ILE B 1237 2.31 22.63 27.75
N PHE B 1238 2.27 21.91 26.61
CA PHE B 1238 1.84 22.46 25.31
C PHE B 1238 0.34 22.24 25.04
N PHE B 1239 -0.31 21.27 25.67
CA PHE B 1239 -1.76 20.98 25.44
C PHE B 1239 -2.59 21.50 26.63
N PHE B 1240 -2.39 20.95 27.83
CA PHE B 1240 -3.13 21.30 29.07
C PHE B 1240 -3.12 22.83 29.28
N ARG B 1241 -1.94 23.41 29.44
CA ARG B 1241 -1.73 24.86 29.78
C ARG B 1241 -2.33 25.74 28.69
N LEU B 1242 -1.99 25.47 27.42
CA LEU B 1242 -2.43 26.29 26.26
C LEU B 1242 -3.94 26.21 26.09
N ASN B 1243 -4.51 24.99 26.09
CA ASN B 1243 -5.98 24.78 25.94
C ASN B 1243 -6.69 25.42 27.13
N LEU B 1244 -6.16 25.31 28.36
CA LEU B 1244 -6.72 26.01 29.55
C LEU B 1244 -6.79 27.52 29.30
N LEU B 1245 -5.68 28.13 28.85
CA LEU B 1245 -5.60 29.58 28.51
C LEU B 1245 -6.68 29.93 27.47
N ILE B 1246 -6.79 29.13 26.40
CA ILE B 1246 -7.74 29.33 25.27
C ILE B 1246 -9.18 29.25 25.80
N THR B 1247 -9.50 28.22 26.60
CA THR B 1247 -10.86 27.96 27.15
C THR B 1247 -11.28 29.11 28.08
N LEU B 1248 -10.41 29.54 28.98
CA LEU B 1248 -10.72 30.61 29.97
C LEU B 1248 -10.84 31.97 29.25
N LEU B 1249 -9.97 32.27 28.29
CA LEU B 1249 -10.07 33.52 27.47
C LEU B 1249 -11.36 33.47 26.63
N GLY B 1250 -11.68 32.30 26.04
CA GLY B 1250 -12.93 32.04 25.31
C GLY B 1250 -14.15 32.37 26.16
N LEU B 1251 -14.21 31.81 27.37
CA LEU B 1251 -15.27 32.08 28.38
C LEU B 1251 -15.32 33.59 28.65
N LEU B 1252 -14.23 34.18 29.12
CA LEU B 1252 -14.15 35.62 29.53
C LEU B 1252 -14.68 36.50 28.39
N HIS B 1253 -14.05 36.44 27.21
CA HIS B 1253 -14.41 37.25 26.01
C HIS B 1253 -15.88 37.03 25.66
N GLY B 1254 -16.23 35.78 25.32
CA GLY B 1254 -17.55 35.39 24.76
C GLY B 1254 -18.70 35.55 25.74
N LEU B 1255 -18.45 35.78 27.04
CA LEU B 1255 -19.52 35.98 28.06
C LEU B 1255 -19.51 37.39 28.65
N VAL B 1256 -18.35 38.07 28.74
CA VAL B 1256 -18.23 39.39 29.42
C VAL B 1256 -18.07 40.49 28.36
N PHE B 1257 -17.09 40.37 27.46
CA PHE B 1257 -16.65 41.45 26.54
C PHE B 1257 -17.64 41.60 25.37
N LEU B 1258 -18.20 40.50 24.86
CA LEU B 1258 -19.03 40.51 23.63
C LEU B 1258 -20.42 41.09 23.91
N PRO B 1259 -21.14 40.70 24.99
CA PRO B 1259 -22.44 41.32 25.31
C PRO B 1259 -22.36 42.85 25.51
N VAL B 1260 -21.29 43.32 26.16
CA VAL B 1260 -21.06 44.77 26.51
C VAL B 1260 -20.79 45.56 25.23
N ILE B 1261 -19.90 45.07 24.36
CA ILE B 1261 -19.56 45.76 23.08
C ILE B 1261 -20.77 45.67 22.13
N LEU B 1262 -21.60 44.62 22.22
CA LEU B 1262 -22.86 44.50 21.45
C LEU B 1262 -23.93 45.44 22.03
N SER B 1263 -23.97 45.63 23.35
CA SER B 1263 -24.86 46.62 24.02
C SER B 1263 -24.47 48.04 23.61
N TYR B 1264 -23.18 48.30 23.40
CA TYR B 1264 -22.63 49.62 22.98
C TYR B 1264 -22.76 49.80 21.46
N VAL B 1265 -21.88 49.15 20.69
CA VAL B 1265 -21.75 49.35 19.22
C VAL B 1265 -22.15 48.04 18.51
N GLY B 1266 -23.24 47.40 18.95
CA GLY B 1266 -23.85 46.26 18.26
C GLY B 1266 -24.63 46.73 17.03
N PRO B 1267 -25.10 45.81 16.16
CA PRO B 1267 -25.84 46.18 14.95
C PRO B 1267 -27.25 46.72 15.26
N ASP B 1268 -27.79 47.53 14.36
CA ASP B 1268 -29.19 48.05 14.43
C ASP B 1268 -30.13 46.94 13.96
N VAL B 1269 -30.99 46.43 14.84
CA VAL B 1269 -31.89 45.26 14.56
C VAL B 1269 -33.04 45.72 13.64
N ASN B 1270 -33.41 44.84 12.71
CA ASN B 1270 -34.52 45.02 11.73
C ASN B 1270 -35.54 43.90 11.99
N PRO B 1271 -36.86 44.17 11.96
CA PRO B 1271 -37.87 43.15 12.22
C PRO B 1271 -37.83 41.96 11.23
N ALA B 1272 -37.38 42.19 9.99
CA ALA B 1272 -37.34 41.20 8.89
C ALA B 1272 -36.15 40.23 9.05
N LEU B 1273 -35.73 39.93 10.27
CA LEU B 1273 -34.82 38.81 10.64
C LEU B 1273 -35.55 37.75 11.48
N ALA B 1274 -36.54 38.16 12.30
CA ALA B 1274 -37.33 37.27 13.19
C ALA B 1274 -38.68 36.93 12.55
N LEU B 1275 -39.29 37.83 11.78
CA LEU B 1275 -40.61 37.60 11.11
C LEU B 1275 -40.44 36.74 9.86
N GLU B 1276 -39.20 36.48 9.42
CA GLU B 1276 -38.88 35.56 8.29
C GLU B 1276 -38.65 34.13 8.80
N GLN B 1277 -38.55 33.92 10.12
CA GLN B 1277 -38.31 32.59 10.73
C GLN B 1277 -39.63 31.82 10.92
N LYS B 1278 -40.79 32.50 10.89
CA LYS B 1278 -42.13 31.87 11.03
C LYS B 1278 -42.58 31.28 9.68
N ARG B 1279 -42.13 31.84 8.54
CA ARG B 1279 -42.42 31.29 7.19
C ARG B 1279 -41.68 29.96 6.98
N ALA B 1280 -40.77 29.58 7.90
CA ALA B 1280 -39.91 28.38 7.83
C ALA B 1280 -40.42 27.25 8.74
N GLU B 1281 -41.24 27.57 9.76
CA GLU B 1281 -41.63 26.60 10.84
C GLU B 1281 -42.92 25.86 10.45
N GLU B 1282 -44.00 26.60 10.16
CA GLU B 1282 -45.32 26.02 9.79
C GLU B 1282 -45.28 25.49 8.35
N ALA B 1283 -44.51 26.11 7.45
CA ALA B 1283 -44.36 25.73 6.03
C ALA B 1283 -43.80 24.31 5.91
N VAL B 1284 -42.80 23.97 6.73
CA VAL B 1284 -42.11 22.64 6.77
C VAL B 1284 -42.53 21.91 8.05
N ALA B 1285 -43.85 21.87 8.33
CA ALA B 1285 -44.45 21.21 9.52
C ALA B 1285 -44.81 19.76 9.18
#